data_1NLC
# 
_entry.id   1NLC 
# 
_audit_conform.dict_name       mmcif_pdbx.dic 
_audit_conform.dict_version    5.386 
_audit_conform.dict_location   http://mmcif.pdb.org/dictionaries/ascii/mmcif_pdbx.dic 
# 
loop_
_database_2.database_id 
_database_2.database_code 
_database_2.pdbx_database_accession 
_database_2.pdbx_DOI 
PDB   1NLC         pdb_00001nlc 10.2210/pdb1nlc/pdb 
NDB   AR0044       ?            ?                   
RCSB  RCSB017977   ?            ?                   
WWPDB D_1000017977 ?            ?                   
# 
loop_
_pdbx_audit_revision_history.ordinal 
_pdbx_audit_revision_history.data_content_type 
_pdbx_audit_revision_history.major_revision 
_pdbx_audit_revision_history.minor_revision 
_pdbx_audit_revision_history.revision_date 
1 'Structure model' 1 0 2003-05-13 
2 'Structure model' 1 1 2008-04-29 
3 'Structure model' 1 2 2011-07-13 
4 'Structure model' 1 3 2024-02-14 
# 
_pdbx_audit_revision_details.ordinal             1 
_pdbx_audit_revision_details.revision_ordinal    1 
_pdbx_audit_revision_details.data_content_type   'Structure model' 
_pdbx_audit_revision_details.provider            repository 
_pdbx_audit_revision_details.type                'Initial release' 
_pdbx_audit_revision_details.description         ? 
_pdbx_audit_revision_details.details             ? 
# 
loop_
_pdbx_audit_revision_group.ordinal 
_pdbx_audit_revision_group.revision_ordinal 
_pdbx_audit_revision_group.data_content_type 
_pdbx_audit_revision_group.group 
1 2 'Structure model' 'Version format compliance' 
2 3 'Structure model' 'Version format compliance' 
3 4 'Structure model' 'Data collection'           
4 4 'Structure model' 'Database references'       
5 4 'Structure model' 'Derived calculations'      
# 
loop_
_pdbx_audit_revision_category.ordinal 
_pdbx_audit_revision_category.revision_ordinal 
_pdbx_audit_revision_category.data_content_type 
_pdbx_audit_revision_category.category 
1 4 'Structure model' chem_comp_atom         
2 4 'Structure model' chem_comp_bond         
3 4 'Structure model' database_2             
4 4 'Structure model' diffrn_source          
5 4 'Structure model' pdbx_struct_conn_angle 
6 4 'Structure model' struct_conn            
7 4 'Structure model' struct_site            
# 
loop_
_pdbx_audit_revision_item.ordinal 
_pdbx_audit_revision_item.revision_ordinal 
_pdbx_audit_revision_item.data_content_type 
_pdbx_audit_revision_item.item 
1  4 'Structure model' '_database_2.pdbx_DOI'                        
2  4 'Structure model' '_database_2.pdbx_database_accession'         
3  4 'Structure model' '_diffrn_source.pdbx_synchrotron_site'        
4  4 'Structure model' '_pdbx_struct_conn_angle.ptnr1_auth_asym_id'  
5  4 'Structure model' '_pdbx_struct_conn_angle.ptnr1_auth_comp_id'  
6  4 'Structure model' '_pdbx_struct_conn_angle.ptnr1_auth_seq_id'   
7  4 'Structure model' '_pdbx_struct_conn_angle.ptnr1_label_alt_id'  
8  4 'Structure model' '_pdbx_struct_conn_angle.ptnr1_label_asym_id' 
9  4 'Structure model' '_pdbx_struct_conn_angle.ptnr1_label_atom_id' 
10 4 'Structure model' '_pdbx_struct_conn_angle.ptnr1_label_comp_id' 
11 4 'Structure model' '_pdbx_struct_conn_angle.ptnr1_label_seq_id'  
12 4 'Structure model' '_pdbx_struct_conn_angle.ptnr2_auth_asym_id'  
13 4 'Structure model' '_pdbx_struct_conn_angle.ptnr2_auth_seq_id'   
14 4 'Structure model' '_pdbx_struct_conn_angle.ptnr2_label_asym_id' 
15 4 'Structure model' '_pdbx_struct_conn_angle.ptnr3_auth_asym_id'  
16 4 'Structure model' '_pdbx_struct_conn_angle.ptnr3_auth_comp_id'  
17 4 'Structure model' '_pdbx_struct_conn_angle.ptnr3_auth_seq_id'   
18 4 'Structure model' '_pdbx_struct_conn_angle.ptnr3_label_alt_id'  
19 4 'Structure model' '_pdbx_struct_conn_angle.ptnr3_label_asym_id' 
20 4 'Structure model' '_pdbx_struct_conn_angle.ptnr3_label_atom_id' 
21 4 'Structure model' '_pdbx_struct_conn_angle.ptnr3_label_comp_id' 
22 4 'Structure model' '_pdbx_struct_conn_angle.ptnr3_label_seq_id'  
23 4 'Structure model' '_pdbx_struct_conn_angle.value'               
24 4 'Structure model' '_struct_conn.pdbx_dist_value'                
25 4 'Structure model' '_struct_conn.pdbx_ptnr1_label_alt_id'        
26 4 'Structure model' '_struct_conn.pdbx_ptnr2_label_alt_id'        
27 4 'Structure model' '_struct_conn.ptnr1_auth_asym_id'             
28 4 'Structure model' '_struct_conn.ptnr1_auth_comp_id'             
29 4 'Structure model' '_struct_conn.ptnr1_auth_seq_id'              
30 4 'Structure model' '_struct_conn.ptnr1_label_asym_id'            
31 4 'Structure model' '_struct_conn.ptnr1_label_atom_id'            
32 4 'Structure model' '_struct_conn.ptnr1_label_comp_id'            
33 4 'Structure model' '_struct_conn.ptnr1_label_seq_id'             
34 4 'Structure model' '_struct_conn.ptnr2_auth_asym_id'             
35 4 'Structure model' '_struct_conn.ptnr2_auth_comp_id'             
36 4 'Structure model' '_struct_conn.ptnr2_auth_seq_id'              
37 4 'Structure model' '_struct_conn.ptnr2_label_asym_id'            
38 4 'Structure model' '_struct_conn.ptnr2_label_atom_id'            
39 4 'Structure model' '_struct_conn.ptnr2_label_comp_id'            
40 4 'Structure model' '_struct_conn.ptnr2_label_seq_id'             
41 4 'Structure model' '_struct_site.pdbx_auth_asym_id'              
42 4 'Structure model' '_struct_site.pdbx_auth_comp_id'              
43 4 'Structure model' '_struct_site.pdbx_auth_seq_id'               
# 
_pdbx_database_status.status_code                     REL 
_pdbx_database_status.entry_id                        1NLC 
_pdbx_database_status.recvd_initial_deposition_date   2003-01-07 
_pdbx_database_status.deposit_site                    RCSB 
_pdbx_database_status.process_site                    RCSB 
_pdbx_database_status.status_code_sf                  REL 
_pdbx_database_status.SG_entry                        . 
_pdbx_database_status.pdb_format_compatible           Y 
_pdbx_database_status.status_code_mr                  ? 
_pdbx_database_status.status_code_cs                  ? 
_pdbx_database_status.status_code_nmr_data            ? 
_pdbx_database_status.methods_development_category    ? 
# 
_pdbx_database_related.db_name        PDB 
_pdbx_database_related.db_id          462D 
_pdbx_database_related.details        'HIV-1 DIS duplex(Mal) Mg-soaked' 
_pdbx_database_related.content_type   unspecified 
# 
loop_
_audit_author.name 
_audit_author.pdbx_ordinal 
'Ennifar, E.' 1 
'Walter, P.'  2 
'Dumas, P.'   3 
# 
_citation.id                        primary 
_citation.title                     'A crystallographic study of the binding of 13 metal ions to two related RNA duplexes.' 
_citation.journal_abbrev            'Nucleic Acids Res.' 
_citation.journal_volume            31 
_citation.page_first                2671 
_citation.page_last                 2682 
_citation.year                      2003 
_citation.journal_id_ASTM           NARHAD 
_citation.country                   UK 
_citation.journal_id_ISSN           0305-1048 
_citation.journal_id_CSD            0389 
_citation.book_publisher            ? 
_citation.pdbx_database_id_PubMed   12736317 
_citation.pdbx_database_id_DOI      10.1093/nar/gkg350 
# 
loop_
_citation_author.citation_id 
_citation_author.name 
_citation_author.ordinal 
_citation_author.identifier_ORCID 
primary 'Ennifar, E.' 1 ? 
primary 'Walter, P.'  2 ? 
primary 'Dumas, P.'   3 ? 
# 
loop_
_entity.id 
_entity.type 
_entity.src_method 
_entity.pdbx_description 
_entity.formula_weight 
_entity.pdbx_number_of_molecules 
_entity.pdbx_ec 
_entity.pdbx_mutation 
_entity.pdbx_fragment 
_entity.details 
1 polymer     syn 'HIV-1 DIS(MAL) genomic RNA' 7402.472 2   ? ? ? ? 
2 non-polymer syn 'ZINC ION'                   65.409   6   ? ? ? ? 
3 water       nat water                        18.015   283 ? ? ? ? 
# 
_entity_poly.entity_id                      1 
_entity_poly.type                           polyribonucleotide 
_entity_poly.nstd_linkage                   no 
_entity_poly.nstd_monomer                   no 
_entity_poly.pdbx_seq_one_letter_code       CUUGCUGAGGUGCACACAGCAAG 
_entity_poly.pdbx_seq_one_letter_code_can   CUUGCUGAGGUGCACACAGCAAG 
_entity_poly.pdbx_strand_id                 A,B 
_entity_poly.pdbx_target_identifier         ? 
# 
loop_
_pdbx_entity_nonpoly.entity_id 
_pdbx_entity_nonpoly.name 
_pdbx_entity_nonpoly.comp_id 
2 'ZINC ION' ZN  
3 water      HOH 
# 
loop_
_entity_poly_seq.entity_id 
_entity_poly_seq.num 
_entity_poly_seq.mon_id 
_entity_poly_seq.hetero 
1 1  C n 
1 2  U n 
1 3  U n 
1 4  G n 
1 5  C n 
1 6  U n 
1 7  G n 
1 8  A n 
1 9  G n 
1 10 G n 
1 11 U n 
1 12 G n 
1 13 C n 
1 14 A n 
1 15 C n 
1 16 A n 
1 17 C n 
1 18 A n 
1 19 G n 
1 20 C n 
1 21 A n 
1 22 A n 
1 23 G n 
# 
_pdbx_entity_src_syn.entity_id              1 
_pdbx_entity_src_syn.pdbx_src_id            1 
_pdbx_entity_src_syn.pdbx_alt_source_flag   sample 
_pdbx_entity_src_syn.pdbx_beg_seq_num       ? 
_pdbx_entity_src_syn.pdbx_end_seq_num       ? 
_pdbx_entity_src_syn.organism_scientific    ? 
_pdbx_entity_src_syn.organism_common_name   ? 
_pdbx_entity_src_syn.ncbi_taxonomy_id       ? 
_pdbx_entity_src_syn.details                
;HIV-1 5' untranslated region
;
# 
loop_
_chem_comp.id 
_chem_comp.type 
_chem_comp.mon_nstd_flag 
_chem_comp.name 
_chem_comp.pdbx_synonyms 
_chem_comp.formula 
_chem_comp.formula_weight 
A   'RNA linking' y "ADENOSINE-5'-MONOPHOSPHATE" ? 'C10 H14 N5 O7 P' 347.221 
C   'RNA linking' y "CYTIDINE-5'-MONOPHOSPHATE"  ? 'C9 H14 N3 O8 P'  323.197 
G   'RNA linking' y "GUANOSINE-5'-MONOPHOSPHATE" ? 'C10 H14 N5 O8 P' 363.221 
HOH non-polymer   . WATER                        ? 'H2 O'            18.015  
U   'RNA linking' y "URIDINE-5'-MONOPHOSPHATE"   ? 'C9 H13 N2 O9 P'  324.181 
ZN  non-polymer   . 'ZINC ION'                   ? 'Zn 2'            65.409  
# 
loop_
_pdbx_poly_seq_scheme.asym_id 
_pdbx_poly_seq_scheme.entity_id 
_pdbx_poly_seq_scheme.seq_id 
_pdbx_poly_seq_scheme.mon_id 
_pdbx_poly_seq_scheme.ndb_seq_num 
_pdbx_poly_seq_scheme.pdb_seq_num 
_pdbx_poly_seq_scheme.auth_seq_num 
_pdbx_poly_seq_scheme.pdb_mon_id 
_pdbx_poly_seq_scheme.auth_mon_id 
_pdbx_poly_seq_scheme.pdb_strand_id 
_pdbx_poly_seq_scheme.pdb_ins_code 
_pdbx_poly_seq_scheme.hetero 
A 1 1  C 1  1  1  C C A . n 
A 1 2  U 2  2  2  U U A . n 
A 1 3  U 3  3  3  U U A . n 
A 1 4  G 4  4  4  G G A . n 
A 1 5  C 5  5  5  C C A . n 
A 1 6  U 6  6  6  U U A . n 
A 1 7  G 7  7  7  G G A . n 
A 1 8  A 8  8  8  A A A . n 
A 1 9  G 9  9  9  G G A . n 
A 1 10 G 10 10 10 G G A . n 
A 1 11 U 11 11 11 U U A . n 
A 1 12 G 12 12 12 G G A . n 
A 1 13 C 13 13 13 C C A . n 
A 1 14 A 14 14 14 A A A . n 
A 1 15 C 15 15 15 C C A . n 
A 1 16 A 16 16 16 A A A . n 
A 1 17 C 17 17 17 C C A . n 
A 1 18 A 18 18 18 A A A . n 
A 1 19 G 19 19 19 G G A . n 
A 1 20 C 20 20 20 C C A . n 
A 1 21 A 21 21 21 A A A . n 
A 1 22 A 22 22 22 A A A . n 
A 1 23 G 23 23 23 G G A . n 
B 1 1  C 1  1  1  C C B . n 
B 1 2  U 2  2  2  U U B . n 
B 1 3  U 3  3  3  U U B . n 
B 1 4  G 4  4  4  G G B . n 
B 1 5  C 5  5  5  C C B . n 
B 1 6  U 6  6  6  U U B . n 
B 1 7  G 7  7  7  G G B . n 
B 1 8  A 8  8  8  A A B . n 
B 1 9  G 9  9  9  G G B . n 
B 1 10 G 10 10 10 G G B . n 
B 1 11 U 11 11 11 U U B . n 
B 1 12 G 12 12 12 G G B . n 
B 1 13 C 13 13 13 C C B . n 
B 1 14 A 14 14 14 A A B . n 
B 1 15 C 15 15 15 C C B . n 
B 1 16 A 16 16 16 A A B . n 
B 1 17 C 17 17 17 C C B . n 
B 1 18 A 18 18 18 A A B . n 
B 1 19 G 19 19 19 G G B . n 
B 1 20 C 20 20 20 C C B . n 
B 1 21 A 21 21 21 A A B . n 
B 1 22 A 22 22 22 A A B . n 
B 1 23 G 23 23 23 G G B . n 
# 
loop_
_pdbx_nonpoly_scheme.asym_id 
_pdbx_nonpoly_scheme.entity_id 
_pdbx_nonpoly_scheme.mon_id 
_pdbx_nonpoly_scheme.ndb_seq_num 
_pdbx_nonpoly_scheme.pdb_seq_num 
_pdbx_nonpoly_scheme.auth_seq_num 
_pdbx_nonpoly_scheme.pdb_mon_id 
_pdbx_nonpoly_scheme.auth_mon_id 
_pdbx_nonpoly_scheme.pdb_strand_id 
_pdbx_nonpoly_scheme.pdb_ins_code 
C 2 ZN  1   54  54  ZN  ZN  A . 
D 2 ZN  1   50  50  ZN  ZO3 A . 
E 2 ZN  1   53  53  ZN  ZN  B . 
F 2 ZN  1   55  55  ZN  ZN  B . 
G 2 ZN  1   51  51  ZN  ZNO B . 
H 2 ZN  1   52  52  ZN  ZO3 B . 
I 3 HOH 1   102 102 HOH HOH A . 
I 3 HOH 2   103 103 HOH HOH A . 
I 3 HOH 3   104 104 HOH HOH A . 
I 3 HOH 4   105 105 HOH HOH A . 
I 3 HOH 5   106 106 HOH HOH A . 
I 3 HOH 6   107 107 HOH HOH A . 
I 3 HOH 7   116 116 HOH HOH A . 
I 3 HOH 8   117 117 HOH HOH A . 
I 3 HOH 9   118 118 HOH HOH A . 
I 3 HOH 10  119 119 HOH HOH A . 
I 3 HOH 11  120 120 HOH HOH A . 
I 3 HOH 12  121 121 HOH HOH A . 
I 3 HOH 13  123 123 HOH HOH A . 
I 3 HOH 14  124 124 HOH HOH A . 
I 3 HOH 15  127 127 HOH HOH A . 
I 3 HOH 16  132 132 HOH HOH A . 
I 3 HOH 17  135 135 HOH HOH A . 
I 3 HOH 18  136 136 HOH HOH A . 
I 3 HOH 19  137 137 HOH HOH A . 
I 3 HOH 20  138 138 HOH HOH A . 
I 3 HOH 21  139 139 HOH HOH A . 
I 3 HOH 22  141 141 HOH HOH A . 
I 3 HOH 23  143 143 HOH HOH A . 
I 3 HOH 24  144 144 HOH HOH A . 
I 3 HOH 25  146 146 HOH HOH A . 
I 3 HOH 26  147 147 HOH HOH A . 
I 3 HOH 27  149 149 HOH HOH A . 
I 3 HOH 28  156 156 HOH HOH A . 
I 3 HOH 29  162 162 HOH HOH A . 
I 3 HOH 30  163 163 HOH HOH A . 
I 3 HOH 31  164 164 HOH HOH A . 
I 3 HOH 32  165 165 HOH HOH A . 
I 3 HOH 33  168 168 HOH HOH A . 
I 3 HOH 34  169 169 HOH HOH A . 
I 3 HOH 35  171 171 HOH HOH A . 
I 3 HOH 36  172 172 HOH HOH A . 
I 3 HOH 37  175 175 HOH HOH A . 
I 3 HOH 38  182 182 HOH HOH A . 
I 3 HOH 39  183 183 HOH HOH A . 
I 3 HOH 40  185 185 HOH HOH A . 
I 3 HOH 41  186 186 HOH HOH A . 
I 3 HOH 42  189 189 HOH HOH A . 
I 3 HOH 43  191 191 HOH HOH A . 
I 3 HOH 44  192 192 HOH HOH A . 
I 3 HOH 45  193 193 HOH HOH A . 
I 3 HOH 46  194 194 HOH HOH A . 
I 3 HOH 47  195 195 HOH HOH A . 
I 3 HOH 48  196 196 HOH HOH A . 
I 3 HOH 49  197 197 HOH HOH A . 
I 3 HOH 50  198 198 HOH HOH A . 
I 3 HOH 51  200 200 HOH HOH A . 
I 3 HOH 52  201 201 HOH HOH A . 
I 3 HOH 53  202 202 HOH HOH A . 
I 3 HOH 54  203 203 HOH HOH A . 
I 3 HOH 55  204 204 HOH HOH A . 
I 3 HOH 56  205 205 HOH HOH A . 
I 3 HOH 57  207 207 HOH HOH A . 
I 3 HOH 58  211 211 HOH HOH A . 
I 3 HOH 59  212 212 HOH HOH A . 
I 3 HOH 60  213 213 HOH HOH A . 
I 3 HOH 61  214 214 HOH HOH A . 
I 3 HOH 62  216 216 HOH HOH A . 
I 3 HOH 63  218 218 HOH HOH A . 
I 3 HOH 64  219 219 HOH HOH A . 
I 3 HOH 65  220 220 HOH HOH A . 
I 3 HOH 66  223 223 HOH HOH A . 
I 3 HOH 67  225 225 HOH HOH A . 
I 3 HOH 68  227 227 HOH HOH A . 
I 3 HOH 69  228 228 HOH HOH A . 
I 3 HOH 70  229 229 HOH HOH A . 
I 3 HOH 71  231 231 HOH HOH A . 
I 3 HOH 72  232 232 HOH HOH A . 
I 3 HOH 73  233 233 HOH HOH A . 
I 3 HOH 74  234 234 HOH HOH A . 
I 3 HOH 75  237 237 HOH HOH A . 
I 3 HOH 76  239 239 HOH HOH A . 
I 3 HOH 77  240 240 HOH HOH A . 
I 3 HOH 78  241 241 HOH HOH A . 
I 3 HOH 79  242 242 HOH HOH A . 
I 3 HOH 80  243 243 HOH HOH A . 
I 3 HOH 81  244 244 HOH HOH A . 
I 3 HOH 82  245 245 HOH HOH A . 
I 3 HOH 83  246 246 HOH HOH A . 
I 3 HOH 84  247 247 HOH HOH A . 
I 3 HOH 85  248 248 HOH HOH A . 
I 3 HOH 86  249 249 HOH HOH A . 
I 3 HOH 87  250 250 HOH HOH A . 
I 3 HOH 88  253 253 HOH HOH A . 
I 3 HOH 89  256 256 HOH HOH A . 
I 3 HOH 90  257 257 HOH HOH A . 
I 3 HOH 91  260 260 HOH HOH A . 
I 3 HOH 92  261 261 HOH HOH A . 
I 3 HOH 93  264 264 HOH HOH A . 
I 3 HOH 94  266 266 HOH HOH A . 
I 3 HOH 95  267 267 HOH HOH A . 
I 3 HOH 96  268 268 HOH HOH A . 
I 3 HOH 97  269 269 HOH HOH A . 
I 3 HOH 98  270 270 HOH HOH A . 
I 3 HOH 99  271 271 HOH HOH A . 
I 3 HOH 100 272 272 HOH HOH A . 
I 3 HOH 101 273 273 HOH HOH A . 
I 3 HOH 102 274 274 HOH HOH A . 
I 3 HOH 103 277 277 HOH HOH A . 
I 3 HOH 104 278 278 HOH HOH A . 
I 3 HOH 105 279 279 HOH HOH A . 
I 3 HOH 106 280 280 HOH HOH A . 
I 3 HOH 107 281 281 HOH HOH A . 
I 3 HOH 108 283 283 HOH HOH A . 
I 3 HOH 109 286 286 HOH HOH A . 
I 3 HOH 110 287 287 HOH HOH A . 
I 3 HOH 111 288 288 HOH HOH A . 
I 3 HOH 112 289 289 HOH HOH A . 
I 3 HOH 113 290 290 HOH HOH A . 
I 3 HOH 114 293 293 HOH HOH A . 
I 3 HOH 115 294 294 HOH HOH A . 
I 3 HOH 116 295 295 HOH HOH A . 
I 3 HOH 117 297 297 HOH HOH A . 
I 3 HOH 118 298 298 HOH HOH A . 
I 3 HOH 119 299 299 HOH HOH A . 
I 3 HOH 120 300 300 HOH HOH A . 
I 3 HOH 121 303 303 HOH HOH A . 
I 3 HOH 122 304 304 HOH HOH A . 
I 3 HOH 123 306 306 HOH HOH A . 
I 3 HOH 124 308 308 HOH HOH A . 
I 3 HOH 125 311 311 HOH HOH A . 
I 3 HOH 126 313 313 HOH HOH A . 
I 3 HOH 127 318 318 HOH HOH A . 
I 3 HOH 128 319 319 HOH HOH A . 
I 3 HOH 129 320 320 HOH HOH A . 
I 3 HOH 130 322 322 HOH HOH A . 
I 3 HOH 131 323 323 HOH HOH A . 
I 3 HOH 132 327 327 HOH HOH A . 
I 3 HOH 133 329 329 HOH HOH A . 
I 3 HOH 134 331 331 HOH HOH A . 
I 3 HOH 135 332 332 HOH HOH A . 
I 3 HOH 136 338 338 HOH HOH A . 
I 3 HOH 137 339 339 HOH HOH A . 
I 3 HOH 138 340 340 HOH HOH A . 
I 3 HOH 139 343 343 HOH HOH A . 
I 3 HOH 140 344 344 HOH HOH A . 
I 3 HOH 141 345 345 HOH HOH A . 
I 3 HOH 142 347 347 HOH HOH A . 
I 3 HOH 143 348 348 HOH HOH A . 
I 3 HOH 144 350 350 HOH HOH A . 
I 3 HOH 145 351 351 HOH HOH A . 
I 3 HOH 146 352 352 HOH HOH A . 
I 3 HOH 147 359 359 HOH HOH A . 
I 3 HOH 148 360 360 HOH HOH A . 
I 3 HOH 149 363 363 HOH HOH A . 
I 3 HOH 150 365 365 HOH HOH A . 
I 3 HOH 151 367 367 HOH HOH A . 
I 3 HOH 152 369 369 HOH HOH A . 
I 3 HOH 153 370 370 HOH HOH A . 
I 3 HOH 154 374 374 HOH HOH A . 
I 3 HOH 155 377 377 HOH HOH A . 
I 3 HOH 156 386 50  HOH ZO3 A . 
I 3 HOH 157 387 50  HOH ZO3 A . 
I 3 HOH 158 388 50  HOH ZO3 A . 
I 3 HOH 159 389 51  HOH ZNO A . 
J 3 HOH 1   100 100 HOH HOH B . 
J 3 HOH 2   101 101 HOH HOH B . 
J 3 HOH 3   108 108 HOH HOH B . 
J 3 HOH 4   109 109 HOH HOH B . 
J 3 HOH 5   110 110 HOH HOH B . 
J 3 HOH 6   111 111 HOH HOH B . 
J 3 HOH 7   112 112 HOH HOH B . 
J 3 HOH 8   113 113 HOH HOH B . 
J 3 HOH 9   114 114 HOH HOH B . 
J 3 HOH 10  115 115 HOH HOH B . 
J 3 HOH 11  122 122 HOH HOH B . 
J 3 HOH 12  125 125 HOH HOH B . 
J 3 HOH 13  126 126 HOH HOH B . 
J 3 HOH 14  128 128 HOH HOH B . 
J 3 HOH 15  129 129 HOH HOH B . 
J 3 HOH 16  130 130 HOH HOH B . 
J 3 HOH 17  131 131 HOH HOH B . 
J 3 HOH 18  133 133 HOH HOH B . 
J 3 HOH 19  134 134 HOH HOH B . 
J 3 HOH 20  140 140 HOH HOH B . 
J 3 HOH 21  142 142 HOH HOH B . 
J 3 HOH 22  145 145 HOH HOH B . 
J 3 HOH 23  148 148 HOH HOH B . 
J 3 HOH 24  150 150 HOH HOH B . 
J 3 HOH 25  151 151 HOH HOH B . 
J 3 HOH 26  152 152 HOH HOH B . 
J 3 HOH 27  153 153 HOH HOH B . 
J 3 HOH 28  155 155 HOH HOH B . 
J 3 HOH 29  157 157 HOH HOH B . 
J 3 HOH 30  158 158 HOH HOH B . 
J 3 HOH 31  159 159 HOH HOH B . 
J 3 HOH 32  160 160 HOH HOH B . 
J 3 HOH 33  167 167 HOH HOH B . 
J 3 HOH 34  170 170 HOH HOH B . 
J 3 HOH 35  173 173 HOH HOH B . 
J 3 HOH 36  174 174 HOH HOH B . 
J 3 HOH 37  176 176 HOH HOH B . 
J 3 HOH 38  177 177 HOH HOH B . 
J 3 HOH 39  178 178 HOH HOH B . 
J 3 HOH 40  179 179 HOH HOH B . 
J 3 HOH 41  180 180 HOH HOH B . 
J 3 HOH 42  181 181 HOH HOH B . 
J 3 HOH 43  184 184 HOH HOH B . 
J 3 HOH 44  187 187 HOH HOH B . 
J 3 HOH 45  188 188 HOH HOH B . 
J 3 HOH 46  190 190 HOH HOH B . 
J 3 HOH 47  199 199 HOH HOH B . 
J 3 HOH 48  206 206 HOH HOH B . 
J 3 HOH 49  208 208 HOH HOH B . 
J 3 HOH 50  209 209 HOH HOH B . 
J 3 HOH 51  210 210 HOH HOH B . 
J 3 HOH 52  215 215 HOH HOH B . 
J 3 HOH 53  217 217 HOH HOH B . 
J 3 HOH 54  221 221 HOH HOH B . 
J 3 HOH 55  222 222 HOH HOH B . 
J 3 HOH 56  224 224 HOH HOH B . 
J 3 HOH 57  226 226 HOH HOH B . 
J 3 HOH 58  230 230 HOH HOH B . 
J 3 HOH 59  235 235 HOH HOH B . 
J 3 HOH 60  236 236 HOH HOH B . 
J 3 HOH 61  238 238 HOH HOH B . 
J 3 HOH 62  251 251 HOH HOH B . 
J 3 HOH 63  252 252 HOH HOH B . 
J 3 HOH 64  254 254 HOH HOH B . 
J 3 HOH 65  255 255 HOH HOH B . 
J 3 HOH 66  258 258 HOH HOH B . 
J 3 HOH 67  259 259 HOH HOH B . 
J 3 HOH 68  262 262 HOH HOH B . 
J 3 HOH 69  263 263 HOH HOH B . 
J 3 HOH 70  265 265 HOH HOH B . 
J 3 HOH 71  275 275 HOH HOH B . 
J 3 HOH 72  276 276 HOH HOH B . 
J 3 HOH 73  282 282 HOH HOH B . 
J 3 HOH 74  284 284 HOH HOH B . 
J 3 HOH 75  292 292 HOH HOH B . 
J 3 HOH 76  296 296 HOH HOH B . 
J 3 HOH 77  301 301 HOH HOH B . 
J 3 HOH 78  302 302 HOH HOH B . 
J 3 HOH 79  305 305 HOH HOH B . 
J 3 HOH 80  307 307 HOH HOH B . 
J 3 HOH 81  309 309 HOH HOH B . 
J 3 HOH 82  310 310 HOH HOH B . 
J 3 HOH 83  312 312 HOH HOH B . 
J 3 HOH 84  314 314 HOH HOH B . 
J 3 HOH 85  315 315 HOH HOH B . 
J 3 HOH 86  316 316 HOH HOH B . 
J 3 HOH 87  317 317 HOH HOH B . 
J 3 HOH 88  321 321 HOH HOH B . 
J 3 HOH 89  324 324 HOH HOH B . 
J 3 HOH 90  325 325 HOH HOH B . 
J 3 HOH 91  326 326 HOH HOH B . 
J 3 HOH 92  328 328 HOH HOH B . 
J 3 HOH 93  330 330 HOH HOH B . 
J 3 HOH 94  333 333 HOH HOH B . 
J 3 HOH 95  334 334 HOH HOH B . 
J 3 HOH 96  335 335 HOH HOH B . 
J 3 HOH 97  336 336 HOH HOH B . 
J 3 HOH 98  337 337 HOH HOH B . 
J 3 HOH 99  341 341 HOH HOH B . 
J 3 HOH 100 342 342 HOH HOH B . 
J 3 HOH 101 349 349 HOH HOH B . 
J 3 HOH 102 353 353 HOH HOH B . 
J 3 HOH 103 354 354 HOH HOH B . 
J 3 HOH 104 355 355 HOH HOH B . 
J 3 HOH 105 357 357 HOH HOH B . 
J 3 HOH 106 361 361 HOH HOH B . 
J 3 HOH 107 362 362 HOH HOH B . 
J 3 HOH 108 364 364 HOH HOH B . 
J 3 HOH 109 366 366 HOH HOH B . 
J 3 HOH 110 368 368 HOH HOH B . 
J 3 HOH 111 371 371 HOH HOH B . 
J 3 HOH 112 372 372 HOH HOH B . 
J 3 HOH 113 373 373 HOH HOH B . 
J 3 HOH 114 375 375 HOH HOH B . 
J 3 HOH 115 376 376 HOH HOH B . 
J 3 HOH 116 378 378 HOH HOH B . 
J 3 HOH 117 380 380 HOH HOH B . 
J 3 HOH 118 381 381 HOH HOH B . 
J 3 HOH 119 384 384 HOH HOH B . 
J 3 HOH 120 385 385 HOH HOH B . 
J 3 HOH 121 390 51  HOH ZNO B . 
J 3 HOH 122 391 52  HOH ZO3 B . 
J 3 HOH 123 392 52  HOH ZO3 B . 
J 3 HOH 124 393 52  HOH ZO3 B . 
# 
loop_
_software.name 
_software.classification 
_software.version 
_software.citation_id 
_software.pdbx_ordinal 
CNS       refinement       0.4 ? 1 
DENZO     'data reduction' .   ? 2 
SCALEPACK 'data scaling'   .   ? 3 
SHARP     phasing          .   ? 4 
# 
_cell.entry_id           1NLC 
_cell.length_a           59.333 
_cell.length_b           59.333 
_cell.length_c           63.683 
_cell.angle_alpha        90.00 
_cell.angle_beta         90.00 
_cell.angle_gamma        120.00 
_cell.Z_PDB              12 
_cell.pdbx_unique_axis   ? 
# 
_symmetry.entry_id                         1NLC 
_symmetry.space_group_name_H-M             'P 31 2 1' 
_symmetry.pdbx_full_space_group_name_H-M   ? 
_symmetry.cell_setting                     ? 
_symmetry.Int_Tables_number                152 
# 
_exptl.entry_id          1NLC 
_exptl.method            'X-RAY DIFFRACTION' 
_exptl.crystals_number   1 
# 
_exptl_crystal.id                    1 
_exptl_crystal.density_meas          ? 
_exptl_crystal.density_Matthews      2.19 
_exptl_crystal.density_percent_sol   43.72 
_exptl_crystal.description           ? 
# 
_exptl_crystal_grow.crystal_id      1 
_exptl_crystal_grow.method          'VAPOR DIFFUSION, SITTING DROP' 
_exptl_crystal_grow.temp            310 
_exptl_crystal_grow.temp_details    ? 
_exptl_crystal_grow.pH              7.0 
_exptl_crystal_grow.pdbx_details    
'MPD, Cacodylate, KCl, MgCl2, spermine, pH 7.0, VAPOR DIFFUSION, SITTING DROP, temperature 310K' 
_exptl_crystal_grow.pdbx_pH_range   . 
# 
_diffrn.id                     1 
_diffrn.ambient_temp           100 
_diffrn.ambient_temp_details   ? 
_diffrn.crystal_id             1 
# 
_diffrn_detector.diffrn_id              1 
_diffrn_detector.detector               CCD 
_diffrn_detector.type                   MARRESEARCH 
_diffrn_detector.pdbx_collection_date   ? 
_diffrn_detector.details                ? 
# 
_diffrn_radiation.diffrn_id                        1 
_diffrn_radiation.wavelength_id                    1 
_diffrn_radiation.pdbx_monochromatic_or_laue_m_l   M 
_diffrn_radiation.monochromator                    crystal 
_diffrn_radiation.pdbx_diffrn_protocol             'SINGLE WAVELENGTH' 
_diffrn_radiation.pdbx_scattering_type             x-ray 
# 
_diffrn_radiation_wavelength.id           1 
_diffrn_radiation_wavelength.wavelength   1.26 
_diffrn_radiation_wavelength.wt           1.0 
# 
_diffrn_source.diffrn_id                   1 
_diffrn_source.source                      SYNCHROTRON 
_diffrn_source.type                        'EMBL/DESY, HAMBURG BEAMLINE BW7A' 
_diffrn_source.pdbx_synchrotron_site       'EMBL/DESY, HAMBURG' 
_diffrn_source.pdbx_synchrotron_beamline   BW7A 
_diffrn_source.pdbx_wavelength             ? 
_diffrn_source.pdbx_wavelength_list        1.26 
# 
_reflns.entry_id                     1NLC 
_reflns.observed_criterion_sigma_I   0 
_reflns.observed_criterion_sigma_F   0 
_reflns.d_resolution_low             15 
_reflns.d_resolution_high            1.85 
_reflns.number_obs                   21043 
_reflns.number_all                   21273 
_reflns.percent_possible_obs         98.9 
_reflns.pdbx_Rmerge_I_obs            ? 
_reflns.pdbx_Rsym_value              0.052 
_reflns.pdbx_netI_over_sigmaI        32.3 
_reflns.B_iso_Wilson_estimate        22.7 
_reflns.pdbx_redundancy              4.9 
_reflns.R_free_details               ? 
_reflns.pdbx_diffrn_id               1 
_reflns.pdbx_ordinal                 1 
# 
_reflns_shell.d_res_high             1.85 
_reflns_shell.d_res_low              1.90 
_reflns_shell.percent_possible_all   98.7 
_reflns_shell.Rmerge_I_obs           ? 
_reflns_shell.pdbx_Rsym_value        0.188 
_reflns_shell.meanI_over_sigI_obs    ? 
_reflns_shell.pdbx_redundancy        ? 
_reflns_shell.percent_possible_obs   ? 
_reflns_shell.number_unique_all      ? 
_reflns_shell.pdbx_diffrn_id         ? 
_reflns_shell.pdbx_ordinal           1 
# 
_refine.entry_id                                 1NLC 
_refine.ls_number_reflns_obs                     19553 
_refine.ls_number_reflns_all                     21156 
_refine.pdbx_ls_sigma_I                          ? 
_refine.pdbx_ls_sigma_F                          2.0 
_refine.pdbx_data_cutoff_high_absF               1639517.06 
_refine.pdbx_data_cutoff_low_absF                0.0 
_refine.ls_d_res_low                             8.00 
_refine.ls_d_res_high                            1.85 
_refine.ls_percent_reflns_obs                    92.4 
_refine.ls_R_factor_obs                          0.218 
_refine.ls_R_factor_all                          ? 
_refine.ls_R_factor_R_work                       0.218 
_refine.ls_R_factor_R_free                       0.219 
_refine.ls_R_factor_R_free_error                 0.006 
_refine.ls_R_factor_R_free_error_details         ? 
_refine.ls_percent_reflns_R_free                 7.5 
_refine.ls_number_reflns_R_free                  1476 
_refine.ls_number_parameters                     ? 
_refine.ls_number_restraints                     ? 
_refine.occupancy_min                            ? 
_refine.occupancy_max                            ? 
_refine.correlation_coeff_Fo_to_Fc               ? 
_refine.correlation_coeff_Fo_to_Fc_free          ? 
_refine.B_iso_mean                               34.5 
_refine.aniso_B[1][1]                            -3.12 
_refine.aniso_B[2][2]                            -3.12 
_refine.aniso_B[3][3]                            6.23 
_refine.aniso_B[1][2]                            0.51 
_refine.aniso_B[1][3]                            0.00 
_refine.aniso_B[2][3]                            0.00 
_refine.solvent_model_details                    'FLAT MODEL' 
_refine.solvent_model_param_ksol                 0.272173 
_refine.solvent_model_param_bsol                 56.6762 
_refine.pdbx_solvent_vdw_probe_radii             ? 
_refine.pdbx_solvent_ion_probe_radii             ? 
_refine.pdbx_solvent_shrinkage_radii             ? 
_refine.pdbx_ls_cross_valid_method               THROUGHOUT 
_refine.details                                  ? 
_refine.pdbx_starting_model                      ? 
_refine.pdbx_method_to_determine_struct          MAD 
_refine.pdbx_isotropic_thermal_model             RESTRAINED 
_refine.pdbx_stereochemistry_target_values       ? 
_refine.pdbx_stereochem_target_val_spec_case     ? 
_refine.pdbx_R_Free_selection_details            RANDOM 
_refine.pdbx_overall_ESU_R_Free                  ? 
_refine.overall_SU_B                             ? 
_refine.ls_redundancy_reflns_obs                 ? 
_refine.overall_SU_R_Cruickshank_DPI             ? 
_refine.overall_SU_R_free                        ? 
_refine.overall_SU_ML                            ? 
_refine.pdbx_overall_ESU_R                       ? 
_refine.pdbx_data_cutoff_high_rms_absF           ? 
_refine.pdbx_refine_id                           'X-RAY DIFFRACTION' 
_refine.pdbx_diffrn_id                           1 
_refine.pdbx_TLS_residual_ADP_flag               ? 
_refine.pdbx_overall_phase_error                 ? 
_refine.pdbx_overall_SU_R_free_Cruickshank_DPI   ? 
_refine.pdbx_overall_SU_R_Blow_DPI               ? 
_refine.pdbx_overall_SU_R_free_Blow_DPI          ? 
# 
_refine_analyze.entry_id                        1NLC 
_refine_analyze.Luzzati_coordinate_error_obs    0.26 
_refine_analyze.Luzzati_sigma_a_obs             0.22 
_refine_analyze.Luzzati_d_res_low_obs           10.00 
_refine_analyze.Luzzati_coordinate_error_free   0.26 
_refine_analyze.Luzzati_sigma_a_free            0.23 
_refine_analyze.Luzzati_d_res_low_free          ? 
_refine_analyze.number_disordered_residues      ? 
_refine_analyze.occupancy_sum_hydrogen          ? 
_refine_analyze.occupancy_sum_non_hydrogen      ? 
_refine_analyze.pdbx_refine_id                  'X-RAY DIFFRACTION' 
# 
_refine_hist.pdbx_refine_id                   'X-RAY DIFFRACTION' 
_refine_hist.cycle_id                         LAST 
_refine_hist.pdbx_number_atoms_protein        0 
_refine_hist.pdbx_number_atoms_nucleic_acid   1048 
_refine_hist.pdbx_number_atoms_ligand         15 
_refine_hist.number_atoms_solvent             277 
_refine_hist.number_atoms_total               1340 
_refine_hist.d_res_high                       1.85 
_refine_hist.d_res_low                        8.00 
# 
loop_
_refine_ls_restr.type 
_refine_ls_restr.dev_ideal 
_refine_ls_restr.dev_ideal_target 
_refine_ls_restr.weight 
_refine_ls_restr.number 
_refine_ls_restr.pdbx_refine_id 
_refine_ls_restr.pdbx_restraint_function 
c_bond_d           0.014 ? ? ? 'X-RAY DIFFRACTION' ? 
c_angle_deg        1.6   ? ? ? 'X-RAY DIFFRACTION' ? 
c_dihedral_angle_d 9.1   ? ? ? 'X-RAY DIFFRACTION' ? 
c_improper_angle_d 1.76  ? ? ? 'X-RAY DIFFRACTION' ? 
# 
_refine_ls_shell.pdbx_total_number_of_bins_used   6 
_refine_ls_shell.d_res_high                       1.85 
_refine_ls_shell.d_res_low                        1.96 
_refine_ls_shell.number_reflns_R_work             2511 
_refine_ls_shell.R_factor_R_work                  0.279 
_refine_ls_shell.percent_reflns_obs               77.3 
_refine_ls_shell.R_factor_R_free                  0.284 
_refine_ls_shell.R_factor_R_free_error            0.020 
_refine_ls_shell.percent_reflns_R_free            7.1 
_refine_ls_shell.number_reflns_R_free             193 
_refine_ls_shell.redundancy_reflns_obs            ? 
_refine_ls_shell.pdbx_refine_id                   'X-RAY DIFFRACTION' 
_refine_ls_shell.number_reflns_all                ? 
_refine_ls_shell.R_factor_all                     ? 
# 
loop_
_pdbx_xplor_file.serial_no 
_pdbx_xplor_file.param_file 
_pdbx_xplor_file.topol_file 
_pdbx_xplor_file.pdbx_refine_id 
1 LUC.PARAM       DNA-RNA.TOP 'X-RAY DIFFRACTION' 
2 WATER_REP.PARAM WATER.TOP   'X-RAY DIFFRACTION' 
3 ION.PARAM       ION.TOP     'X-RAY DIFFRACTION' 
# 
_struct.entry_id                  1NLC 
_struct.title                     'HIV-1 DIS(Mal) duplex Zn-soaked' 
_struct.pdbx_model_details        ? 
_struct.pdbx_CASP_flag            ? 
_struct.pdbx_model_type_details   ? 
# 
_struct_keywords.entry_id        1NLC 
_struct_keywords.pdbx_keywords   RNA 
_struct_keywords.text            'HIV-1, RNA, Zinc' 
# 
loop_
_struct_asym.id 
_struct_asym.pdbx_blank_PDB_chainid_flag 
_struct_asym.pdbx_modified 
_struct_asym.entity_id 
_struct_asym.details 
A N N 1 ? 
B N N 1 ? 
C N N 2 ? 
D N N 2 ? 
E N N 2 ? 
F N N 2 ? 
G N N 2 ? 
H N N 2 ? 
I N N 3 ? 
J N N 3 ? 
# 
_struct_ref.id                         1 
_struct_ref.entity_id                  1 
_struct_ref.db_name                    PDB 
_struct_ref.db_code                    1NLC 
_struct_ref.pdbx_db_accession          1NLC 
_struct_ref.pdbx_db_isoform            ? 
_struct_ref.pdbx_seq_one_letter_code   ? 
_struct_ref.pdbx_align_begin           ? 
# 
loop_
_struct_ref_seq.align_id 
_struct_ref_seq.ref_id 
_struct_ref_seq.pdbx_PDB_id_code 
_struct_ref_seq.pdbx_strand_id 
_struct_ref_seq.seq_align_beg 
_struct_ref_seq.pdbx_seq_align_beg_ins_code 
_struct_ref_seq.seq_align_end 
_struct_ref_seq.pdbx_seq_align_end_ins_code 
_struct_ref_seq.pdbx_db_accession 
_struct_ref_seq.db_align_beg 
_struct_ref_seq.pdbx_db_align_beg_ins_code 
_struct_ref_seq.db_align_end 
_struct_ref_seq.pdbx_db_align_end_ins_code 
_struct_ref_seq.pdbx_auth_seq_align_beg 
_struct_ref_seq.pdbx_auth_seq_align_end 
1 1 1NLC A 1 ? 23 ? 1NLC 1 ? 23 ? 1 23 
2 1 1NLC B 1 ? 23 ? 1NLC 1 ? 23 ? 1 23 
# 
_pdbx_struct_assembly.id                   1 
_pdbx_struct_assembly.details              author_defined_assembly 
_pdbx_struct_assembly.method_details       ? 
_pdbx_struct_assembly.oligomeric_details   dimeric 
_pdbx_struct_assembly.oligomeric_count     2 
# 
_pdbx_struct_assembly_gen.assembly_id       1 
_pdbx_struct_assembly_gen.oper_expression   1 
_pdbx_struct_assembly_gen.asym_id_list      A,B,C,D,E,F,G,H,I,J 
# 
_pdbx_struct_oper_list.id                   1 
_pdbx_struct_oper_list.type                 'identity operation' 
_pdbx_struct_oper_list.name                 1_555 
_pdbx_struct_oper_list.symmetry_operation   x,y,z 
_pdbx_struct_oper_list.matrix[1][1]         1.0000000000 
_pdbx_struct_oper_list.matrix[1][2]         0.0000000000 
_pdbx_struct_oper_list.matrix[1][3]         0.0000000000 
_pdbx_struct_oper_list.vector[1]            0.0000000000 
_pdbx_struct_oper_list.matrix[2][1]         0.0000000000 
_pdbx_struct_oper_list.matrix[2][2]         1.0000000000 
_pdbx_struct_oper_list.matrix[2][3]         0.0000000000 
_pdbx_struct_oper_list.vector[2]            0.0000000000 
_pdbx_struct_oper_list.matrix[3][1]         0.0000000000 
_pdbx_struct_oper_list.matrix[3][2]         0.0000000000 
_pdbx_struct_oper_list.matrix[3][3]         1.0000000000 
_pdbx_struct_oper_list.vector[3]            0.0000000000 
# 
_struct_biol.id                    1 
_struct_biol.pdbx_parent_biol_id   ? 
_struct_biol.details               ? 
# 
loop_
_struct_conn.id 
_struct_conn.conn_type_id 
_struct_conn.pdbx_leaving_atom_flag 
_struct_conn.pdbx_PDB_id 
_struct_conn.ptnr1_label_asym_id 
_struct_conn.ptnr1_label_comp_id 
_struct_conn.ptnr1_label_seq_id 
_struct_conn.ptnr1_label_atom_id 
_struct_conn.pdbx_ptnr1_label_alt_id 
_struct_conn.pdbx_ptnr1_PDB_ins_code 
_struct_conn.pdbx_ptnr1_standard_comp_id 
_struct_conn.ptnr1_symmetry 
_struct_conn.ptnr2_label_asym_id 
_struct_conn.ptnr2_label_comp_id 
_struct_conn.ptnr2_label_seq_id 
_struct_conn.ptnr2_label_atom_id 
_struct_conn.pdbx_ptnr2_label_alt_id 
_struct_conn.pdbx_ptnr2_PDB_ins_code 
_struct_conn.ptnr1_auth_asym_id 
_struct_conn.ptnr1_auth_comp_id 
_struct_conn.ptnr1_auth_seq_id 
_struct_conn.ptnr2_auth_asym_id 
_struct_conn.ptnr2_auth_comp_id 
_struct_conn.ptnr2_auth_seq_id 
_struct_conn.ptnr2_symmetry 
_struct_conn.pdbx_ptnr3_label_atom_id 
_struct_conn.pdbx_ptnr3_label_seq_id 
_struct_conn.pdbx_ptnr3_label_comp_id 
_struct_conn.pdbx_ptnr3_label_asym_id 
_struct_conn.pdbx_ptnr3_label_alt_id 
_struct_conn.pdbx_ptnr3_PDB_ins_code 
_struct_conn.details 
_struct_conn.pdbx_dist_value 
_struct_conn.pdbx_value_order 
_struct_conn.pdbx_role 
metalc1  metalc ? ? A A   8  OP2 ? ? ? 1_555 C ZN  .  ZN ? ? A A   8   A ZN  54  1_555 ? ? ? ? ? ? ?            2.196 ? ? 
metalc2  metalc ? ? A G   9  N7  ? ? ? 1_555 C ZN  .  ZN ? ? A G   9   A ZN  54  1_555 ? ? ? ? ? ? ?            2.517 ? ? 
metalc3  metalc ? ? D ZN  .  ZN  ? ? ? 1_555 I HOH .  O  ? ? A ZN  50  A HOH 168 1_555 ? ? ? ? ? ? ?            2.038 ? ? 
metalc4  metalc ? ? D ZN  .  ZN  ? ? ? 1_555 I HOH .  O  ? ? A ZN  50  A HOH 319 1_555 ? ? ? ? ? ? ?            2.292 ? ? 
metalc5  metalc ? ? D ZN  .  ZN  ? ? ? 1_555 I HOH .  O  ? ? A ZN  50  A HOH 386 1_555 ? ? ? ? ? ? ?            2.001 ? ? 
metalc6  metalc ? ? D ZN  .  ZN  ? ? ? 1_555 I HOH .  O  ? ? A ZN  50  A HOH 387 1_555 ? ? ? ? ? ? ?            2.091 ? ? 
metalc7  metalc ? ? D ZN  .  ZN  ? ? ? 1_555 I HOH .  O  ? ? A ZN  50  A HOH 388 1_555 ? ? ? ? ? ? ?            2.191 ? ? 
metalc8  metalc ? ? C ZN  .  ZN  ? ? ? 1_555 I HOH .  O  ? ? A ZN  54  A HOH 137 1_555 ? ? ? ? ? ? ?            2.237 ? ? 
metalc9  metalc ? ? C ZN  .  ZN  ? ? ? 1_555 I HOH .  O  ? ? A ZN  54  A HOH 156 1_555 ? ? ? ? ? ? ?            2.049 ? ? 
metalc10 metalc ? ? C ZN  .  ZN  ? ? ? 1_555 I HOH .  O  ? ? A ZN  54  A HOH 241 1_555 ? ? ? ? ? ? ?            2.345 ? ? 
metalc11 metalc ? ? C ZN  .  ZN  ? ? ? 1_555 I HOH .  O  ? ? A ZN  54  A HOH 256 1_555 ? ? ? ? ? ? ?            2.442 ? ? 
metalc12 metalc ? ? I HOH .  O   ? ? ? 1_555 G ZN  .  ZN ? ? A HOH 389 B ZN  51  1_555 ? ? ? ? ? ? ?            2.091 ? ? 
metalc13 metalc ? ? B A   8  OP2 A ? ? 1_555 E ZN  .  ZN ? ? B A   8   B ZN  53  1_555 ? ? ? ? ? ? ?            2.401 ? ? 
metalc14 metalc ? ? B A   8  OP2 B ? ? 1_555 E ZN  .  ZN ? ? B A   8   B ZN  53  1_555 ? ? ? ? ? ? ?            2.081 ? ? 
metalc15 metalc ? ? B G   9  N7  A ? ? 1_555 E ZN  .  ZN ? ? B G   9   B ZN  53  1_555 ? ? ? ? ? ? ?            2.205 ? ? 
metalc16 metalc ? ? B G   9  N7  B ? ? 1_555 E ZN  .  ZN ? ? B G   9   B ZN  53  1_555 ? ? ? ? ? ? ?            2.166 ? ? 
metalc17 metalc ? ? B A   22 N7  ? ? ? 1_555 F ZN  .  ZN ? ? B A   22  B ZN  55  1_555 ? ? ? ? ? ? ?            2.520 ? ? 
metalc18 metalc ? ? G ZN  .  ZN  ? ? ? 1_555 J HOH .  O  ? ? B ZN  51  B HOH 330 1_555 ? ? ? ? ? ? ?            2.446 ? ? 
metalc19 metalc ? ? G ZN  .  ZN  ? ? ? 1_555 J HOH .  O  ? ? B ZN  51  B HOH 376 1_555 ? ? ? ? ? ? ?            2.325 ? ? 
metalc20 metalc ? ? G ZN  .  ZN  ? ? ? 1_555 J HOH .  O  ? ? B ZN  51  B HOH 384 1_555 ? ? ? ? ? ? ?            2.187 ? ? 
metalc21 metalc ? ? G ZN  .  ZN  ? ? ? 1_555 J HOH .  O  ? ? B ZN  51  B HOH 385 1_555 ? ? ? ? ? ? ?            2.059 ? ? 
metalc22 metalc ? ? G ZN  .  ZN  ? ? ? 1_555 J HOH .  O  ? ? B ZN  51  B HOH 390 1_555 ? ? ? ? ? ? ?            2.170 ? ? 
metalc23 metalc ? ? H ZN  .  ZN  ? ? ? 1_555 J HOH .  O  ? ? B ZN  52  B HOH 380 1_555 ? ? ? ? ? ? ?            2.289 ? ? 
metalc24 metalc ? ? H ZN  .  ZN  ? ? ? 1_555 J HOH .  O  ? ? B ZN  52  B HOH 381 1_555 ? ? ? ? ? ? ?            2.483 ? ? 
metalc25 metalc ? ? H ZN  .  ZN  ? ? ? 1_555 J HOH .  O  B ? B ZN  52  B HOH 391 1_555 ? ? ? ? ? ? ?            2.141 ? ? 
metalc26 metalc ? ? H ZN  .  ZN  ? ? ? 1_555 J HOH .  O  ? ? B ZN  52  B HOH 392 1_555 ? ? ? ? ? ? ?            2.014 ? ? 
metalc27 metalc ? ? H ZN  .  ZN  ? ? ? 1_555 J HOH .  O  ? ? B ZN  52  B HOH 393 1_555 ? ? ? ? ? ? ?            2.183 ? ? 
metalc28 metalc ? ? E ZN  .  ZN  ? ? ? 1_555 J HOH .  O  ? ? B ZN  53  B HOH 353 1_555 ? ? ? ? ? ? ?            2.338 ? ? 
metalc29 metalc ? ? E ZN  .  ZN  ? ? ? 1_555 J HOH .  O  ? ? B ZN  53  B HOH 354 1_555 ? ? ? ? ? ? ?            2.162 ? ? 
metalc30 metalc ? ? E ZN  .  ZN  ? ? ? 1_555 J HOH .  O  ? ? B ZN  53  B HOH 355 1_555 ? ? ? ? ? ? ?            2.209 ? ? 
metalc31 metalc ? ? E ZN  .  ZN  ? ? ? 1_555 J HOH .  O  ? ? B ZN  53  B HOH 378 1_555 ? ? ? ? ? ? ?            2.059 ? ? 
metalc32 metalc ? ? F ZN  .  ZN  ? ? ? 1_555 J HOH .  O  ? ? B ZN  55  B HOH 174 1_555 ? ? ? ? ? ? ?            2.726 ? ? 
hydrog1  hydrog ? ? A C   1  N3  ? ? ? 1_555 B G   23 N1 ? ? A C   1   B G   23  1_555 ? ? ? ? ? ? WATSON-CRICK ?     ? ? 
hydrog2  hydrog ? ? A C   1  N4  ? ? ? 1_555 B G   23 O6 ? ? A C   1   B G   23  1_555 ? ? ? ? ? ? WATSON-CRICK ?     ? ? 
hydrog3  hydrog ? ? A C   1  O2  ? ? ? 1_555 B G   23 N2 ? ? A C   1   B G   23  1_555 ? ? ? ? ? ? WATSON-CRICK ?     ? ? 
hydrog4  hydrog ? ? A U   2  N3  ? ? ? 1_555 B A   22 N1 ? ? A U   2   B A   22  1_555 ? ? ? ? ? ? WATSON-CRICK ?     ? ? 
hydrog5  hydrog ? ? A U   2  O4  ? ? ? 1_555 B A   22 N6 ? ? A U   2   B A   22  1_555 ? ? ? ? ? ? WATSON-CRICK ?     ? ? 
hydrog6  hydrog ? ? A U   3  N3  ? ? ? 1_555 B A   21 N1 ? ? A U   3   B A   21  1_555 ? ? ? ? ? ? WATSON-CRICK ?     ? ? 
hydrog7  hydrog ? ? A U   3  O4  ? ? ? 1_555 B A   21 N6 ? ? A U   3   B A   21  1_555 ? ? ? ? ? ? WATSON-CRICK ?     ? ? 
hydrog8  hydrog ? ? A G   4  N1  ? ? ? 1_555 B C   20 N3 ? ? A G   4   B C   20  1_555 ? ? ? ? ? ? WATSON-CRICK ?     ? ? 
hydrog9  hydrog ? ? A G   4  N2  ? ? ? 1_555 B C   20 O2 ? ? A G   4   B C   20  1_555 ? ? ? ? ? ? WATSON-CRICK ?     ? ? 
hydrog10 hydrog ? ? A G   4  O6  ? ? ? 1_555 B C   20 N4 ? ? A G   4   B C   20  1_555 ? ? ? ? ? ? WATSON-CRICK ?     ? ? 
hydrog11 hydrog ? ? A C   5  N3  ? ? ? 1_555 B G   19 N1 ? ? A C   5   B G   19  1_555 ? ? ? ? ? ? WATSON-CRICK ?     ? ? 
hydrog12 hydrog ? ? A C   5  N4  ? ? ? 1_555 B G   19 O6 ? ? A C   5   B G   19  1_555 ? ? ? ? ? ? WATSON-CRICK ?     ? ? 
hydrog13 hydrog ? ? A C   5  O2  ? ? ? 1_555 B G   19 N2 ? ? A C   5   B G   19  1_555 ? ? ? ? ? ? WATSON-CRICK ?     ? ? 
hydrog14 hydrog ? ? A U   6  N3  ? ? ? 1_555 B A   18 N1 ? ? A U   6   B A   18  1_555 ? ? ? ? ? ? WATSON-CRICK ?     ? ? 
hydrog15 hydrog ? ? A U   6  O4  ? ? ? 1_555 B A   18 N6 ? ? A U   6   B A   18  1_555 ? ? ? ? ? ? WATSON-CRICK ?     ? ? 
hydrog16 hydrog ? ? A G   7  N1  ? ? ? 1_555 B C   17 N3 ? ? A G   7   B C   17  1_555 ? ? ? ? ? ? WATSON-CRICK ?     ? ? 
hydrog17 hydrog ? ? A G   7  N2  ? ? ? 1_555 B C   17 O2 ? ? A G   7   B C   17  1_555 ? ? ? ? ? ? WATSON-CRICK ?     ? ? 
hydrog18 hydrog ? ? A G   7  O6  ? ? ? 1_555 B C   17 N4 ? ? A G   7   B C   17  1_555 ? ? ? ? ? ? WATSON-CRICK ?     ? ? 
hydrog19 hydrog ? ? A G   9  N1  ? ? ? 1_555 B A   16 N1 ? ? A G   9   B A   16  1_555 ? ? ? ? ? ? TYPE_8_PAIR  ?     ? ? 
hydrog20 hydrog ? ? A G   9  O6  ? ? ? 1_555 B A   16 N6 ? ? A G   9   B A   16  1_555 ? ? ? ? ? ? TYPE_8_PAIR  ?     ? ? 
hydrog21 hydrog ? ? A G   9  N2  ? ? ? 1_555 B C   17 O2 ? ? A G   9   B C   17  1_555 ? ? ? ? ? ? 'G-C PAIR'   ?     ? ? 
hydrog22 hydrog ? ? A G   10 N1  ? ? ? 1_555 B C   15 N3 ? ? A G   10  B C   15  1_555 ? ? ? ? ? ? WATSON-CRICK ?     ? ? 
hydrog23 hydrog ? ? A G   10 N2  ? ? ? 1_555 B C   15 O2 ? ? A G   10  B C   15  1_555 ? ? ? ? ? ? WATSON-CRICK ?     ? ? 
hydrog24 hydrog ? ? A G   10 O6  ? ? ? 1_555 B C   15 N4 ? ? A G   10  B C   15  1_555 ? ? ? ? ? ? WATSON-CRICK ?     ? ? 
hydrog25 hydrog ? ? A U   11 N3  ? ? ? 1_555 B A   14 N1 ? ? A U   11  B A   14  1_555 ? ? ? ? ? ? WATSON-CRICK ?     ? ? 
hydrog26 hydrog ? ? A U   11 O4  ? ? ? 1_555 B A   14 N6 ? ? A U   11  B A   14  1_555 ? ? ? ? ? ? WATSON-CRICK ?     ? ? 
hydrog27 hydrog ? ? A G   12 N1  ? ? ? 1_555 B C   13 N3 ? ? A G   12  B C   13  1_555 ? ? ? ? ? ? WATSON-CRICK ?     ? ? 
hydrog28 hydrog ? ? A G   12 N2  ? ? ? 1_555 B C   13 O2 ? ? A G   12  B C   13  1_555 ? ? ? ? ? ? WATSON-CRICK ?     ? ? 
hydrog29 hydrog ? ? A G   12 O6  ? ? ? 1_555 B C   13 N4 ? ? A G   12  B C   13  1_555 ? ? ? ? ? ? WATSON-CRICK ?     ? ? 
hydrog30 hydrog ? ? A C   13 N3  ? ? ? 1_555 B G   12 N1 ? ? A C   13  B G   12  1_555 ? ? ? ? ? ? WATSON-CRICK ?     ? ? 
hydrog31 hydrog ? ? A C   13 N4  ? ? ? 1_555 B G   12 O6 ? ? A C   13  B G   12  1_555 ? ? ? ? ? ? WATSON-CRICK ?     ? ? 
hydrog32 hydrog ? ? A C   13 O2  ? ? ? 1_555 B G   12 N2 ? ? A C   13  B G   12  1_555 ? ? ? ? ? ? WATSON-CRICK ?     ? ? 
hydrog33 hydrog ? ? A A   14 N1  ? ? ? 1_555 B U   11 N3 ? ? A A   14  B U   11  1_555 ? ? ? ? ? ? WATSON-CRICK ?     ? ? 
hydrog34 hydrog ? ? A A   14 N6  ? ? ? 1_555 B U   11 O4 ? ? A A   14  B U   11  1_555 ? ? ? ? ? ? WATSON-CRICK ?     ? ? 
hydrog35 hydrog ? ? A C   15 N3  ? ? ? 1_555 B G   10 N1 ? ? A C   15  B G   10  1_555 ? ? ? ? ? ? WATSON-CRICK ?     ? ? 
hydrog36 hydrog ? ? A C   15 N4  ? ? ? 1_555 B G   10 O6 ? ? A C   15  B G   10  1_555 ? ? ? ? ? ? WATSON-CRICK ?     ? ? 
hydrog37 hydrog ? ? A C   15 O2  ? ? ? 1_555 B G   10 N2 ? ? A C   15  B G   10  1_555 ? ? ? ? ? ? WATSON-CRICK ?     ? ? 
hydrog38 hydrog ? ? A A   16 N1  ? ? ? 1_555 B G   9  N1 A ? A A   16  B G   9   1_555 ? ? ? ? ? ? TYPE_8_PAIR  ?     ? ? 
hydrog39 hydrog ? ? A A   16 N6  ? ? ? 1_555 B G   9  O6 A ? A A   16  B G   9   1_555 ? ? ? ? ? ? TYPE_8_PAIR  ?     ? ? 
hydrog40 hydrog ? ? A C   17 N3  ? ? ? 1_555 B G   7  N1 A ? A C   17  B G   7   1_555 ? ? ? ? ? ? WATSON-CRICK ?     ? ? 
hydrog41 hydrog ? ? A C   17 N4  ? ? ? 1_555 B G   7  O6 A ? A C   17  B G   7   1_555 ? ? ? ? ? ? WATSON-CRICK ?     ? ? 
hydrog42 hydrog ? ? A C   17 O2  ? ? ? 1_555 B G   7  N2 A ? A C   17  B G   7   1_555 ? ? ? ? ? ? WATSON-CRICK ?     ? ? 
hydrog43 hydrog ? ? A A   18 N1  ? ? ? 1_555 B U   6  N3 ? ? A A   18  B U   6   1_555 ? ? ? ? ? ? WATSON-CRICK ?     ? ? 
hydrog44 hydrog ? ? A A   18 N6  ? ? ? 1_555 B U   6  O4 ? ? A A   18  B U   6   1_555 ? ? ? ? ? ? WATSON-CRICK ?     ? ? 
hydrog45 hydrog ? ? A G   19 N1  ? ? ? 1_555 B C   5  N3 ? ? A G   19  B C   5   1_555 ? ? ? ? ? ? WATSON-CRICK ?     ? ? 
hydrog46 hydrog ? ? A G   19 N2  ? ? ? 1_555 B C   5  O2 ? ? A G   19  B C   5   1_555 ? ? ? ? ? ? WATSON-CRICK ?     ? ? 
hydrog47 hydrog ? ? A G   19 O6  ? ? ? 1_555 B C   5  N4 ? ? A G   19  B C   5   1_555 ? ? ? ? ? ? WATSON-CRICK ?     ? ? 
hydrog48 hydrog ? ? A C   20 N3  ? ? ? 1_555 B G   4  N1 ? ? A C   20  B G   4   1_555 ? ? ? ? ? ? WATSON-CRICK ?     ? ? 
hydrog49 hydrog ? ? A C   20 N4  ? ? ? 1_555 B G   4  O6 ? ? A C   20  B G   4   1_555 ? ? ? ? ? ? WATSON-CRICK ?     ? ? 
hydrog50 hydrog ? ? A C   20 O2  ? ? ? 1_555 B G   4  N2 ? ? A C   20  B G   4   1_555 ? ? ? ? ? ? WATSON-CRICK ?     ? ? 
hydrog51 hydrog ? ? A A   21 N1  ? ? ? 1_555 B U   3  N3 ? ? A A   21  B U   3   1_555 ? ? ? ? ? ? WATSON-CRICK ?     ? ? 
hydrog52 hydrog ? ? A A   21 N6  ? ? ? 1_555 B U   3  O4 ? ? A A   21  B U   3   1_555 ? ? ? ? ? ? WATSON-CRICK ?     ? ? 
hydrog53 hydrog ? ? A A   22 N1  ? ? ? 1_555 B U   2  N3 ? ? A A   22  B U   2   1_555 ? ? ? ? ? ? WATSON-CRICK ?     ? ? 
hydrog54 hydrog ? ? A A   22 N6  ? ? ? 1_555 B U   2  O4 ? ? A A   22  B U   2   1_555 ? ? ? ? ? ? WATSON-CRICK ?     ? ? 
hydrog55 hydrog ? ? A G   23 N1  ? ? ? 1_555 B C   1  N3 ? ? A G   23  B C   1   1_555 ? ? ? ? ? ? WATSON-CRICK ?     ? ? 
hydrog56 hydrog ? ? A G   23 N2  ? ? ? 1_555 B C   1  O2 ? ? A G   23  B C   1   1_555 ? ? ? ? ? ? WATSON-CRICK ?     ? ? 
hydrog57 hydrog ? ? A G   23 O6  ? ? ? 1_555 B C   1  N4 ? ? A G   23  B C   1   1_555 ? ? ? ? ? ? WATSON-CRICK ?     ? ? 
# 
loop_
_struct_conn_type.id 
_struct_conn_type.criteria 
_struct_conn_type.reference 
metalc ? ? 
hydrog ? ? 
# 
loop_
_pdbx_struct_conn_angle.id 
_pdbx_struct_conn_angle.ptnr1_label_atom_id 
_pdbx_struct_conn_angle.ptnr1_label_alt_id 
_pdbx_struct_conn_angle.ptnr1_label_asym_id 
_pdbx_struct_conn_angle.ptnr1_label_comp_id 
_pdbx_struct_conn_angle.ptnr1_label_seq_id 
_pdbx_struct_conn_angle.ptnr1_auth_atom_id 
_pdbx_struct_conn_angle.ptnr1_auth_asym_id 
_pdbx_struct_conn_angle.ptnr1_auth_comp_id 
_pdbx_struct_conn_angle.ptnr1_auth_seq_id 
_pdbx_struct_conn_angle.ptnr1_PDB_ins_code 
_pdbx_struct_conn_angle.ptnr1_symmetry 
_pdbx_struct_conn_angle.ptnr2_label_atom_id 
_pdbx_struct_conn_angle.ptnr2_label_alt_id 
_pdbx_struct_conn_angle.ptnr2_label_asym_id 
_pdbx_struct_conn_angle.ptnr2_label_comp_id 
_pdbx_struct_conn_angle.ptnr2_label_seq_id 
_pdbx_struct_conn_angle.ptnr2_auth_atom_id 
_pdbx_struct_conn_angle.ptnr2_auth_asym_id 
_pdbx_struct_conn_angle.ptnr2_auth_comp_id 
_pdbx_struct_conn_angle.ptnr2_auth_seq_id 
_pdbx_struct_conn_angle.ptnr2_PDB_ins_code 
_pdbx_struct_conn_angle.ptnr2_symmetry 
_pdbx_struct_conn_angle.ptnr3_label_atom_id 
_pdbx_struct_conn_angle.ptnr3_label_alt_id 
_pdbx_struct_conn_angle.ptnr3_label_asym_id 
_pdbx_struct_conn_angle.ptnr3_label_comp_id 
_pdbx_struct_conn_angle.ptnr3_label_seq_id 
_pdbx_struct_conn_angle.ptnr3_auth_atom_id 
_pdbx_struct_conn_angle.ptnr3_auth_asym_id 
_pdbx_struct_conn_angle.ptnr3_auth_comp_id 
_pdbx_struct_conn_angle.ptnr3_auth_seq_id 
_pdbx_struct_conn_angle.ptnr3_PDB_ins_code 
_pdbx_struct_conn_angle.ptnr3_symmetry 
_pdbx_struct_conn_angle.value 
_pdbx_struct_conn_angle.value_esd 
1  OP2 ? A A   8  ? A A   8   ? 1_555 ZN ? C ZN . ? A ZN 54 ? 1_555 N7  ? A G   9 ? A G   9   ? 1_555 85.8  ? 
2  OP2 ? A A   8  ? A A   8   ? 1_555 ZN ? C ZN . ? A ZN 54 ? 1_555 O   ? I HOH . ? A HOH 137 ? 1_555 89.3  ? 
3  N7  ? A G   9  ? A G   9   ? 1_555 ZN ? C ZN . ? A ZN 54 ? 1_555 O   ? I HOH . ? A HOH 137 ? 1_555 174.6 ? 
4  OP2 ? A A   8  ? A A   8   ? 1_555 ZN ? C ZN . ? A ZN 54 ? 1_555 O   ? I HOH . ? A HOH 156 ? 1_555 87.0  ? 
5  N7  ? A G   9  ? A G   9   ? 1_555 ZN ? C ZN . ? A ZN 54 ? 1_555 O   ? I HOH . ? A HOH 156 ? 1_555 88.8  ? 
6  O   ? I HOH .  ? A HOH 137 ? 1_555 ZN ? C ZN . ? A ZN 54 ? 1_555 O   ? I HOH . ? A HOH 156 ? 1_555 93.2  ? 
7  OP2 ? A A   8  ? A A   8   ? 1_555 ZN ? C ZN . ? A ZN 54 ? 1_555 O   ? I HOH . ? A HOH 241 ? 1_555 91.3  ? 
8  N7  ? A G   9  ? A G   9   ? 1_555 ZN ? C ZN . ? A ZN 54 ? 1_555 O   ? I HOH . ? A HOH 241 ? 1_555 83.9  ? 
9  O   ? I HOH .  ? A HOH 137 ? 1_555 ZN ? C ZN . ? A ZN 54 ? 1_555 O   ? I HOH . ? A HOH 241 ? 1_555 93.9  ? 
10 O   ? I HOH .  ? A HOH 156 ? 1_555 ZN ? C ZN . ? A ZN 54 ? 1_555 O   ? I HOH . ? A HOH 241 ? 1_555 172.6 ? 
11 OP2 ? A A   8  ? A A   8   ? 1_555 ZN ? C ZN . ? A ZN 54 ? 1_555 O   ? I HOH . ? A HOH 256 ? 1_555 165.4 ? 
12 N7  ? A G   9  ? A G   9   ? 1_555 ZN ? C ZN . ? A ZN 54 ? 1_555 O   ? I HOH . ? A HOH 256 ? 1_555 82.0  ? 
13 O   ? I HOH .  ? A HOH 137 ? 1_555 ZN ? C ZN . ? A ZN 54 ? 1_555 O   ? I HOH . ? A HOH 256 ? 1_555 103.1 ? 
14 O   ? I HOH .  ? A HOH 156 ? 1_555 ZN ? C ZN . ? A ZN 54 ? 1_555 O   ? I HOH . ? A HOH 256 ? 1_555 84.8  ? 
15 O   ? I HOH .  ? A HOH 241 ? 1_555 ZN ? C ZN . ? A ZN 54 ? 1_555 O   ? I HOH . ? A HOH 256 ? 1_555 95.3  ? 
16 O   ? I HOH .  ? A HOH 168 ? 1_555 ZN ? D ZN . ? A ZN 50 ? 1_555 O   ? I HOH . ? A HOH 319 ? 1_555 94.5  ? 
17 O   ? I HOH .  ? A HOH 168 ? 1_555 ZN ? D ZN . ? A ZN 50 ? 1_555 O   ? I HOH . ? A HOH 386 ? 1_555 170.1 ? 
18 O   ? I HOH .  ? A HOH 319 ? 1_555 ZN ? D ZN . ? A ZN 50 ? 1_555 O   ? I HOH . ? A HOH 386 ? 1_555 93.6  ? 
19 O   ? I HOH .  ? A HOH 168 ? 1_555 ZN ? D ZN . ? A ZN 50 ? 1_555 O   ? I HOH . ? A HOH 387 ? 1_555 86.3  ? 
20 O   ? I HOH .  ? A HOH 319 ? 1_555 ZN ? D ZN . ? A ZN 50 ? 1_555 O   ? I HOH . ? A HOH 387 ? 1_555 78.4  ? 
21 O   ? I HOH .  ? A HOH 386 ? 1_555 ZN ? D ZN . ? A ZN 50 ? 1_555 O   ? I HOH . ? A HOH 387 ? 1_555 100.8 ? 
22 O   ? I HOH .  ? A HOH 168 ? 1_555 ZN ? D ZN . ? A ZN 50 ? 1_555 O   ? I HOH . ? A HOH 388 ? 1_555 86.7  ? 
23 O   ? I HOH .  ? A HOH 319 ? 1_555 ZN ? D ZN . ? A ZN 50 ? 1_555 O   ? I HOH . ? A HOH 388 ? 1_555 172.9 ? 
24 O   ? I HOH .  ? A HOH 386 ? 1_555 ZN ? D ZN . ? A ZN 50 ? 1_555 O   ? I HOH . ? A HOH 388 ? 1_555 85.9  ? 
25 O   ? I HOH .  ? A HOH 387 ? 1_555 ZN ? D ZN . ? A ZN 50 ? 1_555 O   ? I HOH . ? A HOH 388 ? 1_555 94.7  ? 
26 O   ? I HOH .  ? A HOH 389 ? 1_555 ZN ? G ZN . ? B ZN 51 ? 1_555 O   ? J HOH . ? B HOH 330 ? 1_555 95.8  ? 
27 O   ? I HOH .  ? A HOH 389 ? 1_555 ZN ? G ZN . ? B ZN 51 ? 1_555 O   ? J HOH . ? B HOH 376 ? 1_555 167.6 ? 
28 O   ? J HOH .  ? B HOH 330 ? 1_555 ZN ? G ZN . ? B ZN 51 ? 1_555 O   ? J HOH . ? B HOH 376 ? 1_555 83.3  ? 
29 O   ? I HOH .  ? A HOH 389 ? 1_555 ZN ? G ZN . ? B ZN 51 ? 1_555 O   ? J HOH . ? B HOH 384 ? 1_555 92.7  ? 
30 O   ? J HOH .  ? B HOH 330 ? 1_555 ZN ? G ZN . ? B ZN 51 ? 1_555 O   ? J HOH . ? B HOH 384 ? 1_555 100.5 ? 
31 O   ? J HOH .  ? B HOH 376 ? 1_555 ZN ? G ZN . ? B ZN 51 ? 1_555 O   ? J HOH . ? B HOH 384 ? 1_555 75.4  ? 
32 O   ? I HOH .  ? A HOH 389 ? 1_555 ZN ? G ZN . ? B ZN 51 ? 1_555 O   ? J HOH . ? B HOH 385 ? 1_555 105.0 ? 
33 O   ? J HOH .  ? B HOH 330 ? 1_555 ZN ? G ZN . ? B ZN 51 ? 1_555 O   ? J HOH . ? B HOH 385 ? 1_555 76.9  ? 
34 O   ? J HOH .  ? B HOH 376 ? 1_555 ZN ? G ZN . ? B ZN 51 ? 1_555 O   ? J HOH . ? B HOH 385 ? 1_555 86.9  ? 
35 O   ? J HOH .  ? B HOH 384 ? 1_555 ZN ? G ZN . ? B ZN 51 ? 1_555 O   ? J HOH . ? B HOH 385 ? 1_555 162.3 ? 
36 O   ? I HOH .  ? A HOH 389 ? 1_555 ZN ? G ZN . ? B ZN 51 ? 1_555 O   ? J HOH . ? B HOH 390 ? 1_555 86.5  ? 
37 O   ? J HOH .  ? B HOH 330 ? 1_555 ZN ? G ZN . ? B ZN 51 ? 1_555 O   ? J HOH . ? B HOH 390 ? 1_555 174.7 ? 
38 O   ? J HOH .  ? B HOH 376 ? 1_555 ZN ? G ZN . ? B ZN 51 ? 1_555 O   ? J HOH . ? B HOH 390 ? 1_555 95.4  ? 
39 O   ? J HOH .  ? B HOH 384 ? 1_555 ZN ? G ZN . ? B ZN 51 ? 1_555 O   ? J HOH . ? B HOH 390 ? 1_555 84.1  ? 
40 O   ? J HOH .  ? B HOH 385 ? 1_555 ZN ? G ZN . ? B ZN 51 ? 1_555 O   ? J HOH . ? B HOH 390 ? 1_555 97.9  ? 
41 OP2 A B A   8  ? B A   8   ? 1_555 ZN ? E ZN . ? B ZN 53 ? 1_555 OP2 B B A   8 ? B A   8   ? 1_555 16.8  ? 
42 OP2 A B A   8  ? B A   8   ? 1_555 ZN ? E ZN . ? B ZN 53 ? 1_555 N7  A B G   9 ? B G   9   ? 1_555 91.1  ? 
43 OP2 B B A   8  ? B A   8   ? 1_555 ZN ? E ZN . ? B ZN 53 ? 1_555 N7  A B G   9 ? B G   9   ? 1_555 101.0 ? 
44 OP2 A B A   8  ? B A   8   ? 1_555 ZN ? E ZN . ? B ZN 53 ? 1_555 N7  B B G   9 ? B G   9   ? 1_555 74.0  ? 
45 OP2 B B A   8  ? B A   8   ? 1_555 ZN ? E ZN . ? B ZN 53 ? 1_555 N7  B B G   9 ? B G   9   ? 1_555 87.2  ? 
46 N7  A B G   9  ? B G   9   ? 1_555 ZN ? E ZN . ? B ZN 53 ? 1_555 N7  B B G   9 ? B G   9   ? 1_555 21.7  ? 
47 OP2 A B A   8  ? B A   8   ? 1_555 ZN ? E ZN . ? B ZN 53 ? 1_555 O   ? J HOH . ? B HOH 353 ? 1_555 102.3 ? 
48 OP2 B B A   8  ? B A   8   ? 1_555 ZN ? E ZN . ? B ZN 53 ? 1_555 O   ? J HOH . ? B HOH 353 ? 1_555 90.9  ? 
49 N7  A B G   9  ? B G   9   ? 1_555 ZN ? E ZN . ? B ZN 53 ? 1_555 O   ? J HOH . ? B HOH 353 ? 1_555 165.7 ? 
50 N7  B B G   9  ? B G   9   ? 1_555 ZN ? E ZN . ? B ZN 53 ? 1_555 O   ? J HOH . ? B HOH 353 ? 1_555 171.1 ? 
51 OP2 A B A   8  ? B A   8   ? 1_555 ZN ? E ZN . ? B ZN 53 ? 1_555 O   ? J HOH . ? B HOH 354 ? 1_555 176.7 ? 
52 OP2 B B A   8  ? B A   8   ? 1_555 ZN ? E ZN . ? B ZN 53 ? 1_555 O   ? J HOH . ? B HOH 354 ? 1_555 166.5 ? 
53 N7  A B G   9  ? B G   9   ? 1_555 ZN ? E ZN . ? B ZN 53 ? 1_555 O   ? J HOH . ? B HOH 354 ? 1_555 86.9  ? 
54 N7  B B G   9  ? B G   9   ? 1_555 ZN ? E ZN . ? B ZN 53 ? 1_555 O   ? J HOH . ? B HOH 354 ? 1_555 103.4 ? 
55 O   ? J HOH .  ? B HOH 353 ? 1_555 ZN ? E ZN . ? B ZN 53 ? 1_555 O   ? J HOH . ? B HOH 354 ? 1_555 79.9  ? 
56 OP2 A B A   8  ? B A   8   ? 1_555 ZN ? E ZN . ? B ZN 53 ? 1_555 O   ? J HOH . ? B HOH 355 ? 1_555 91.7  ? 
57 OP2 B B A   8  ? B A   8   ? 1_555 ZN ? E ZN . ? B ZN 53 ? 1_555 O   ? J HOH . ? B HOH 355 ? 1_555 103.5 ? 
58 N7  A B G   9  ? B G   9   ? 1_555 ZN ? E ZN . ? B ZN 53 ? 1_555 O   ? J HOH . ? B HOH 355 ? 1_555 98.0  ? 
59 N7  B B G   9  ? B G   9   ? 1_555 ZN ? E ZN . ? B ZN 53 ? 1_555 O   ? J HOH . ? B HOH 355 ? 1_555 85.2  ? 
60 O   ? J HOH .  ? B HOH 353 ? 1_555 ZN ? E ZN . ? B ZN 53 ? 1_555 O   ? J HOH . ? B HOH 355 ? 1_555 86.8  ? 
61 O   ? J HOH .  ? B HOH 354 ? 1_555 ZN ? E ZN . ? B ZN 53 ? 1_555 O   ? J HOH . ? B HOH 355 ? 1_555 85.9  ? 
62 OP2 A B A   8  ? B A   8   ? 1_555 ZN ? E ZN . ? B ZN 53 ? 1_555 O   ? J HOH . ? B HOH 378 ? 1_555 99.3  ? 
63 OP2 B B A   8  ? B A   8   ? 1_555 ZN ? E ZN . ? B ZN 53 ? 1_555 O   ? J HOH . ? B HOH 378 ? 1_555 86.3  ? 
64 N7  A B G   9  ? B G   9   ? 1_555 ZN ? E ZN . ? B ZN 53 ? 1_555 O   ? J HOH . ? B HOH 378 ? 1_555 86.6  ? 
65 N7  B B G   9  ? B G   9   ? 1_555 ZN ? E ZN . ? B ZN 53 ? 1_555 O   ? J HOH . ? B HOH 378 ? 1_555 102.3 ? 
66 O   ? J HOH .  ? B HOH 353 ? 1_555 ZN ? E ZN . ? B ZN 53 ? 1_555 O   ? J HOH . ? B HOH 378 ? 1_555 86.3  ? 
67 O   ? J HOH .  ? B HOH 354 ? 1_555 ZN ? E ZN . ? B ZN 53 ? 1_555 O   ? J HOH . ? B HOH 378 ? 1_555 83.3  ? 
68 O   ? J HOH .  ? B HOH 355 ? 1_555 ZN ? E ZN . ? B ZN 53 ? 1_555 O   ? J HOH . ? B HOH 378 ? 1_555 168.0 ? 
69 N7  ? B A   22 ? B A   22  ? 1_555 ZN ? F ZN . ? B ZN 55 ? 1_555 O   ? J HOH . ? B HOH 174 ? 1_555 142.8 ? 
70 O   ? J HOH .  ? B HOH 380 ? 1_555 ZN ? H ZN . ? B ZN 52 ? 1_555 O   ? J HOH . ? B HOH 381 ? 1_555 86.3  ? 
71 O   ? J HOH .  ? B HOH 380 ? 1_555 ZN ? H ZN . ? B ZN 52 ? 1_555 O   B J HOH . ? B HOH 391 ? 1_555 87.6  ? 
72 O   ? J HOH .  ? B HOH 381 ? 1_555 ZN ? H ZN . ? B ZN 52 ? 1_555 O   B J HOH . ? B HOH 391 ? 1_555 90.5  ? 
73 O   ? J HOH .  ? B HOH 380 ? 1_555 ZN ? H ZN . ? B ZN 52 ? 1_555 O   ? J HOH . ? B HOH 392 ? 1_555 115.2 ? 
74 O   ? J HOH .  ? B HOH 381 ? 1_555 ZN ? H ZN . ? B ZN 52 ? 1_555 O   ? J HOH . ? B HOH 392 ? 1_555 98.5  ? 
75 O   B J HOH .  ? B HOH 391 ? 1_555 ZN ? H ZN . ? B ZN 52 ? 1_555 O   ? J HOH . ? B HOH 392 ? 1_555 155.9 ? 
76 O   ? J HOH .  ? B HOH 380 ? 1_555 ZN ? H ZN . ? B ZN 52 ? 1_555 O   ? J HOH . ? B HOH 393 ? 1_555 92.4  ? 
77 O   ? J HOH .  ? B HOH 381 ? 1_555 ZN ? H ZN . ? B ZN 52 ? 1_555 O   ? J HOH . ? B HOH 393 ? 1_555 172.0 ? 
78 O   B J HOH .  ? B HOH 391 ? 1_555 ZN ? H ZN . ? B ZN 52 ? 1_555 O   ? J HOH . ? B HOH 393 ? 1_555 97.3  ? 
79 O   ? J HOH .  ? B HOH 392 ? 1_555 ZN ? H ZN . ? B ZN 52 ? 1_555 O   ? J HOH . ? B HOH 393 ? 1_555 74.8  ? 
# 
loop_
_struct_site.id 
_struct_site.pdbx_evidence_code 
_struct_site.pdbx_auth_asym_id 
_struct_site.pdbx_auth_comp_id 
_struct_site.pdbx_auth_seq_id 
_struct_site.pdbx_auth_ins_code 
_struct_site.pdbx_num_residues 
_struct_site.details 
AC1 Software B ZN 53 ? 6 'BINDING SITE FOR RESIDUE ZN B 53' 
AC2 Software A ZN 54 ? 6 'BINDING SITE FOR RESIDUE ZN A 54' 
AC3 Software B ZN 55 ? 2 'BINDING SITE FOR RESIDUE ZN B 55' 
AC4 Software A ZN 50 ? 5 'BINDING SITE FOR RESIDUE ZN A 50' 
AC5 Software B ZN 51 ? 6 'BINDING SITE FOR RESIDUE ZN B 51' 
AC6 Software B ZN 52 ? 5 'BINDING SITE FOR RESIDUE ZN B 52' 
# 
loop_
_struct_site_gen.id 
_struct_site_gen.site_id 
_struct_site_gen.pdbx_num_res 
_struct_site_gen.label_comp_id 
_struct_site_gen.label_asym_id 
_struct_site_gen.label_seq_id 
_struct_site_gen.pdbx_auth_ins_code 
_struct_site_gen.auth_comp_id 
_struct_site_gen.auth_asym_id 
_struct_site_gen.auth_seq_id 
_struct_site_gen.label_atom_id 
_struct_site_gen.label_alt_id 
_struct_site_gen.symmetry 
_struct_site_gen.details 
1  AC1 6 A   B 8  ? A   B 8   . ? 1_555 ? 
2  AC1 6 G   B 9  ? G   B 9   . ? 1_555 ? 
3  AC1 6 HOH J .  ? HOH B 353 . ? 1_555 ? 
4  AC1 6 HOH J .  ? HOH B 354 . ? 1_555 ? 
5  AC1 6 HOH J .  ? HOH B 355 . ? 1_555 ? 
6  AC1 6 HOH J .  ? HOH B 378 . ? 1_555 ? 
7  AC2 6 A   A 8  ? A   A 8   . ? 1_555 ? 
8  AC2 6 G   A 9  ? G   A 9   . ? 1_555 ? 
9  AC2 6 HOH I .  ? HOH A 137 . ? 1_555 ? 
10 AC2 6 HOH I .  ? HOH A 156 . ? 1_555 ? 
11 AC2 6 HOH I .  ? HOH A 241 . ? 1_555 ? 
12 AC2 6 HOH I .  ? HOH A 256 . ? 1_555 ? 
13 AC3 2 A   B 22 ? A   B 22  . ? 1_555 ? 
14 AC3 2 HOH J .  ? HOH B 174 . ? 1_555 ? 
15 AC4 5 HOH I .  ? HOH A 168 . ? 1_555 ? 
16 AC4 5 HOH I .  ? HOH A 319 . ? 1_555 ? 
17 AC4 5 HOH I .  ? HOH A 386 . ? 1_555 ? 
18 AC4 5 HOH I .  ? HOH A 387 . ? 1_555 ? 
19 AC4 5 HOH I .  ? HOH A 388 . ? 1_555 ? 
20 AC5 6 HOH I .  ? HOH A 389 . ? 1_555 ? 
21 AC5 6 HOH J .  ? HOH B 330 . ? 1_555 ? 
22 AC5 6 HOH J .  ? HOH B 376 . ? 1_555 ? 
23 AC5 6 HOH J .  ? HOH B 384 . ? 1_555 ? 
24 AC5 6 HOH J .  ? HOH B 385 . ? 1_555 ? 
25 AC5 6 HOH J .  ? HOH B 390 . ? 1_555 ? 
26 AC6 5 HOH J .  ? HOH B 380 . ? 1_555 ? 
27 AC6 5 HOH J .  ? HOH B 381 . ? 1_555 ? 
28 AC6 5 HOH J .  ? HOH B 391 . ? 1_555 ? 
29 AC6 5 HOH J .  ? HOH B 392 . ? 1_555 ? 
30 AC6 5 HOH J .  ? HOH B 393 . ? 1_555 ? 
# 
loop_
_pdbx_validate_rmsd_angle.id 
_pdbx_validate_rmsd_angle.PDB_model_num 
_pdbx_validate_rmsd_angle.auth_atom_id_1 
_pdbx_validate_rmsd_angle.auth_asym_id_1 
_pdbx_validate_rmsd_angle.auth_comp_id_1 
_pdbx_validate_rmsd_angle.auth_seq_id_1 
_pdbx_validate_rmsd_angle.PDB_ins_code_1 
_pdbx_validate_rmsd_angle.label_alt_id_1 
_pdbx_validate_rmsd_angle.auth_atom_id_2 
_pdbx_validate_rmsd_angle.auth_asym_id_2 
_pdbx_validate_rmsd_angle.auth_comp_id_2 
_pdbx_validate_rmsd_angle.auth_seq_id_2 
_pdbx_validate_rmsd_angle.PDB_ins_code_2 
_pdbx_validate_rmsd_angle.label_alt_id_2 
_pdbx_validate_rmsd_angle.auth_atom_id_3 
_pdbx_validate_rmsd_angle.auth_asym_id_3 
_pdbx_validate_rmsd_angle.auth_comp_id_3 
_pdbx_validate_rmsd_angle.auth_seq_id_3 
_pdbx_validate_rmsd_angle.PDB_ins_code_3 
_pdbx_validate_rmsd_angle.label_alt_id_3 
_pdbx_validate_rmsd_angle.angle_value 
_pdbx_validate_rmsd_angle.angle_target_value 
_pdbx_validate_rmsd_angle.angle_deviation 
_pdbx_validate_rmsd_angle.angle_standard_deviation 
_pdbx_validate_rmsd_angle.linker_flag 
1 1 "O5'" B G 4 ? ? P     B G 4 ? ? OP2   B G 4 ? ? 98.27  105.70 -7.43  0.90 N 
2 1 "C3'" B U 6 ? ? "O3'" B U 6 ? ? P     B G 7 ? B 109.96 119.70 -9.74  1.20 Y 
3 1 OP1   B G 9 ? A P     B G 9 ? A OP2   B G 9 ? A 104.56 119.60 -15.04 1.50 N 
4 1 "O5'" B G 9 ? A P     B G 9 ? A OP2   B G 9 ? A 118.59 110.70 7.89   1.20 N 
5 1 "C2'" B G 9 ? A "C3'" B G 9 ? A "O3'" B G 9 ? A 123.85 113.70 10.15  1.60 N 
# 
loop_
_pdbx_validate_planes.id 
_pdbx_validate_planes.PDB_model_num 
_pdbx_validate_planes.auth_comp_id 
_pdbx_validate_planes.auth_asym_id 
_pdbx_validate_planes.auth_seq_id 
_pdbx_validate_planes.PDB_ins_code 
_pdbx_validate_planes.label_alt_id 
_pdbx_validate_planes.rmsd 
_pdbx_validate_planes.type 
1 1 C A 1  ? ? 0.081 'SIDE CHAIN' 
2 1 G B 7  ? A 0.057 'SIDE CHAIN' 
3 1 G B 10 ? ? 0.058 'SIDE CHAIN' 
# 
loop_
_pdbx_struct_special_symmetry.id 
_pdbx_struct_special_symmetry.PDB_model_num 
_pdbx_struct_special_symmetry.auth_asym_id 
_pdbx_struct_special_symmetry.auth_comp_id 
_pdbx_struct_special_symmetry.auth_seq_id 
_pdbx_struct_special_symmetry.PDB_ins_code 
_pdbx_struct_special_symmetry.label_asym_id 
_pdbx_struct_special_symmetry.label_comp_id 
_pdbx_struct_special_symmetry.label_seq_id 
1 1 A HOH 136 ? I HOH . 
2 1 A HOH 203 ? I HOH . 
3 1 A HOH 257 ? I HOH . 
4 1 A HOH 264 ? I HOH . 
5 1 B HOH 148 ? J HOH . 
6 1 B HOH 333 ? J HOH . 
# 
loop_
_chem_comp_atom.comp_id 
_chem_comp_atom.atom_id 
_chem_comp_atom.type_symbol 
_chem_comp_atom.pdbx_aromatic_flag 
_chem_comp_atom.pdbx_stereo_config 
_chem_comp_atom.pdbx_ordinal 
A   OP3    O  N N 1   
A   P      P  N N 2   
A   OP1    O  N N 3   
A   OP2    O  N N 4   
A   "O5'"  O  N N 5   
A   "C5'"  C  N N 6   
A   "C4'"  C  N R 7   
A   "O4'"  O  N N 8   
A   "C3'"  C  N S 9   
A   "O3'"  O  N N 10  
A   "C2'"  C  N R 11  
A   "O2'"  O  N N 12  
A   "C1'"  C  N R 13  
A   N9     N  Y N 14  
A   C8     C  Y N 15  
A   N7     N  Y N 16  
A   C5     C  Y N 17  
A   C6     C  Y N 18  
A   N6     N  N N 19  
A   N1     N  Y N 20  
A   C2     C  Y N 21  
A   N3     N  Y N 22  
A   C4     C  Y N 23  
A   HOP3   H  N N 24  
A   HOP2   H  N N 25  
A   "H5'"  H  N N 26  
A   "H5''" H  N N 27  
A   "H4'"  H  N N 28  
A   "H3'"  H  N N 29  
A   "HO3'" H  N N 30  
A   "H2'"  H  N N 31  
A   "HO2'" H  N N 32  
A   "H1'"  H  N N 33  
A   H8     H  N N 34  
A   H61    H  N N 35  
A   H62    H  N N 36  
A   H2     H  N N 37  
C   OP3    O  N N 38  
C   P      P  N N 39  
C   OP1    O  N N 40  
C   OP2    O  N N 41  
C   "O5'"  O  N N 42  
C   "C5'"  C  N N 43  
C   "C4'"  C  N R 44  
C   "O4'"  O  N N 45  
C   "C3'"  C  N S 46  
C   "O3'"  O  N N 47  
C   "C2'"  C  N R 48  
C   "O2'"  O  N N 49  
C   "C1'"  C  N R 50  
C   N1     N  N N 51  
C   C2     C  N N 52  
C   O2     O  N N 53  
C   N3     N  N N 54  
C   C4     C  N N 55  
C   N4     N  N N 56  
C   C5     C  N N 57  
C   C6     C  N N 58  
C   HOP3   H  N N 59  
C   HOP2   H  N N 60  
C   "H5'"  H  N N 61  
C   "H5''" H  N N 62  
C   "H4'"  H  N N 63  
C   "H3'"  H  N N 64  
C   "HO3'" H  N N 65  
C   "H2'"  H  N N 66  
C   "HO2'" H  N N 67  
C   "H1'"  H  N N 68  
C   H41    H  N N 69  
C   H42    H  N N 70  
C   H5     H  N N 71  
C   H6     H  N N 72  
G   OP3    O  N N 73  
G   P      P  N N 74  
G   OP1    O  N N 75  
G   OP2    O  N N 76  
G   "O5'"  O  N N 77  
G   "C5'"  C  N N 78  
G   "C4'"  C  N R 79  
G   "O4'"  O  N N 80  
G   "C3'"  C  N S 81  
G   "O3'"  O  N N 82  
G   "C2'"  C  N R 83  
G   "O2'"  O  N N 84  
G   "C1'"  C  N R 85  
G   N9     N  Y N 86  
G   C8     C  Y N 87  
G   N7     N  Y N 88  
G   C5     C  Y N 89  
G   C6     C  N N 90  
G   O6     O  N N 91  
G   N1     N  N N 92  
G   C2     C  N N 93  
G   N2     N  N N 94  
G   N3     N  N N 95  
G   C4     C  Y N 96  
G   HOP3   H  N N 97  
G   HOP2   H  N N 98  
G   "H5'"  H  N N 99  
G   "H5''" H  N N 100 
G   "H4'"  H  N N 101 
G   "H3'"  H  N N 102 
G   "HO3'" H  N N 103 
G   "H2'"  H  N N 104 
G   "HO2'" H  N N 105 
G   "H1'"  H  N N 106 
G   H8     H  N N 107 
G   H1     H  N N 108 
G   H21    H  N N 109 
G   H22    H  N N 110 
HOH O      O  N N 111 
HOH H1     H  N N 112 
HOH H2     H  N N 113 
U   OP3    O  N N 114 
U   P      P  N N 115 
U   OP1    O  N N 116 
U   OP2    O  N N 117 
U   "O5'"  O  N N 118 
U   "C5'"  C  N N 119 
U   "C4'"  C  N R 120 
U   "O4'"  O  N N 121 
U   "C3'"  C  N S 122 
U   "O3'"  O  N N 123 
U   "C2'"  C  N R 124 
U   "O2'"  O  N N 125 
U   "C1'"  C  N R 126 
U   N1     N  N N 127 
U   C2     C  N N 128 
U   O2     O  N N 129 
U   N3     N  N N 130 
U   C4     C  N N 131 
U   O4     O  N N 132 
U   C5     C  N N 133 
U   C6     C  N N 134 
U   HOP3   H  N N 135 
U   HOP2   H  N N 136 
U   "H5'"  H  N N 137 
U   "H5''" H  N N 138 
U   "H4'"  H  N N 139 
U   "H3'"  H  N N 140 
U   "HO3'" H  N N 141 
U   "H2'"  H  N N 142 
U   "HO2'" H  N N 143 
U   "H1'"  H  N N 144 
U   H3     H  N N 145 
U   H5     H  N N 146 
U   H6     H  N N 147 
ZN  ZN     ZN N N 148 
# 
loop_
_chem_comp_bond.comp_id 
_chem_comp_bond.atom_id_1 
_chem_comp_bond.atom_id_2 
_chem_comp_bond.value_order 
_chem_comp_bond.pdbx_aromatic_flag 
_chem_comp_bond.pdbx_stereo_config 
_chem_comp_bond.pdbx_ordinal 
A   OP3   P      sing N N 1   
A   OP3   HOP3   sing N N 2   
A   P     OP1    doub N N 3   
A   P     OP2    sing N N 4   
A   P     "O5'"  sing N N 5   
A   OP2   HOP2   sing N N 6   
A   "O5'" "C5'"  sing N N 7   
A   "C5'" "C4'"  sing N N 8   
A   "C5'" "H5'"  sing N N 9   
A   "C5'" "H5''" sing N N 10  
A   "C4'" "O4'"  sing N N 11  
A   "C4'" "C3'"  sing N N 12  
A   "C4'" "H4'"  sing N N 13  
A   "O4'" "C1'"  sing N N 14  
A   "C3'" "O3'"  sing N N 15  
A   "C3'" "C2'"  sing N N 16  
A   "C3'" "H3'"  sing N N 17  
A   "O3'" "HO3'" sing N N 18  
A   "C2'" "O2'"  sing N N 19  
A   "C2'" "C1'"  sing N N 20  
A   "C2'" "H2'"  sing N N 21  
A   "O2'" "HO2'" sing N N 22  
A   "C1'" N9     sing N N 23  
A   "C1'" "H1'"  sing N N 24  
A   N9    C8     sing Y N 25  
A   N9    C4     sing Y N 26  
A   C8    N7     doub Y N 27  
A   C8    H8     sing N N 28  
A   N7    C5     sing Y N 29  
A   C5    C6     sing Y N 30  
A   C5    C4     doub Y N 31  
A   C6    N6     sing N N 32  
A   C6    N1     doub Y N 33  
A   N6    H61    sing N N 34  
A   N6    H62    sing N N 35  
A   N1    C2     sing Y N 36  
A   C2    N3     doub Y N 37  
A   C2    H2     sing N N 38  
A   N3    C4     sing Y N 39  
C   OP3   P      sing N N 40  
C   OP3   HOP3   sing N N 41  
C   P     OP1    doub N N 42  
C   P     OP2    sing N N 43  
C   P     "O5'"  sing N N 44  
C   OP2   HOP2   sing N N 45  
C   "O5'" "C5'"  sing N N 46  
C   "C5'" "C4'"  sing N N 47  
C   "C5'" "H5'"  sing N N 48  
C   "C5'" "H5''" sing N N 49  
C   "C4'" "O4'"  sing N N 50  
C   "C4'" "C3'"  sing N N 51  
C   "C4'" "H4'"  sing N N 52  
C   "O4'" "C1'"  sing N N 53  
C   "C3'" "O3'"  sing N N 54  
C   "C3'" "C2'"  sing N N 55  
C   "C3'" "H3'"  sing N N 56  
C   "O3'" "HO3'" sing N N 57  
C   "C2'" "O2'"  sing N N 58  
C   "C2'" "C1'"  sing N N 59  
C   "C2'" "H2'"  sing N N 60  
C   "O2'" "HO2'" sing N N 61  
C   "C1'" N1     sing N N 62  
C   "C1'" "H1'"  sing N N 63  
C   N1    C2     sing N N 64  
C   N1    C6     sing N N 65  
C   C2    O2     doub N N 66  
C   C2    N3     sing N N 67  
C   N3    C4     doub N N 68  
C   C4    N4     sing N N 69  
C   C4    C5     sing N N 70  
C   N4    H41    sing N N 71  
C   N4    H42    sing N N 72  
C   C5    C6     doub N N 73  
C   C5    H5     sing N N 74  
C   C6    H6     sing N N 75  
G   OP3   P      sing N N 76  
G   OP3   HOP3   sing N N 77  
G   P     OP1    doub N N 78  
G   P     OP2    sing N N 79  
G   P     "O5'"  sing N N 80  
G   OP2   HOP2   sing N N 81  
G   "O5'" "C5'"  sing N N 82  
G   "C5'" "C4'"  sing N N 83  
G   "C5'" "H5'"  sing N N 84  
G   "C5'" "H5''" sing N N 85  
G   "C4'" "O4'"  sing N N 86  
G   "C4'" "C3'"  sing N N 87  
G   "C4'" "H4'"  sing N N 88  
G   "O4'" "C1'"  sing N N 89  
G   "C3'" "O3'"  sing N N 90  
G   "C3'" "C2'"  sing N N 91  
G   "C3'" "H3'"  sing N N 92  
G   "O3'" "HO3'" sing N N 93  
G   "C2'" "O2'"  sing N N 94  
G   "C2'" "C1'"  sing N N 95  
G   "C2'" "H2'"  sing N N 96  
G   "O2'" "HO2'" sing N N 97  
G   "C1'" N9     sing N N 98  
G   "C1'" "H1'"  sing N N 99  
G   N9    C8     sing Y N 100 
G   N9    C4     sing Y N 101 
G   C8    N7     doub Y N 102 
G   C8    H8     sing N N 103 
G   N7    C5     sing Y N 104 
G   C5    C6     sing N N 105 
G   C5    C4     doub Y N 106 
G   C6    O6     doub N N 107 
G   C6    N1     sing N N 108 
G   N1    C2     sing N N 109 
G   N1    H1     sing N N 110 
G   C2    N2     sing N N 111 
G   C2    N3     doub N N 112 
G   N2    H21    sing N N 113 
G   N2    H22    sing N N 114 
G   N3    C4     sing N N 115 
HOH O     H1     sing N N 116 
HOH O     H2     sing N N 117 
U   OP3   P      sing N N 118 
U   OP3   HOP3   sing N N 119 
U   P     OP1    doub N N 120 
U   P     OP2    sing N N 121 
U   P     "O5'"  sing N N 122 
U   OP2   HOP2   sing N N 123 
U   "O5'" "C5'"  sing N N 124 
U   "C5'" "C4'"  sing N N 125 
U   "C5'" "H5'"  sing N N 126 
U   "C5'" "H5''" sing N N 127 
U   "C4'" "O4'"  sing N N 128 
U   "C4'" "C3'"  sing N N 129 
U   "C4'" "H4'"  sing N N 130 
U   "O4'" "C1'"  sing N N 131 
U   "C3'" "O3'"  sing N N 132 
U   "C3'" "C2'"  sing N N 133 
U   "C3'" "H3'"  sing N N 134 
U   "O3'" "HO3'" sing N N 135 
U   "C2'" "O2'"  sing N N 136 
U   "C2'" "C1'"  sing N N 137 
U   "C2'" "H2'"  sing N N 138 
U   "O2'" "HO2'" sing N N 139 
U   "C1'" N1     sing N N 140 
U   "C1'" "H1'"  sing N N 141 
U   N1    C2     sing N N 142 
U   N1    C6     sing N N 143 
U   C2    O2     doub N N 144 
U   C2    N3     sing N N 145 
U   N3    C4     sing N N 146 
U   N3    H3     sing N N 147 
U   C4    O4     doub N N 148 
U   C4    C5     sing N N 149 
U   C5    C6     doub N N 150 
U   C5    H5     sing N N 151 
U   C6    H6     sing N N 152 
# 
loop_
_ndb_struct_conf_na.entry_id 
_ndb_struct_conf_na.feature 
1NLC 'double helix'         
1NLC 'a-form double helix'  
1NLC 'bulge loop'           
1NLC 'mismatched base pair' 
# 
loop_
_ndb_struct_na_base_pair.model_number 
_ndb_struct_na_base_pair.i_label_asym_id 
_ndb_struct_na_base_pair.i_label_comp_id 
_ndb_struct_na_base_pair.i_label_seq_id 
_ndb_struct_na_base_pair.i_symmetry 
_ndb_struct_na_base_pair.j_label_asym_id 
_ndb_struct_na_base_pair.j_label_comp_id 
_ndb_struct_na_base_pair.j_label_seq_id 
_ndb_struct_na_base_pair.j_symmetry 
_ndb_struct_na_base_pair.shear 
_ndb_struct_na_base_pair.stretch 
_ndb_struct_na_base_pair.stagger 
_ndb_struct_na_base_pair.buckle 
_ndb_struct_na_base_pair.propeller 
_ndb_struct_na_base_pair.opening 
_ndb_struct_na_base_pair.pair_number 
_ndb_struct_na_base_pair.pair_name 
_ndb_struct_na_base_pair.i_auth_asym_id 
_ndb_struct_na_base_pair.i_auth_seq_id 
_ndb_struct_na_base_pair.i_PDB_ins_code 
_ndb_struct_na_base_pair.j_auth_asym_id 
_ndb_struct_na_base_pair.j_auth_seq_id 
_ndb_struct_na_base_pair.j_PDB_ins_code 
_ndb_struct_na_base_pair.hbond_type_28 
_ndb_struct_na_base_pair.hbond_type_12 
1 A C 1  1_555 B G 23 1_555 0.132  -0.087 -0.281 20.635  -26.168 -0.986  1  A_C1:G23_B  A 1  ? B 23 ? 19 1 
1 A U 2  1_555 B A 22 1_555 0.082  -0.246 -0.031 2.311   -21.085 5.107   2  A_U2:A22_B  A 2  ? B 22 ? 20 1 
1 A U 3  1_555 B A 21 1_555 -0.091 -0.215 -0.099 4.777   -17.915 4.025   3  A_U3:A21_B  A 3  ? B 21 ? 20 1 
1 A G 4  1_555 B C 20 1_555 0.044  -0.131 0.130  -5.069  -15.017 1.314   4  A_G4:C20_B  A 4  ? B 20 ? 19 1 
1 A C 5  1_555 B G 19 1_555 0.262  -0.188 0.042  -5.373  -15.986 -1.592  5  A_C5:G19_B  A 5  ? B 19 ? 19 1 
1 A U 6  1_555 B A 18 1_555 0.060  -0.141 0.361  -7.417  -9.321  2.208   6  A_U6:A18_B  A 6  ? B 18 ? 20 1 
1 A G 7  1_555 B C 17 1_555 -0.267 -0.185 -0.208 -5.167  -18.322 1.667   7  A_G7:C17_B  A 7  ? B 17 ? 19 1 
1 A G 9  1_555 B A 16 1_555 -0.200 1.493  -0.388 23.596  -24.708 -10.386 8  A_G9:A16_B  A 9  ? B 16 ? 8  ? 
1 A G 10 1_555 B C 15 1_555 -0.284 -0.083 -0.040 -8.056  -10.709 3.032   9  A_G10:C15_B A 10 ? B 15 ? 19 1 
1 A U 11 1_555 B A 14 1_555 -0.423 0.074  0.038  -1.339  -15.404 1.835   10 A_U11:A14_B A 11 ? B 14 ? 20 1 
1 A G 12 1_555 B C 13 1_555 -0.306 -0.130 0.330  -5.081  -12.620 -1.723  11 A_G12:C13_B A 12 ? B 13 ? 19 1 
1 A C 13 1_555 B G 12 1_555 -0.194 -0.184 0.322  -1.830  -9.836  -1.940  12 A_C13:G12_B A 13 ? B 12 ? 19 1 
1 A A 14 1_555 B U 11 1_555 0.240  -0.061 0.362  6.686   -10.562 2.087   13 A_A14:U11_B A 14 ? B 11 ? 20 1 
1 A C 15 1_555 B G 10 1_555 0.214  -0.066 0.314  3.532   -13.428 1.156   14 A_C15:G10_B A 15 ? B 10 ? 19 1 
1 A A 16 1_555 B G 9  1_555 -0.075 1.385  -0.358 -21.322 -25.391 -13.347 15 A_A16:G9_B  A 16 ? B 9  ? 8  ? 
1 A C 17 1_555 B G 7  1_555 0.260  -0.033 -0.220 4.350   -10.039 -1.862  16 A_C17:G7_B  A 17 ? B 7  ? 19 1 
1 A A 18 1_555 B U 6  1_555 0.112  -0.170 0.314  10.104  -9.374  2.190   17 A_A18:U6_B  A 18 ? B 6  ? 20 1 
1 A G 19 1_555 B C 5  1_555 -0.094 -0.231 0.183  4.628   -21.334 -0.160  18 A_G19:C5_B  A 19 ? B 5  ? 19 1 
1 A C 20 1_555 B G 4  1_555 0.483  -0.116 0.016  0.744   -18.374 4.497   19 A_C20:G4_B  A 20 ? B 4  ? 19 1 
1 A A 21 1_555 B U 3  1_555 -0.099 -0.121 -0.080 -2.535  -11.874 7.056   20 A_A21:U3_B  A 21 ? B 3  ? 20 1 
1 A A 22 1_555 B U 2  1_555 -0.006 -0.136 0.288  4.994   -10.834 5.995   21 A_A22:U2_B  A 22 ? B 2  ? 20 1 
1 A G 23 1_555 B C 1  1_555 -0.229 -0.297 -0.004 1.482   -21.738 -0.309  22 A_G23:C1_B  A 23 ? B 1  ? 19 1 
# 
loop_
_ndb_struct_na_base_pair_step.model_number 
_ndb_struct_na_base_pair_step.i_label_asym_id_1 
_ndb_struct_na_base_pair_step.i_label_comp_id_1 
_ndb_struct_na_base_pair_step.i_label_seq_id_1 
_ndb_struct_na_base_pair_step.i_symmetry_1 
_ndb_struct_na_base_pair_step.j_label_asym_id_1 
_ndb_struct_na_base_pair_step.j_label_comp_id_1 
_ndb_struct_na_base_pair_step.j_label_seq_id_1 
_ndb_struct_na_base_pair_step.j_symmetry_1 
_ndb_struct_na_base_pair_step.i_label_asym_id_2 
_ndb_struct_na_base_pair_step.i_label_comp_id_2 
_ndb_struct_na_base_pair_step.i_label_seq_id_2 
_ndb_struct_na_base_pair_step.i_symmetry_2 
_ndb_struct_na_base_pair_step.j_label_asym_id_2 
_ndb_struct_na_base_pair_step.j_label_comp_id_2 
_ndb_struct_na_base_pair_step.j_label_seq_id_2 
_ndb_struct_na_base_pair_step.j_symmetry_2 
_ndb_struct_na_base_pair_step.shift 
_ndb_struct_na_base_pair_step.slide 
_ndb_struct_na_base_pair_step.rise 
_ndb_struct_na_base_pair_step.tilt 
_ndb_struct_na_base_pair_step.roll 
_ndb_struct_na_base_pair_step.twist 
_ndb_struct_na_base_pair_step.x_displacement 
_ndb_struct_na_base_pair_step.y_displacement 
_ndb_struct_na_base_pair_step.helical_rise 
_ndb_struct_na_base_pair_step.inclination 
_ndb_struct_na_base_pair_step.tip 
_ndb_struct_na_base_pair_step.helical_twist 
_ndb_struct_na_base_pair_step.step_number 
_ndb_struct_na_base_pair_step.step_name 
_ndb_struct_na_base_pair_step.i_auth_asym_id_1 
_ndb_struct_na_base_pair_step.i_auth_seq_id_1 
_ndb_struct_na_base_pair_step.i_PDB_ins_code_1 
_ndb_struct_na_base_pair_step.j_auth_asym_id_1 
_ndb_struct_na_base_pair_step.j_auth_seq_id_1 
_ndb_struct_na_base_pair_step.j_PDB_ins_code_1 
_ndb_struct_na_base_pair_step.i_auth_asym_id_2 
_ndb_struct_na_base_pair_step.i_auth_seq_id_2 
_ndb_struct_na_base_pair_step.i_PDB_ins_code_2 
_ndb_struct_na_base_pair_step.j_auth_asym_id_2 
_ndb_struct_na_base_pair_step.j_auth_seq_id_2 
_ndb_struct_na_base_pair_step.j_PDB_ins_code_2 
1 A C 1  1_555 B G 23 1_555 A U 2  1_555 B A 22 1_555 -0.407 -1.468 3.685 -6.203 16.319 35.821 -4.155 -0.160 2.814 24.801 9.427   
39.723 1  AA_C1U2:A22G23_BB   A 1  ? B 23 ? A 2  ? B 22 ? 
1 A U 2  1_555 B A 22 1_555 A U 3  1_555 B A 21 1_555 -0.129 -0.970 3.105 -2.054 6.920  31.219 -2.906 -0.108 2.832 12.648 3.753   
32.022 2  AA_U2U3:A21A22_BB   A 2  ? B 22 ? A 3  ? B 21 ? 
1 A U 3  1_555 B A 21 1_555 A G 4  1_555 B C 20 1_555 0.324  -1.810 3.409 -1.814 13.193 34.063 -4.611 -0.754 2.538 21.528 2.960   
36.502 3  AA_U3G4:C20A21_BB   A 3  ? B 21 ? A 4  ? B 20 ? 
1 A G 4  1_555 B C 20 1_555 A C 5  1_555 B G 19 1_555 -0.685 -1.436 3.118 0.351  9.622  32.686 -3.821 1.221  2.596 16.652 -0.608  
34.038 4  AA_G4C5:G19C20_BB   A 4  ? B 20 ? A 5  ? B 19 ? 
1 A C 5  1_555 B G 19 1_555 A U 6  1_555 B A 18 1_555 0.523  -1.180 3.323 -0.834 7.226  30.502 -3.510 -1.121 2.957 13.495 1.557   
31.338 5  AA_C5U6:A18G19_BB   A 5  ? B 19 ? A 6  ? B 18 ? 
1 A U 6  1_555 B A 18 1_555 A G 7  1_555 B C 17 1_555 0.780  -1.314 3.078 7.191  15.304 29.807 -4.364 -0.328 2.279 27.176 -12.768 
34.175 6  AA_U6G7:C17A18_BB   A 6  ? B 18 ? A 7  ? B 17 ? 
1 A G 7  1_555 B C 17 1_555 A G 9  1_555 B A 16 1_555 -1.803 0.111  2.688 3.932  3.667  40.389 -0.164 2.937  2.509 5.282  -5.664  
40.731 7  AA_G7G9:A16C17_BB   A 7  ? B 17 ? A 9  ? B 16 ? 
1 A G 9  1_555 B A 16 1_555 A G 10 1_555 B C 15 1_555 0.076  -2.246 3.720 -7.380 17.832 35.255 -5.294 -0.944 2.309 27.084 11.209  
40.044 8  AA_G9G10:C15A16_BB  A 9  ? B 16 ? A 10 ? B 15 ? 
1 A G 10 1_555 B C 15 1_555 A U 11 1_555 B A 14 1_555 -0.522 -1.397 3.010 -0.038 2.379  32.497 -2.865 0.925  2.904 4.244  0.067   
32.582 9  AA_G10U11:A14C15_BB A 10 ? B 15 ? A 11 ? B 14 ? 
1 A U 11 1_555 B A 14 1_555 A G 12 1_555 B C 13 1_555 0.611  -1.768 3.274 -0.881 9.343  31.397 -4.625 -1.225 2.636 16.800 1.584   
32.736 10 AA_U11G12:C13A14_BB A 11 ? B 14 ? A 12 ? B 13 ? 
1 A G 12 1_555 B C 13 1_555 A C 13 1_555 B G 12 1_555 -0.292 -1.748 3.195 -0.769 3.057  29.416 -4.039 0.417  3.009 5.998  1.508   
29.580 11 AA_G12C13:G12C13_BB A 12 ? B 13 ? A 13 ? B 12 ? 
1 A C 13 1_555 B G 12 1_555 A A 14 1_555 B U 11 1_555 0.038  -1.513 2.780 -2.144 6.752  32.310 -3.577 -0.358 2.416 11.955 3.796   
33.058 12 AA_C13A14:U11G12_BB A 13 ? B 12 ? A 14 ? B 11 ? 
1 A A 14 1_555 B U 11 1_555 A C 15 1_555 B G 10 1_555 0.368  -1.701 3.361 2.247  1.005  32.591 -3.201 -0.256 3.325 1.788  -3.997  
32.681 13 AA_A14C15:G10U11_BB A 14 ? B 11 ? A 15 ? B 10 ? 
1 A C 15 1_555 B G 10 1_555 A A 16 1_555 B G 9  1_555 -0.514 -2.076 3.407 7.777  14.788 35.013 -4.784 1.644  2.226 23.030 -12.111 
38.683 14 AA_C15A16:G9G10_BB  A 15 ? B 10 ? A 16 ? B 9  ? 
1 A A 16 1_555 B G 9  1_555 A C 17 1_555 B G 7  1_555 1.282  -0.086 3.135 -9.711 -4.222 38.567 0.318  -2.900 2.740 -6.250 14.375  
39.941 15 AA_A16C17:G7G9_BB   A 16 ? B 9  ? A 17 ? B 7  ? 
1 A C 17 1_555 B G 7  1_555 A A 18 1_555 B U 6  1_555 -0.122 -1.199 2.883 -2.684 14.911 30.959 -3.905 -0.132 2.105 26.068 4.692   
34.386 16 AA_C17A18:U6G7_BB   A 17 ? B 7  ? A 18 ? B 6  ? 
1 A A 18 1_555 B U 6  1_555 A G 19 1_555 B C 5  1_555 0.257  -1.213 3.417 1.546  10.338 31.119 -3.910 -0.191 2.886 18.623 -2.785  
32.787 17 AA_A18G19:C5U6_BB   A 18 ? B 6  ? A 19 ? B 5  ? 
1 A G 19 1_555 B C 5  1_555 A C 20 1_555 B G 4  1_555 0.802  -1.585 3.318 2.628  4.359  37.370 -3.015 -0.902 3.167 6.764  -4.078  
37.703 18 AA_G19C20:G4C5_BB   A 19 ? B 5  ? A 20 ? B 4  ? 
1 A C 20 1_555 B G 4  1_555 A A 21 1_555 B U 3  1_555 -0.763 -1.543 3.240 0.461  12.738 27.815 -5.183 1.530  2.315 24.909 -0.902  
30.544 19 AA_C20A21:U3G4_BB   A 20 ? B 4  ? A 21 ? B 3  ? 
1 A A 21 1_555 B U 3  1_555 A A 22 1_555 B U 2  1_555 -0.246 -0.767 3.032 -1.502 9.560  31.023 -2.875 0.204  2.692 17.351 2.727   
32.462 20 AA_A21A22:U2U3_BB   A 21 ? B 3  ? A 22 ? B 2  ? 
1 A A 22 1_555 B U 2  1_555 A G 23 1_555 B C 1  1_555 0.364  -1.227 3.336 4.216  12.121 32.216 -3.862 0.015  2.736 20.840 -7.249  
34.615 21 AA_A22G23:C1U2_BB   A 22 ? B 2  ? A 23 ? B 1  ? 
# 
_atom_sites.entry_id                    1NLC 
_atom_sites.fract_transf_matrix[1][1]   0.01053734 
_atom_sites.fract_transf_matrix[1][2]   -0.01169374 
_atom_sites.fract_transf_matrix[1][3]   -0.01144424 
_atom_sites.fract_transf_matrix[2][1]   0.01223865 
_atom_sites.fract_transf_matrix[2][2]   0.00762449 
_atom_sites.fract_transf_matrix[2][3]   -0.01306955 
_atom_sites.fract_transf_matrix[3][1]   0.01149439 
_atom_sites.fract_transf_matrix[3][2]   -0.00011220 
_atom_sites.fract_transf_matrix[3][3]   0.01069816 
_atom_sites.fract_transf_vector[1]      1.195306 
_atom_sites.fract_transf_vector[2]      0.252221 
_atom_sites.fract_transf_vector[3]      0.308685 
# 
loop_
_atom_type.symbol 
C  
N  
O  
P  
ZN 
# 
loop_
_atom_site.group_PDB 
_atom_site.id 
_atom_site.type_symbol 
_atom_site.label_atom_id 
_atom_site.label_alt_id 
_atom_site.label_comp_id 
_atom_site.label_asym_id 
_atom_site.label_entity_id 
_atom_site.label_seq_id 
_atom_site.pdbx_PDB_ins_code 
_atom_site.Cartn_x 
_atom_site.Cartn_y 
_atom_site.Cartn_z 
_atom_site.occupancy 
_atom_site.B_iso_or_equiv 
_atom_site.pdbx_formal_charge 
_atom_site.auth_seq_id 
_atom_site.auth_comp_id 
_atom_site.auth_asym_id 
_atom_site.auth_atom_id 
_atom_site.pdbx_PDB_model_num 
ATOM   1    O  "O5'" . C   A 1 1  ? 9.606   -23.298 -1.927  1.00 35.48 ? 1   C   A "O5'" 1 
ATOM   2    C  "C5'" . C   A 1 1  ? 10.521  -23.477 -0.800  1.00 35.34 ? 1   C   A "C5'" 1 
ATOM   3    C  "C4'" . C   A 1 1  ? 11.911  -23.879 -1.258  1.00 35.22 ? 1   C   A "C4'" 1 
ATOM   4    O  "O4'" . C   A 1 1  ? 11.813  -25.077 -2.078  1.00 35.16 ? 1   C   A "O4'" 1 
ATOM   5    C  "C3'" . C   A 1 1  ? 12.642  -22.883 -2.151  1.00 35.12 ? 1   C   A "C3'" 1 
ATOM   6    O  "O3'" . C   A 1 1  ? 13.316  -21.898 -1.402  1.00 35.05 ? 1   C   A "O3'" 1 
ATOM   7    C  "C2'" . C   A 1 1  ? 13.647  -23.780 -2.847  1.00 35.11 ? 1   C   A "C2'" 1 
ATOM   8    O  "O2'" . C   A 1 1  ? 14.743  -24.133 -2.000  1.00 35.08 ? 1   C   A "O2'" 1 
ATOM   9    C  "C1'" . C   A 1 1  ? 12.793  -25.029 -3.091  1.00 35.08 ? 1   C   A "C1'" 1 
ATOM   10   N  N1    . C   A 1 1  ? 12.116  -25.023 -4.389  1.00 35.01 ? 1   C   A N1    1 
ATOM   11   C  C2    . C   A 1 1  ? 12.880  -25.245 -5.537  1.00 34.97 ? 1   C   A C2    1 
ATOM   12   O  O2    . C   A 1 1  ? 14.142  -25.227 -5.440  1.00 34.91 ? 1   C   A O2    1 
ATOM   13   N  N3    . C   A 1 1  ? 12.238  -25.431 -6.718  1.00 34.92 ? 1   C   A N3    1 
ATOM   14   C  C4    . C   A 1 1  ? 10.911  -25.294 -6.780  1.00 34.90 ? 1   C   A C4    1 
ATOM   15   N  N4    . C   A 1 1  ? 10.320  -25.495 -7.942  1.00 34.84 ? 1   C   A N4    1 
ATOM   16   C  C5    . C   A 1 1  ? 10.133  -24.952 -5.641  1.00 34.91 ? 1   C   A C5    1 
ATOM   17   C  C6    . C   A 1 1  ? 10.768  -24.846 -4.476  1.00 34.99 ? 1   C   A C6    1 
ATOM   18   P  P     . U   A 1 2  ? 13.095  -20.333 -1.725  1.00 35.05 ? 2   U   A P     1 
ATOM   19   O  OP1   . U   A 1 2  ? 13.682  -19.554 -0.595  1.00 34.96 ? 2   U   A OP1   1 
ATOM   20   O  OP2   . U   A 1 2  ? 11.648  -20.174 -2.008  1.00 34.98 ? 2   U   A OP2   1 
ATOM   21   O  "O5'" . U   A 1 2  ? 14.059  -20.126 -2.955  1.00 35.00 ? 2   U   A "O5'" 1 
ATOM   22   C  "C5'" . U   A 1 2  ? 15.453  -20.256 -2.758  1.00 35.01 ? 2   U   A "C5'" 1 
ATOM   23   C  "C4'" . U   A 1 2  ? 16.163  -20.110 -4.055  1.00 35.08 ? 2   U   A "C4'" 1 
ATOM   24   O  "O4'" . U   A 1 2  ? 15.868  -21.273 -4.874  1.00 35.13 ? 2   U   A "O4'" 1 
ATOM   25   C  "C3'" . U   A 1 2  ? 15.681  -18.962 -4.905  1.00 35.10 ? 2   U   A "C3'" 1 
ATOM   26   O  "O3'" . U   A 1 2  ? 16.198  -17.721 -4.409  1.00 35.18 ? 2   U   A "O3'" 1 
ATOM   27   C  "C2'" . U   A 1 2  ? 16.164  -19.407 -6.283  1.00 35.09 ? 2   U   A "C2'" 1 
ATOM   28   O  "O2'" . U   A 1 2  ? 17.585  -19.372 -6.438  1.00 35.13 ? 2   U   A "O2'" 1 
ATOM   29   C  "C1'" . U   A 1 2  ? 15.813  -20.886 -6.235  1.00 35.10 ? 2   U   A "C1'" 1 
ATOM   30   N  N1    . U   A 1 2  ? 14.472  -21.224 -6.721  1.00 35.10 ? 2   U   A N1    1 
ATOM   31   C  C2    . U   A 1 2  ? 14.322  -21.359 -8.057  1.00 35.08 ? 2   U   A C2    1 
ATOM   32   O  O2    . U   A 1 2  ? 15.241  -21.143 -8.836  1.00 35.08 ? 2   U   A O2    1 
ATOM   33   N  N3    . U   A 1 2  ? 13.069  -21.765 -8.462  1.00 35.05 ? 2   U   A N3    1 
ATOM   34   C  C4    . U   A 1 2  ? 11.986  -22.033 -7.645  1.00 35.05 ? 2   U   A C4    1 
ATOM   35   O  O4    . U   A 1 2  ? 10.950  -22.453 -8.137  1.00 34.93 ? 2   U   A O4    1 
ATOM   36   C  C5    . U   A 1 2  ? 12.226  -21.823 -6.245  1.00 35.08 ? 2   U   A C5    1 
ATOM   37   C  C6    . U   A 1 2  ? 13.427  -21.429 -5.846  1.00 35.12 ? 2   U   A C6    1 
ATOM   38   P  P     . U   A 1 3  ? 15.313  -16.366 -4.496  1.00 35.18 ? 3   U   A P     1 
ATOM   39   O  OP1   . U   A 1 3  ? 16.171  -15.316 -3.840  1.00 35.21 ? 3   U   A OP1   1 
ATOM   40   O  OP2   . U   A 1 3  ? 13.912  -16.507 -4.083  1.00 35.16 ? 3   U   A OP2   1 
ATOM   41   O  "O5'" . U   A 1 3  ? 15.325  -16.035 -6.034  1.00 35.07 ? 3   U   A "O5'" 1 
ATOM   42   C  "C5'" . U   A 1 3  ? 16.572  -15.673 -6.640  1.00 34.88 ? 3   U   A "C5'" 1 
ATOM   43   C  "C4'" . U   A 1 3  ? 16.454  -15.728 -8.112  1.00 34.73 ? 3   U   A "C4'" 1 
ATOM   44   O  "O4'" . U   A 1 3  ? 16.186  -17.082 -8.536  1.00 34.74 ? 3   U   A "O4'" 1 
ATOM   45   C  "C3'" . U   A 1 3  ? 15.278  -14.949 -8.660  1.00 34.63 ? 3   U   A "C3'" 1 
ATOM   46   O  "O3'" . U   A 1 3  ? 15.569  -13.552 -8.704  1.00 34.46 ? 3   U   A "O3'" 1 
ATOM   47   C  "C2'" . U   A 1 3  ? 15.197  -15.563 -10.039 1.00 34.66 ? 3   U   A "C2'" 1 
ATOM   48   O  "O2'" . U   A 1 3  ? 16.285  -15.129 -10.836 1.00 34.72 ? 3   U   A "O2'" 1 
ATOM   49   C  "C1'" . U   A 1 3  ? 15.376  -17.045 -9.697  1.00 34.69 ? 3   U   A "C1'" 1 
ATOM   50   N  N1    . U   A 1 3  ? 14.069  -17.664 -9.378  1.00 34.69 ? 3   U   A N1    1 
ATOM   51   C  C2    . U   A 1 3  ? 13.322  -18.115 -10.430 1.00 34.68 ? 3   U   A C2    1 
ATOM   52   O  O2    . U   A 1 3  ? 13.678  -17.994 -11.586 1.00 34.73 ? 3   U   A O2    1 
ATOM   53   N  N3    . U   A 1 3  ? 12.134  -18.698 -10.098 1.00 34.68 ? 3   U   A N3    1 
ATOM   54   C  C4    . U   A 1 3  ? 11.615  -18.852 -8.834  1.00 34.66 ? 3   U   A C4    1 
ATOM   55   O  O4    . U   A 1 3  ? 10.490  -19.276 -8.716  1.00 34.58 ? 3   U   A O4    1 
ATOM   56   C  C5    . U   A 1 3  ? 12.450  -18.354 -7.769  1.00 34.67 ? 3   U   A C5    1 
ATOM   57   C  C6    . U   A 1 3  ? 13.616  -17.781 -8.072  1.00 34.69 ? 3   U   A C6    1 
ATOM   58   P  P     . G   A 1 4  ? 14.403  -12.476 -8.494  1.00 34.29 ? 4   G   A P     1 
ATOM   59   O  OP1   . G   A 1 4  ? 15.005  -11.104 -8.423  1.00 34.31 ? 4   G   A OP1   1 
ATOM   60   O  OP2   . G   A 1 4  ? 13.508  -12.923 -7.357  1.00 34.25 ? 4   G   A OP2   1 
ATOM   61   O  "O5'" . G   A 1 4  ? 13.554  -12.534 -9.850  1.00 34.09 ? 4   G   A "O5'" 1 
ATOM   62   C  "C5'" . G   A 1 4  ? 14.159  -12.284 -11.113 1.00 33.78 ? 4   G   A "C5'" 1 
ATOM   63   C  "C4'" . G   A 1 4  ? 13.236  -12.682 -12.223 1.00 33.55 ? 4   G   A "C4'" 1 
ATOM   64   O  "O4'" . G   A 1 4  ? 13.005  -14.108 -12.165 1.00 33.55 ? 4   G   A "O4'" 1 
ATOM   65   C  "C3'" . G   A 1 4  ? 11.824  -12.128 -12.204 1.00 33.40 ? 4   G   A "C3'" 1 
ATOM   66   O  "O3'" . G   A 1 4  ? 11.764  -10.788 -12.678 1.00 33.28 ? 4   G   A "O3'" 1 
ATOM   67   C  "C2'" . G   A 1 4  ? 11.147  -13.074 -13.181 1.00 33.41 ? 4   G   A "C2'" 1 
ATOM   68   O  "O2'" . G   A 1 4  ? 11.483  -12.759 -14.526 1.00 33.37 ? 4   G   A "O2'" 1 
ATOM   69   C  "C1'" . G   A 1 4  ? 11.760  -14.422 -12.770 1.00 33.41 ? 4   G   A "C1'" 1 
ATOM   70   N  N9    . G   A 1 4  ? 10.938  -15.129 -11.771 1.00 33.38 ? 4   G   A N9    1 
ATOM   71   C  C8    . G   A 1 4  ? 11.194  -15.238 -10.431 1.00 33.36 ? 4   G   A C8    1 
ATOM   72   N  N7    . G   A 1 4  ? 10.287  -15.928 -9.791  1.00 33.37 ? 4   G   A N7    1 
ATOM   73   C  C5    . G   A 1 4  ? 9.380   -16.293 -10.776 1.00 33.32 ? 4   G   A C5    1 
ATOM   74   C  C6    . G   A 1 4  ? 8.182   -17.070 -10.685 1.00 33.30 ? 4   G   A C6    1 
ATOM   75   O  O6    . G   A 1 4  ? 7.675   -17.578 -9.690  1.00 33.23 ? 4   G   A O6    1 
ATOM   76   N  N1    . G   A 1 4  ? 7.576   -17.221 -11.911 1.00 33.26 ? 4   G   A N1    1 
ATOM   77   C  C2    . G   A 1 4  ? 8.029   -16.702 -13.083 1.00 33.28 ? 4   G   A C2    1 
ATOM   78   N  N2    . G   A 1 4  ? 7.281   -16.984 -14.161 1.00 33.24 ? 4   G   A N2    1 
ATOM   79   N  N3    . G   A 1 4  ? 9.141   -15.961 -13.193 1.00 33.31 ? 4   G   A N3    1 
ATOM   80   C  C4    . G   A 1 4  ? 9.765   -15.804 -11.998 1.00 33.34 ? 4   G   A C4    1 
ATOM   81   P  P     . C   A 1 5  ? 10.641  -9.793  -12.101 1.00 33.09 ? 5   C   A P     1 
ATOM   82   O  OP1   . C   A 1 5  ? 11.028  -8.438  -12.523 1.00 33.15 ? 5   C   A OP1   1 
ATOM   83   O  OP2   . C   A 1 5  ? 10.304  -9.985  -10.685 1.00 33.14 ? 5   C   A OP2   1 
ATOM   84   O  "O5'" . C   A 1 5  ? 9.350   -10.189 -12.956 1.00 32.96 ? 5   C   A "O5'" 1 
ATOM   85   C  "C5'" . C   A 1 5  ? 9.398   -10.177 -14.368 1.00 32.72 ? 5   C   A "C5'" 1 
ATOM   86   C  "C4'" . C   A 1 5  ? 8.134   -10.790 -14.964 1.00 32.57 ? 5   C   A "C4'" 1 
ATOM   87   O  "O4'" . C   A 1 5  ? 8.140   -12.241 -14.845 1.00 32.55 ? 5   C   A "O4'" 1 
ATOM   88   C  "C3'" . C   A 1 5  ? 6.797   -10.359 -14.407 1.00 32.44 ? 5   C   A "C3'" 1 
ATOM   89   O  "O3'" . C   A 1 5  ? 6.420   -9.119  -14.954 1.00 32.43 ? 5   C   A "O3'" 1 
ATOM   90   C  "C2'" . C   A 1 5  ? 5.890   -11.497 -14.865 1.00 32.43 ? 5   C   A "C2'" 1 
ATOM   91   O  "O2'" . C   A 1 5  ? 5.514   -11.449 -16.240 1.00 32.33 ? 5   C   A "O2'" 1 
ATOM   92   C  "C1'" . C   A 1 5  ? 6.806   -12.697 -14.652 1.00 32.42 ? 5   C   A "C1'" 1 
ATOM   93   N  N1    . C   A 1 5  ? 6.662   -13.196 -13.263 1.00 32.37 ? 5   C   A N1    1 
ATOM   94   C  C2    . C   A 1 5  ? 5.575   -14.060 -12.961 1.00 32.31 ? 5   C   A C2    1 
ATOM   95   O  O2    . C   A 1 5  ? 4.737   -14.268 -13.815 1.00 32.21 ? 5   C   A O2    1 
ATOM   96   N  N3    . C   A 1 5  ? 5.499   -14.621 -11.732 1.00 32.29 ? 5   C   A N3    1 
ATOM   97   C  C4    . C   A 1 5  ? 6.408   -14.336 -10.816 1.00 32.32 ? 5   C   A C4    1 
ATOM   98   N  N4    . C   A 1 5  ? 6.307   -14.949 -9.619  1.00 32.29 ? 5   C   A N4    1 
ATOM   99   C  C5    . C   A 1 5  ? 7.474   -13.422 -11.069 1.00 32.35 ? 5   C   A C5    1 
ATOM   100  C  C6    . C   A 1 5  ? 7.566   -12.878 -12.290 1.00 32.37 ? 5   C   A C6    1 
ATOM   101  P  P     . U   A 1 6  ? 5.607   -8.092  -14.076 1.00 32.37 ? 6   U   A P     1 
ATOM   102  O  OP1   . U   A 1 6  ? 5.391   -6.896  -14.893 1.00 32.37 ? 6   U   A OP1   1 
ATOM   103  O  OP2   . U   A 1 6  ? 6.158   -7.955  -12.722 1.00 32.32 ? 6   U   A OP2   1 
ATOM   104  O  "O5'" . U   A 1 6  ? 4.175   -8.769  -13.926 1.00 32.37 ? 6   U   A "O5'" 1 
ATOM   105  C  "C5'" . U   A 1 6  ? 3.353   -9.011  -15.059 1.00 32.32 ? 6   U   A "C5'" 1 
ATOM   106  C  "C4'" . U   A 1 6  ? 2.137   -9.776  -14.633 1.00 32.27 ? 6   U   A "C4'" 1 
ATOM   107  O  "O4'" . U   A 1 6  ? 2.557   -11.099 -14.244 1.00 32.24 ? 6   U   A "O4'" 1 
ATOM   108  C  "C3'" . U   A 1 6  ? 1.420   -9.271  -13.394 1.00 32.28 ? 6   U   A "C3'" 1 
ATOM   109  O  "O3'" . U   A 1 6  ? 0.634   -8.108  -13.656 1.00 32.36 ? 6   U   A "O3'" 1 
ATOM   110  C  "C2'" . U   A 1 6  ? 0.637   -10.519 -12.989 1.00 32.24 ? 6   U   A "C2'" 1 
ATOM   111  O  "O2'" . U   A 1 6  ? -0.505  -10.706 -13.807 1.00 32.22 ? 6   U   A "O2'" 1 
ATOM   112  C  "C1'" . U   A 1 6  ? 1.687   -11.600 -13.240 1.00 32.17 ? 6   U   A "C1'" 1 
ATOM   113  N  N1    . U   A 1 6  ? 2.480   -11.872 -12.017 1.00 32.13 ? 6   U   A N1    1 
ATOM   114  C  C2    . U   A 1 6  ? 1.928   -12.746 -11.104 1.00 32.07 ? 6   U   A C2    1 
ATOM   115  O  O2    . U   A 1 6  ? 0.859   -13.321 -11.315 1.00 31.97 ? 6   U   A O2    1 
ATOM   116  N  N3    . U   A 1 6  ? 2.646   -12.933 -9.955  1.00 32.02 ? 6   U   A N3    1 
ATOM   117  C  C4    . U   A 1 6  ? 3.861   -12.368 -9.618  1.00 32.04 ? 6   U   A C4    1 
ATOM   118  O  O4    . U   A 1 6  ? 4.369   -12.649 -8.553  1.00 31.88 ? 6   U   A O4    1 
ATOM   119  C  C5    . U   A 1 6  ? 4.396   -11.483 -10.608 1.00 32.06 ? 6   U   A C5    1 
ATOM   120  C  C6    . U   A 1 6  ? 3.695   -11.267 -11.765 1.00 32.16 ? 6   U   A C6    1 
ATOM   121  P  P     . G   A 1 7  ? 0.440   -7.004  -12.516 1.00 32.49 ? 7   G   A P     1 
ATOM   122  O  OP1   . G   A 1 7  ? -0.291  -5.864  -13.120 1.00 32.44 ? 7   G   A OP1   1 
ATOM   123  O  OP2   . G   A 1 7  ? 1.775   -6.764  -11.876 1.00 32.45 ? 7   G   A OP2   1 
ATOM   124  O  "O5'" . G   A 1 7  ? -0.500  -7.668  -11.425 1.00 32.53 ? 7   G   A "O5'" 1 
ATOM   125  C  "C5'" . G   A 1 7  ? -1.740  -8.276  -11.843 1.00 32.71 ? 7   G   A "C5'" 1 
ATOM   126  C  "C4'" . G   A 1 7  ? -2.323  -9.130  -10.758 1.00 32.83 ? 7   G   A "C4'" 1 
ATOM   127  O  "O4'" . G   A 1 7  ? -1.557  -10.329 -10.605 1.00 32.74 ? 7   G   A "O4'" 1 
ATOM   128  C  "C3'" . G   A 1 7  ? -2.355  -8.557  -9.357  1.00 32.92 ? 7   G   A "C3'" 1 
ATOM   129  O  "O3'" . G   A 1 7  ? -3.395  -7.635  -9.206  1.00 33.28 ? 7   G   A "O3'" 1 
ATOM   130  C  "C2'" . G   A 1 7  ? -2.610  -9.815  -8.552  1.00 32.86 ? 7   G   A "C2'" 1 
ATOM   131  O  "O2'" . G   A 1 7  ? -3.978  -10.263 -8.694  1.00 32.83 ? 7   G   A "O2'" 1 
ATOM   132  C  "C1'" . G   A 1 7  ? -1.667  -10.773 -9.287  1.00 32.77 ? 7   G   A "C1'" 1 
ATOM   133  N  N9    . G   A 1 7  ? -0.343  -10.784 -8.682  1.00 32.65 ? 7   G   A N9    1 
ATOM   134  C  C8    . G   A 1 7  ? 0.750   -10.011 -8.954  1.00 32.65 ? 7   G   A C8    1 
ATOM   135  N  N7    . G   A 1 7  ? 1.760   -10.271 -8.164  1.00 32.60 ? 7   G   A N7    1 
ATOM   136  C  C5    . G   A 1 7  ? 1.296   -11.289 -7.327  1.00 32.58 ? 7   G   A C5    1 
ATOM   137  C  C6    . G   A 1 7  ? 1.914   -11.970 -6.223  1.00 32.58 ? 7   G   A C6    1 
ATOM   138  O  O6    . G   A 1 7  ? 3.022   -11.799 -5.740  1.00 32.54 ? 7   G   A O6    1 
ATOM   139  N  N1    . G   A 1 7  ? 1.069   -12.918 -5.658  1.00 32.55 ? 7   G   A N1    1 
ATOM   140  C  C2    . G   A 1 7  ? -0.200  -13.174 -6.086  1.00 32.62 ? 7   G   A C2    1 
ATOM   141  N  N2    . G   A 1 7  ? -0.867  -14.143 -5.439  1.00 32.61 ? 7   G   A N2    1 
ATOM   142  N  N3    . G   A 1 7  ? -0.786  -12.532 -7.092  1.00 32.60 ? 7   G   A N3    1 
ATOM   143  C  C4    . G   A 1 7  ? 0.008   -11.619 -7.651  1.00 32.60 ? 7   G   A C4    1 
ATOM   144  P  P     . A   A 1 8  ? -3.113  -6.230  -8.488  1.00 33.57 ? 8   A   A P     1 
ATOM   145  O  OP1   . A   A 1 8  ? -2.115  -5.420  -9.222  1.00 33.55 ? 8   A   A OP1   1 
ATOM   146  O  OP2   . A   A 1 8  ? -2.901  -6.497  -7.053  1.00 33.53 ? 8   A   A OP2   1 
ATOM   147  O  "O5'" . A   A 1 8  ? -4.516  -5.516  -8.697  1.00 33.85 ? 8   A   A "O5'" 1 
ATOM   148  C  "C5'" . A   A 1 8  ? -5.668  -6.021  -8.070  1.00 34.39 ? 8   A   A "C5'" 1 
ATOM   149  C  "C4'" . A   A 1 8  ? -6.767  -4.992  -8.095  1.00 34.78 ? 8   A   A "C4'" 1 
ATOM   150  O  "O4'" . A   A 1 8  ? -7.302  -4.820  -9.418  1.00 34.84 ? 8   A   A "O4'" 1 
ATOM   151  C  "C3'" . A   A 1 8  ? -7.970  -5.338  -7.234  1.00 35.04 ? 8   A   A "C3'" 1 
ATOM   152  O  "O3'" . A   A 1 8  ? -7.846  -4.563  -6.054  1.00 35.53 ? 8   A   A "O3'" 1 
ATOM   153  C  "C2'" . A   A 1 8  ? -9.189  -4.868  -8.066  1.00 34.97 ? 8   A   A "C2'" 1 
ATOM   154  O  "O2'" . A   A 1 8  ? -10.018 -3.973  -7.339  1.00 34.97 ? 8   A   A "O2'" 1 
ATOM   155  C  "C1'" . A   A 1 8  ? -8.541  -4.174  -9.258  1.00 34.86 ? 8   A   A "C1'" 1 
ATOM   156  N  N9    . A   A 1 8  ? -9.295  -4.263  -10.518 1.00 34.84 ? 8   A   A N9    1 
ATOM   157  C  C8    . A   A 1 8  ? -9.726  -3.218  -11.293 1.00 34.80 ? 8   A   A C8    1 
ATOM   158  N  N7    . A   A 1 8  ? -10.345 -3.600  -12.393 1.00 34.79 ? 8   A   A N7    1 
ATOM   159  C  C5    . A   A 1 8  ? -10.320 -4.986  -12.325 1.00 34.80 ? 8   A   A C5    1 
ATOM   160  C  C6    . A   A 1 8  ? -10.800 -5.990  -13.211 1.00 34.76 ? 8   A   A C6    1 
ATOM   161  N  N6    . A   A 1 8  ? -11.433 -5.717  -14.371 1.00 34.74 ? 8   A   A N6    1 
ATOM   162  N  N1    . A   A 1 8  ? -10.599 -7.287  -12.856 1.00 34.79 ? 8   A   A N1    1 
ATOM   163  C  C2    . A   A 1 8  ? -9.960  -7.538  -11.706 1.00 34.76 ? 8   A   A C2    1 
ATOM   164  N  N3    . A   A 1 8  ? -9.468  -6.672  -10.787 1.00 34.81 ? 8   A   A N3    1 
ATOM   165  C  C4    . A   A 1 8  ? -9.690  -5.405  -11.169 1.00 34.80 ? 8   A   A C4    1 
ATOM   166  P  P     . G   A 1 9  ? -6.781  -4.970  -4.934  1.00 35.91 ? 9   G   A P     1 
ATOM   167  O  OP1   . G   A 1 9  ? -7.262  -4.377  -3.672  1.00 35.90 ? 9   G   A OP1   1 
ATOM   168  O  OP2   . G   A 1 9  ? -5.450  -4.599  -5.463  1.00 35.90 ? 9   G   A OP2   1 
ATOM   169  O  "O5'" . G   A 1 9  ? -6.881  -6.545  -4.804  1.00 36.18 ? 9   G   A "O5'" 1 
ATOM   170  C  "C5'" . G   A 1 9  ? -8.122  -7.183  -4.493  1.00 36.73 ? 9   G   A "C5'" 1 
ATOM   171  C  "C4'" . G   A 1 9  ? -7.869  -8.543  -3.921  1.00 37.13 ? 9   G   A "C4'" 1 
ATOM   172  O  "O4'" . G   A 1 9  ? -7.139  -9.366  -4.857  1.00 37.23 ? 9   G   A "O4'" 1 
ATOM   173  C  "C3'" . G   A 1 9  ? -6.985  -8.591  -2.683  1.00 37.40 ? 9   G   A "C3'" 1 
ATOM   174  O  "O3'" . G   A 1 9  ? -7.719  -8.205  -1.559  1.00 37.86 ? 9   G   A "O3'" 1 
ATOM   175  C  "C2'" . G   A 1 9  ? -6.631  -10.060 -2.646  1.00 37.36 ? 9   G   A "C2'" 1 
ATOM   176  O  "O2'" . G   A 1 9  ? -7.697  -10.902 -2.248  1.00 37.35 ? 9   G   A "O2'" 1 
ATOM   177  C  "C1'" . G   A 1 9  ? -6.333  -10.314 -4.125  1.00 37.27 ? 9   G   A "C1'" 1 
ATOM   178  N  N9    . G   A 1 9  ? -4.918  -10.007 -4.335  1.00 37.29 ? 9   G   A N9    1 
ATOM   179  C  C8    . G   A 1 9  ? -4.382  -8.892  -4.938  1.00 37.24 ? 9   G   A C8    1 
ATOM   180  N  N7    . G   A 1 9  ? -3.074  -8.860  -4.878  1.00 37.28 ? 9   G   A N7    1 
ATOM   181  C  C5    . G   A 1 9  ? -2.722  -10.035 -4.230  1.00 37.30 ? 9   G   A C5    1 
ATOM   182  C  C6    . G   A 1 9  ? -1.428  -10.554 -3.860  1.00 37.32 ? 9   G   A C6    1 
ATOM   183  O  O6    . G   A 1 9  ? -0.288  -10.067 -4.069  1.00 37.29 ? 9   G   A O6    1 
ATOM   184  N  N1    . G   A 1 9  ? -1.547  -11.766 -3.202  1.00 37.36 ? 9   G   A N1    1 
ATOM   185  C  C2    . G   A 1 9  ? -2.715  -12.413 -2.958  1.00 37.39 ? 9   G   A C2    1 
ATOM   186  N  N2    . G   A 1 9  ? -2.589  -13.614 -2.408  1.00 37.50 ? 9   G   A N2    1 
ATOM   187  N  N3    . G   A 1 9  ? -3.921  -11.940 -3.263  1.00 37.38 ? 9   G   A N3    1 
ATOM   188  C  C4    . G   A 1 9  ? -3.848  -10.758 -3.897  1.00 37.30 ? 9   G   A C4    1 
ATOM   189  P  P     . G   A 1 10 ? -6.972  -7.797  -0.197  1.00 38.22 ? 10  G   A P     1 
ATOM   190  O  OP1   . G   A 1 10 ? -7.984  -7.457  0.814   1.00 38.21 ? 10  G   A OP1   1 
ATOM   191  O  OP2   . G   A 1 10 ? -5.965  -6.778  -0.581  1.00 38.15 ? 10  G   A OP2   1 
ATOM   192  O  "O5'" . G   A 1 10 ? -6.288  -9.159  0.254   1.00 38.51 ? 10  G   A "O5'" 1 
ATOM   193  C  "C5'" . G   A 1 10 ? -6.873  -9.991  1.256   1.00 39.07 ? 10  G   A "C5'" 1 
ATOM   194  C  "C4'" . G   A 1 10 ? -5.780  -10.668 2.056   1.00 39.42 ? 10  G   A "C4'" 1 
ATOM   195  O  "O4'" . G   A 1 10 ? -4.802  -11.167 1.124   1.00 39.52 ? 10  G   A "O4'" 1 
ATOM   196  C  "C3'" . G   A 1 10 ? -4.958  -9.746  2.917   1.00 39.63 ? 10  G   A "C3'" 1 
ATOM   197  O  "O3'" . G   A 1 10 ? -5.622  -9.546  4.123   1.00 39.97 ? 10  G   A "O3'" 1 
ATOM   198  C  "C2'" . G   A 1 10 ? -3.671  -10.515 3.093   1.00 39.62 ? 10  G   A "C2'" 1 
ATOM   199  O  "O2'" . G   A 1 10 ? -3.819  -11.573 4.022   1.00 39.70 ? 10  G   A "O2'" 1 
ATOM   200  C  "C1'" . G   A 1 10 ? -3.500  -11.096 1.685   1.00 39.60 ? 10  G   A "C1'" 1 
ATOM   201  N  N9    . G   A 1 10 ? -2.658  -10.327 0.766   1.00 39.61 ? 10  G   A N9    1 
ATOM   202  C  C8    . G   A 1 10 ? -3.054  -9.711  -0.397  1.00 39.62 ? 10  G   A C8    1 
ATOM   203  N  N7    . G   A 1 10 ? -2.074  -9.118  -1.024  1.00 39.60 ? 10  G   A N7    1 
ATOM   204  C  C5    . G   A 1 10 ? -0.963  -9.362  -0.227  1.00 39.62 ? 10  G   A C5    1 
ATOM   205  C  C6    . G   A 1 10 ? 0.399   -8.987  -0.385  1.00 39.61 ? 10  G   A C6    1 
ATOM   206  O  O6    . G   A 1 10 ? 0.940   -8.366  -1.308  1.00 39.64 ? 10  G   A O6    1 
ATOM   207  N  N1    . G   A 1 10 ? 1.168   -9.429  0.670   1.00 39.63 ? 10  G   A N1    1 
ATOM   208  C  C2    . G   A 1 10 ? 0.724   -10.162 1.735   1.00 39.62 ? 10  G   A C2    1 
ATOM   209  N  N2    . G   A 1 10 ? 1.665   -10.540 2.641   1.00 39.64 ? 10  G   A N2    1 
ATOM   210  N  N3    . G   A 1 10 ? -0.524  -10.517 1.905   1.00 39.61 ? 10  G   A N3    1 
ATOM   211  C  C4    . G   A 1 10 ? -1.312  -10.094 0.891   1.00 39.61 ? 10  G   A C4    1 
ATOM   212  P  P     . U   A 1 11 ? -5.475  -8.143  4.861   1.00 40.25 ? 11  U   A P     1 
ATOM   213  O  OP1   . U   A 1 11 ? -6.452  -8.196  6.002   1.00 40.25 ? 11  U   A OP1   1 
ATOM   214  O  OP2   . U   A 1 11 ? -5.539  -7.012  3.877   1.00 40.23 ? 11  U   A OP2   1 
ATOM   215  O  "O5'" . U   A 1 11 ? -4.004  -8.230  5.458   1.00 40.32 ? 11  U   A "O5'" 1 
ATOM   216  C  "C5'" . U   A 1 11 ? -3.731  -9.135  6.536   1.00 40.51 ? 11  U   A "C5'" 1 
ATOM   217  C  "C4'" . U   A 1 11 ? -2.305  -9.006  6.949   1.00 40.63 ? 11  U   A "C4'" 1 
ATOM   218  O  "O4'" . U   A 1 11 ? -1.488  -9.496  5.850   1.00 40.69 ? 11  U   A "O4'" 1 
ATOM   219  C  "C3'" . U   A 1 11 ? -1.840  -7.576  7.130   1.00 40.72 ? 11  U   A "C3'" 1 
ATOM   220  O  "O3'" . U   A 1 11 ? -2.237  -6.969  8.371   1.00 40.80 ? 11  U   A "O3'" 1 
ATOM   221  C  "C2'" . U   A 1 11 ? -0.337  -7.726  6.962   1.00 40.72 ? 11  U   A "C2'" 1 
ATOM   222  O  "O2'" . U   A 1 11 ? 0.279   -8.257  8.126   1.00 40.74 ? 11  U   A "O2'" 1 
ATOM   223  C  "C1'" . U   A 1 11 ? -0.281  -8.739  5.807   1.00 40.72 ? 11  U   A "C1'" 1 
ATOM   224  N  N1    . U   A 1 11 ? -0.209  -8.028  4.522   1.00 40.71 ? 11  U   A N1    1 
ATOM   225  C  C2    . U   A 1 11 ? 1.035   -7.691  4.089   1.00 40.72 ? 11  U   A C2    1 
ATOM   226  O  O2    . U   A 1 11 ? 2.023   -7.980  4.722   1.00 40.69 ? 11  U   A O2    1 
ATOM   227  N  N3    . U   A 1 11 ? 1.083   -6.998  2.902   1.00 40.72 ? 11  U   A N3    1 
ATOM   228  C  C4    . U   A 1 11 ? 0.010   -6.624  2.123   1.00 40.75 ? 11  U   A C4    1 
ATOM   229  O  O4    . U   A 1 11 ? 0.217   -6.091  1.030   1.00 40.78 ? 11  U   A O4    1 
ATOM   230  C  C5    . U   A 1 11 ? -1.276  -7.017  2.642   1.00 40.73 ? 11  U   A C5    1 
ATOM   231  C  C6    . U   A 1 11 ? -1.334  -7.696  3.798   1.00 40.73 ? 11  U   A C6    1 
ATOM   232  P  P     . G   A 1 12 ? -2.419  -5.349  8.462   1.00 40.90 ? 12  G   A P     1 
ATOM   233  O  OP1   . G   A 1 12 ? -2.949  -5.025  9.855   1.00 40.87 ? 12  G   A OP1   1 
ATOM   234  O  OP2   . G   A 1 12 ? -3.130  -4.761  7.248   1.00 40.87 ? 12  G   A OP2   1 
ATOM   235  O  "O5'" . G   A 1 12 ? -0.948  -4.727  8.309   1.00 40.78 ? 12  G   A "O5'" 1 
ATOM   236  C  "C5'" . G   A 1 12 ? 0.136   -5.233  9.085   1.00 40.64 ? 12  G   A "C5'" 1 
ATOM   237  C  "C4'" . G   A 1 12 ? 1.452   -4.723  8.565   1.00 40.51 ? 12  G   A "C4'" 1 
ATOM   238  O  "O4'" . G   A 1 12 ? 1.785   -5.330  7.300   1.00 40.49 ? 12  G   A "O4'" 1 
ATOM   239  C  "C3'" . G   A 1 12 ? 1.588   -3.235  8.294   1.00 40.42 ? 12  G   A "C3'" 1 
ATOM   240  O  "O3'" . G   A 1 12 ? 1.858   -2.527  9.490   1.00 40.26 ? 12  G   A "O3'" 1 
ATOM   241  C  "C2'" . G   A 1 12 ? 2.856   -3.207  7.455   1.00 40.44 ? 12  G   A "C2'" 1 
ATOM   242  O  "O2'" . G   A 1 12 ? 4.000   -3.286  8.274   1.00 40.51 ? 12  G   A "O2'" 1 
ATOM   243  C  "C1'" . G   A 1 12 ? 2.679   -4.469  6.600   1.00 40.46 ? 12  G   A "C1'" 1 
ATOM   244  N  N9    . G   A 1 12 ? 2.085   -4.105  5.315   1.00 40.44 ? 12  G   A N9    1 
ATOM   245  C  C8    . G   A 1 12 ? 0.763   -4.196  4.938   1.00 40.43 ? 12  G   A C8    1 
ATOM   246  N  N7    . G   A 1 12 ? 0.544   -3.726  3.737   1.00 40.42 ? 12  G   A N7    1 
ATOM   247  C  C5    . G   A 1 12 ? 1.798   -3.330  3.272   1.00 40.42 ? 12  G   A C5    1 
ATOM   248  C  C6    . G   A 1 12 ? 2.189   -2.753  2.018   1.00 40.43 ? 12  G   A C6    1 
ATOM   249  O  O6    . G   A 1 12 ? 1.497   -2.513  1.031   1.00 40.42 ? 12  G   A O6    1 
ATOM   250  N  N1    . G   A 1 12 ? 3.540   -2.457  1.987   1.00 40.41 ? 12  G   A N1    1 
ATOM   251  C  C2    . G   A 1 12 ? 4.435   -2.695  3.001   1.00 40.40 ? 12  G   A C2    1 
ATOM   252  N  N2    . G   A 1 12 ? 5.699   -2.296  2.765   1.00 40.37 ? 12  G   A N2    1 
ATOM   253  N  N3    . G   A 1 12 ? 4.104   -3.267  4.161   1.00 40.41 ? 12  G   A N3    1 
ATOM   254  C  C4    . G   A 1 12 ? 2.766   -3.549  4.226   1.00 40.43 ? 12  G   A C4    1 
ATOM   255  P  P     . C   A 1 13 ? 1.605   -0.942  9.564   1.00 40.10 ? 13  C   A P     1 
ATOM   256  O  OP1   . C   A 1 13 ? 1.819   -0.669  11.034  1.00 40.14 ? 13  C   A OP1   1 
ATOM   257  O  OP2   . C   A 1 13 ? 0.311   -0.557  8.944   1.00 40.12 ? 13  C   A OP2   1 
ATOM   258  O  "O5'" . C   A 1 13 ? 2.767   -0.310  8.676   1.00 39.88 ? 13  C   A "O5'" 1 
ATOM   259  C  "C5'" . C   A 1 13 ? 4.082   -0.187  9.201   1.00 39.56 ? 13  C   A "C5'" 1 
ATOM   260  C  "C4'" . C   A 1 13 ? 5.043   0.287   8.158   1.00 39.33 ? 13  C   A "C4'" 1 
ATOM   261  O  "O4'" . C   A 1 13 ? 4.952   -0.545  6.961   1.00 39.32 ? 13  C   A "O4'" 1 
ATOM   262  C  "C3'" . C   A 1 13 ? 4.871   1.689   7.619   1.00 39.18 ? 13  C   A "C3'" 1 
ATOM   263  O  "O3'" . C   A 1 13 ? 5.373   2.675   8.504   1.00 38.90 ? 13  C   A "O3'" 1 
ATOM   264  C  "C2'" . C   A 1 13 ? 5.706   1.617   6.344   1.00 39.21 ? 13  C   A "C2'" 1 
ATOM   265  O  "O2'" . C   A 1 13 ? 7.091   1.623   6.630   1.00 39.21 ? 13  C   A "O2'" 1 
ATOM   266  C  "C1'" . C   A 1 13 ? 5.320   0.227   5.821   1.00 39.23 ? 13  C   A "C1'" 1 
ATOM   267  N  N1    . C   A 1 13 ? 4.173   0.275   4.876   1.00 39.23 ? 13  C   A N1    1 
ATOM   268  C  C2    . C   A 1 13 ? 4.391   0.752   3.578   1.00 39.20 ? 13  C   A C2    1 
ATOM   269  O  O2    . C   A 1 13 ? 5.508   1.135   3.264   1.00 39.19 ? 13  C   A O2    1 
ATOM   270  N  N3    . C   A 1 13 ? 3.365   0.791   2.701   1.00 39.22 ? 13  C   A N3    1 
ATOM   271  C  C4    . C   A 1 13 ? 2.159   0.397   3.080   1.00 39.23 ? 13  C   A C4    1 
ATOM   272  N  N4    . C   A 1 13 ? 1.183   0.462   2.192   1.00 39.25 ? 13  C   A N4    1 
ATOM   273  C  C5    . C   A 1 13 ? 1.904   -0.081  4.398   1.00 39.24 ? 13  C   A C5    1 
ATOM   274  C  C6    . C   A 1 13 ? 2.931   -0.126  5.254   1.00 39.22 ? 13  C   A C6    1 
ATOM   275  P  P     . A   A 1 14 ? 4.673   4.132   8.538   1.00 38.70 ? 14  A   A P     1 
ATOM   276  O  OP1   . A   A 1 14 ? 5.256   4.913   9.675   1.00 38.73 ? 14  A   A OP1   1 
ATOM   277  O  OP2   . A   A 1 14 ? 3.190   4.045   8.395   1.00 38.68 ? 14  A   A OP2   1 
ATOM   278  O  "O5'" . A   A 1 14 ? 5.224   4.805   7.238   1.00 38.44 ? 14  A   A "O5'" 1 
ATOM   279  C  "C5'" . A   A 1 14 ? 6.587   5.099   7.124   1.00 37.97 ? 14  A   A "C5'" 1 
ATOM   280  C  "C4'" . A   A 1 14 ? 6.859   5.531   5.732   1.00 37.62 ? 14  A   A "C4'" 1 
ATOM   281  O  "O4'" . A   A 1 14 ? 6.504   4.447   4.839   1.00 37.61 ? 14  A   A "O4'" 1 
ATOM   282  C  "C3'" . A   A 1 14 ? 5.936   6.632   5.260   1.00 37.37 ? 14  A   A "C3'" 1 
ATOM   283  O  "O3'" . A   A 1 14 ? 6.333   7.907   5.749   1.00 36.93 ? 14  A   A "O3'" 1 
ATOM   284  C  "C2'" . A   A 1 14 ? 6.071   6.488   3.750   1.00 37.44 ? 14  A   A "C2'" 1 
ATOM   285  O  "O2'" . A   A 1 14 ? 7.343   6.900   3.318   1.00 37.44 ? 14  A   A "O2'" 1 
ATOM   286  C  "C1'" . A   A 1 14 ? 6.044   4.973   3.603   1.00 37.51 ? 14  A   A "C1'" 1 
ATOM   287  N  N9    . A   A 1 14 ? 4.691   4.482   3.346   1.00 37.52 ? 14  A   A N9    1 
ATOM   288  C  C8    . A   A 1 14 ? 3.839   3.908   4.246   1.00 37.53 ? 14  A   A C8    1 
ATOM   289  N  N7    . A   A 1 14 ? 2.666   3.600   3.750   1.00 37.53 ? 14  A   A N7    1 
ATOM   290  C  C5    . A   A 1 14 ? 2.756   3.992   2.423   1.00 37.50 ? 14  A   A C5    1 
ATOM   291  C  C6    . A   A 1 14 ? 1.841   3.933   1.361   1.00 37.49 ? 14  A   A C6    1 
ATOM   292  N  N6    . A   A 1 14 ? 0.609   3.484   1.483   1.00 37.46 ? 14  A   A N6    1 
ATOM   293  N  N1    . A   A 1 14 ? 2.255   4.385   0.150   1.00 37.50 ? 14  A   A N1    1 
ATOM   294  C  C2    . A   A 1 14 ? 3.491   4.899   0.044   1.00 37.51 ? 14  A   A C2    1 
ATOM   295  N  N3    . A   A 1 14 ? 4.432   5.025   0.972   1.00 37.50 ? 14  A   A N3    1 
ATOM   296  C  C4    . A   A 1 14 ? 3.999   4.536   2.155   1.00 37.51 ? 14  A   A C4    1 
ATOM   297  P  P     . C   A 1 15 ? 5.214   9.031   6.034   1.00 36.51 ? 15  C   A P     1 
ATOM   298  O  OP1   . C   A 1 15 ? 5.829   10.039  6.924   1.00 36.57 ? 15  C   A OP1   1 
ATOM   299  O  OP2   . C   A 1 15 ? 4.017   8.307   6.474   1.00 36.52 ? 15  C   A OP2   1 
ATOM   300  O  "O5'" . C   A 1 15 ? 4.989   9.744   4.637   1.00 36.13 ? 15  C   A "O5'" 1 
ATOM   301  C  "C5'" . C   A 1 15 ? 6.082   10.074  3.791   1.00 35.50 ? 15  C   A "C5'" 1 
ATOM   302  C  "C4'" . C   A 1 15 ? 5.622   10.158  2.346   1.00 35.03 ? 15  C   A "C4'" 1 
ATOM   303  O  "O4'" . C   A 1 15 ? 5.232   8.833   1.865   1.00 34.91 ? 15  C   A "O4'" 1 
ATOM   304  C  "C3'" . C   A 1 15 ? 4.400   11.002  2.077   1.00 34.74 ? 15  C   A "C3'" 1 
ATOM   305  O  "O3'" . C   A 1 15 ? 4.675   12.397  2.056   1.00 34.33 ? 15  C   A "O3'" 1 
ATOM   306  C  "C2'" . C   A 1 15 ? 3.974   10.454  0.712   1.00 34.75 ? 15  C   A "C2'" 1 
ATOM   307  O  "O2'" . C   A 1 15 ? 4.861   10.843  -0.309  1.00 34.80 ? 15  C   A "O2'" 1 
ATOM   308  C  "C1'" . C   A 1 15 ? 4.182   8.961   0.908   1.00 34.77 ? 15  C   A "C1'" 1 
ATOM   309  N  N1    . C   A 1 15 ? 2.955   8.308   1.438   1.00 34.71 ? 15  C   A N1    1 
ATOM   310  C  C2    . C   A 1 15 ? 1.894   8.046   0.554   1.00 34.70 ? 15  C   A C2    1 
ATOM   311  O  O2    . C   A 1 15 ? 1.975   8.410   -0.644  1.00 34.67 ? 15  C   A O2    1 
ATOM   312  N  N3    . C   A 1 15 ? 0.804   7.426   1.005   1.00 34.67 ? 15  C   A N3    1 
ATOM   313  C  C4    . C   A 1 15 ? 0.700   7.097   2.272   1.00 34.67 ? 15  C   A C4    1 
ATOM   314  N  N4    . C   A 1 15 ? -0.418  6.506   2.639   1.00 34.64 ? 15  C   A N4    1 
ATOM   315  C  C5    . C   A 1 15 ? 1.752   7.375   3.223   1.00 34.67 ? 15  C   A C5    1 
ATOM   316  C  C6    . C   A 1 15 ? 2.852   7.970   2.757   1.00 34.69 ? 15  C   A C6    1 
ATOM   317  P  P     . A   A 1 16 ? 3.547   13.472  2.559   1.00 34.04 ? 16  A   A P     1 
ATOM   318  O  OP1   . A   A 1 16 ? 4.331   14.718  2.893   1.00 34.04 ? 16  A   A OP1   1 
ATOM   319  O  OP2   . A   A 1 16 ? 2.619   12.871  3.530   1.00 34.00 ? 16  A   A OP2   1 
ATOM   320  O  "O5'" . A   A 1 16 ? 2.692   13.827  1.271   1.00 33.63 ? 16  A   A "O5'" 1 
ATOM   321  C  "C5'" . A   A 1 16 ? 3.322   14.047  -0.008  1.00 33.01 ? 16  A   A "C5'" 1 
ATOM   322  C  "C4'" . A   A 1 16 ? 2.350   13.724  -1.106  1.00 32.54 ? 16  A   A "C4'" 1 
ATOM   323  O  "O4'" . A   A 1 16 ? 2.073   12.276  -1.152  1.00 32.39 ? 16  A   A "O4'" 1 
ATOM   324  C  "C3'" . A   A 1 16 ? 0.987   14.354  -0.965  1.00 32.28 ? 16  A   A "C3'" 1 
ATOM   325  O  "O3'" . A   A 1 16 ? 1.030   15.691  -1.479  1.00 32.15 ? 16  A   A "O3'" 1 
ATOM   326  C  "C2'" . A   A 1 16 ? 0.133   13.451  -1.872  1.00 32.21 ? 16  A   A "C2'" 1 
ATOM   327  O  "O2'" . A   A 1 16 ? 0.401   13.757  -3.244  1.00 32.15 ? 16  A   A "O2'" 1 
ATOM   328  C  "C1'" . A   A 1 16 ? 0.727   12.070  -1.578  1.00 32.19 ? 16  A   A "C1'" 1 
ATOM   329  N  N9    . A   A 1 16 ? 0.011   11.333  -0.538  1.00 32.06 ? 16  A   A N9    1 
ATOM   330  C  C8    . A   A 1 16 ? 0.400   11.116  0.774   1.00 32.03 ? 16  A   A C8    1 
ATOM   331  N  N7    . A   A 1 16 ? -0.454  10.397  1.472   1.00 31.95 ? 16  A   A N7    1 
ATOM   332  C  C5    . A   A 1 16 ? -1.487  10.154  0.578   1.00 31.93 ? 16  A   A C5    1 
ATOM   333  C  C6    . A   A 1 16 ? -2.677  9.454   0.717   1.00 31.87 ? 16  A   A C6    1 
ATOM   334  N  N6    . A   A 1 16 ? -2.977  8.847   1.843   1.00 31.79 ? 16  A   A N6    1 
ATOM   335  N  N1    . A   A 1 16 ? -3.531  9.392   -0.352  1.00 31.86 ? 16  A   A N1    1 
ATOM   336  C  C2    . A   A 1 16 ? -3.166  10.008  -1.488  1.00 31.87 ? 16  A   A C2    1 
ATOM   337  N  N3    . A   A 1 16 ? -2.022  10.691  -1.759  1.00 31.89 ? 16  A   A N3    1 
ATOM   338  C  C4    . A   A 1 16 ? -1.212  10.719  -0.674  1.00 31.97 ? 16  A   A C4    1 
ATOM   339  P  P     . C   A 1 17 ? -0.004  16.801  -0.947  1.00 32.03 ? 17  C   A P     1 
ATOM   340  O  OP1   . C   A 1 17 ? 0.251   18.014  -1.704  1.00 32.06 ? 17  C   A OP1   1 
ATOM   341  O  OP2   . C   A 1 17 ? 0.054   16.833  0.546   1.00 32.00 ? 17  C   A OP2   1 
ATOM   342  O  "O5'" . C   A 1 17 ? -1.440  16.332  -1.432  1.00 31.84 ? 17  C   A "O5'" 1 
ATOM   343  C  "C5'" . C   A 1 17 ? -1.751  16.256  -2.821  1.00 31.57 ? 17  C   A "C5'" 1 
ATOM   344  C  "C4'" . C   A 1 17 ? -3.069  15.541  -3.012  1.00 31.31 ? 17  C   A "C4'" 1 
ATOM   345  O  "O4'" . C   A 1 17 ? -2.925  14.165  -2.597  1.00 31.25 ? 17  C   A "O4'" 1 
ATOM   346  C  "C3'" . C   A 1 17 ? -4.185  16.077  -2.131  1.00 31.20 ? 17  C   A "C3'" 1 
ATOM   347  O  "O3'" . C   A 1 17 ? -4.816  17.210  -2.710  1.00 31.14 ? 17  C   A "O3'" 1 
ATOM   348  C  "C2'" . C   A 1 17 ? -5.148  14.891  -2.085  1.00 31.18 ? 17  C   A "C2'" 1 
ATOM   349  O  "O2'" . C   A 1 17 ? -5.887  14.874  -3.300  1.00 31.13 ? 17  C   A "O2'" 1 
ATOM   350  C  "C1'" . C   A 1 17 ? -4.163  13.723  -2.002  1.00 31.11 ? 17  C   A "C1'" 1 
ATOM   351  N  N1    . C   A 1 17 ? -3.900  13.328  -0.603  1.00 31.05 ? 17  C   A N1    1 
ATOM   352  C  C2    . C   A 1 17 ? -4.774  12.407  0.025   1.00 30.97 ? 17  C   A C2    1 
ATOM   353  O  O2    . C   A 1 17 ? -5.742  11.997  -0.592  1.00 30.86 ? 17  C   A O2    1 
ATOM   354  N  N3    . C   A 1 17 ? -4.525  12.009  1.290   1.00 30.90 ? 17  C   A N3    1 
ATOM   355  C  C4    . C   A 1 17 ? -3.467  12.492  1.963   1.00 30.94 ? 17  C   A C4    1 
ATOM   356  N  N4    . C   A 1 17 ? -3.290  12.085  3.224   1.00 30.80 ? 17  C   A N4    1 
ATOM   357  C  C5    . C   A 1 17 ? -2.552  13.427  1.365   1.00 30.94 ? 17  C   A C5    1 
ATOM   358  C  C6    . C   A 1 17 ? -2.816  13.816  0.085   1.00 31.06 ? 17  C   A C6    1 
ATOM   359  P  P     . A   A 1 18 ? -5.377  18.365  -1.767  1.00 31.01 ? 18  A   A P     1 
ATOM   360  O  OP1   . A   A 1 18 ? -5.706  19.554  -2.597  1.00 30.97 ? 18  A   A OP1   1 
ATOM   361  O  OP2   . A   A 1 18 ? -4.419  18.477  -0.617  1.00 30.95 ? 18  A   A OP2   1 
ATOM   362  O  "O5'" . A   A 1 18 ? -6.769  17.758  -1.254  1.00 30.80 ? 18  A   A "O5'" 1 
ATOM   363  C  "C5'" . A   A 1 18 ? -7.813  17.443  -2.177  1.00 30.53 ? 18  A   A "C5'" 1 
ATOM   364  C  "C4'" . A   A 1 18 ? -8.943  16.713  -1.477  1.00 30.29 ? 18  A   A "C4'" 1 
ATOM   365  O  "O4'" . A   A 1 18 ? -8.543  15.364  -1.148  1.00 30.22 ? 18  A   A "O4'" 1 
ATOM   366  C  "C3'" . A   A 1 18 ? -9.468  17.283  -0.182  1.00 30.20 ? 18  A   A "C3'" 1 
ATOM   367  O  "O3'" . A   A 1 18 ? -10.362 18.363  -0.444  1.00 30.12 ? 18  A   A "O3'" 1 
ATOM   368  C  "C2'" . A   A 1 18 ? -10.179 16.062  0.402   1.00 30.14 ? 18  A   A "C2'" 1 
ATOM   369  O  "O2'" . A   A 1 18 ? -11.440 15.795  -0.223  1.00 30.11 ? 18  A   A "O2'" 1 
ATOM   370  C  "C1'" . A   A 1 18 ? -9.186  14.958  0.061   1.00 30.11 ? 18  A   A "C1'" 1 
ATOM   371  N  N9    . A   A 1 18 ? -8.144  14.756  1.080   1.00 30.04 ? 18  A   A N9    1 
ATOM   372  C  C8    . A   A 1 18 ? -6.880  15.276  1.083   1.00 29.98 ? 18  A   A C8    1 
ATOM   373  N  N7    . A   A 1 18 ? -6.160  14.919  2.112   1.00 29.98 ? 18  A   A N7    1 
ATOM   374  C  C5    . A   A 1 18 ? -7.004  14.085  2.846   1.00 29.93 ? 18  A   A C5    1 
ATOM   375  C  C6    . A   A 1 18 ? -6.795  13.316  4.034   1.00 29.94 ? 18  A   A C6    1 
ATOM   376  N  N6    . A   A 1 18 ? -5.643  13.293  4.732   1.00 29.87 ? 18  A   A N6    1 
ATOM   377  N  N1    . A   A 1 18 ? -7.819  12.567  4.475   1.00 29.93 ? 18  A   A N1    1 
ATOM   378  C  C2    . A   A 1 18 ? -8.973  12.591  3.788   1.00 29.92 ? 18  A   A C2    1 
ATOM   379  N  N3    . A   A 1 18 ? -9.280  13.260  2.645   1.00 29.92 ? 18  A   A N3    1 
ATOM   380  C  C4    . A   A 1 18 ? -8.233  13.984  2.225   1.00 29.96 ? 18  A   A C4    1 
ATOM   381  P  P     . G   A 1 19 ? -10.327 19.675  0.473   1.00 30.16 ? 19  G   A P     1 
ATOM   382  O  OP1   . G   A 1 19 ? -11.225 20.662  -0.161  1.00 30.07 ? 19  G   A OP1   1 
ATOM   383  O  OP2   . G   A 1 19 ? -8.928  19.975  0.751   1.00 30.06 ? 19  G   A OP2   1 
ATOM   384  O  "O5'" . G   A 1 19 ? -11.091 19.222  1.794   1.00 30.09 ? 19  G   A "O5'" 1 
ATOM   385  C  "C5'" . G   A 1 19 ? -12.480 18.883  1.758   1.00 30.11 ? 19  G   A "C5'" 1 
ATOM   386  C  "C4'" . G   A 1 19 ? -12.844 18.023  2.938   1.00 30.08 ? 19  G   A "C4'" 1 
ATOM   387  O  "O4'" . G   A 1 19 ? -11.999 16.840  2.935   1.00 29.99 ? 19  G   A "O4'" 1 
ATOM   388  C  "C3'" . G   A 1 19 ? -12.583 18.597  4.321   1.00 30.12 ? 19  G   A "C3'" 1 
ATOM   389  O  "O3'" . G   A 1 19 ? -13.564 19.546  4.677   1.00 30.39 ? 19  G   A "O3'" 1 
ATOM   390  C  "C2'" . G   A 1 19 ? -12.577 17.330  5.182   1.00 30.00 ? 19  G   A "C2'" 1 
ATOM   391  O  "O2'" . G   A 1 19 ? -13.879 16.775  5.374   1.00 29.89 ? 19  G   A "O2'" 1 
ATOM   392  C  "C1'" . G   A 1 19 ? -11.788 16.387  4.264   1.00 29.88 ? 19  G   A "C1'" 1 
ATOM   393  N  N9    . G   A 1 19 ? -10.363 16.393  4.534   1.00 29.70 ? 19  G   A N9    1 
ATOM   394  C  C8    . G   A 1 19 ? -9.388  17.082  3.884   1.00 29.72 ? 19  G   A C8    1 
ATOM   395  N  N7    . G   A 1 19 ? -8.223  16.963  4.447   1.00 29.61 ? 19  G   A N7    1 
ATOM   396  C  C5    . G   A 1 19 ? -8.449  16.111  5.519   1.00 29.57 ? 19  G   A C5    1 
ATOM   397  C  C6    . G   A 1 19 ? -7.544  15.622  6.528   1.00 29.55 ? 19  G   A C6    1 
ATOM   398  O  O6    . G   A 1 19 ? -6.334  15.838  6.630   1.00 29.48 ? 19  G   A O6    1 
ATOM   399  N  N1    . G   A 1 19 ? -8.196  14.801  7.457   1.00 29.52 ? 19  G   A N1    1 
ATOM   400  C  C2    . G   A 1 19 ? -9.545  14.500  7.401   1.00 29.51 ? 19  G   A C2    1 
ATOM   401  N  N2    . G   A 1 19 ? -10.057 13.767  8.395   1.00 29.34 ? 19  G   A N2    1 
ATOM   402  N  N3    . G   A 1 19 ? -10.360 14.917  6.429   1.00 29.45 ? 19  G   A N3    1 
ATOM   403  C  C4    . G   A 1 19 ? -9.746  15.720  5.552   1.00 29.60 ? 19  G   A C4    1 
ATOM   404  P  P     . C   A 1 20 ? -13.168 20.739  5.692   1.00 30.66 ? 20  C   A P     1 
ATOM   405  O  OP1   . C   A 1 20 ? -14.384 21.561  5.677   1.00 30.60 ? 20  C   A OP1   1 
ATOM   406  O  OP2   . C   A 1 20 ? -11.870 21.334  5.384   1.00 30.57 ? 20  C   A OP2   1 
ATOM   407  O  "O5'" . C   A 1 20 ? -12.935 20.003  7.096   1.00 30.82 ? 20  C   A "O5'" 1 
ATOM   408  C  "C5'" . C   A 1 20 ? -13.987 19.355  7.789   1.00 31.22 ? 20  C   A "C5'" 1 
ATOM   409  C  "C4'" . C   A 1 20 ? -13.446 18.483  8.925   1.00 31.39 ? 20  C   A "C4'" 1 
ATOM   410  O  "O4'" . C   A 1 20 ? -12.453 17.528  8.413   1.00 31.49 ? 20  C   A "O4'" 1 
ATOM   411  C  "C3'" . C   A 1 20 ? -12.719 19.213  10.043  1.00 31.58 ? 20  C   A "C3'" 1 
ATOM   412  O  "O3'" . C   A 1 20 ? -13.655 19.718  10.996  1.00 31.81 ? 20  C   A "O3'" 1 
ATOM   413  C  "C2'" . C   A 1 20 ? -11.844 18.109  10.629  1.00 31.57 ? 20  C   A "C2'" 1 
ATOM   414  O  "O2'" . C   A 1 20 ? -12.615 17.218  11.416  1.00 31.63 ? 20  C   A "O2'" 1 
ATOM   415  C  "C1'" . C   A 1 20 ? -11.423 17.342  9.379   1.00 31.53 ? 20  C   A "C1'" 1 
ATOM   416  N  N1    . C   A 1 20 ? -10.147 17.824  8.831   1.00 31.56 ? 20  C   A N1    1 
ATOM   417  C  C2    . C   A 1 20 ? -8.996  17.419  9.459   1.00 31.55 ? 20  C   A C2    1 
ATOM   418  O  O2    . C   A 1 20 ? -9.094  16.701  10.435  1.00 31.58 ? 20  C   A O2    1 
ATOM   419  N  N3    . C   A 1 20 ? -7.824  17.813  9.005   1.00 31.52 ? 20  C   A N3    1 
ATOM   420  C  C4    . C   A 1 20 ? -7.751  18.605  7.947   1.00 31.52 ? 20  C   A C4    1 
ATOM   421  N  N4    . C   A 1 20 ? -6.562  18.935  7.551   1.00 31.46 ? 20  C   A N4    1 
ATOM   422  C  C5    . C   A 1 20 ? -8.911  19.059  7.259   1.00 31.52 ? 20  C   A C5    1 
ATOM   423  C  C6    . C   A 1 20 ? -10.093 18.648  7.736   1.00 31.55 ? 20  C   A C6    1 
ATOM   424  P  P     . A   A 1 21 ? -13.350 21.083  11.810  1.00 32.05 ? 21  A   A P     1 
ATOM   425  O  OP1   . A   A 1 21 ? -14.661 21.434  12.424  1.00 32.00 ? 21  A   A OP1   1 
ATOM   426  O  OP2   . A   A 1 21 ? -12.682 22.069  10.946  1.00 32.00 ? 21  A   A OP2   1 
ATOM   427  O  "O5'" . A   A 1 21 ? -12.324 20.604  12.927  1.00 32.06 ? 21  A   A "O5'" 1 
ATOM   428  C  "C5'" . A   A 1 21 ? -12.738 19.745  13.958  1.00 32.18 ? 21  A   A "C5'" 1 
ATOM   429  C  "C4'" . A   A 1 21 ? -11.595 19.475  14.915  1.00 32.18 ? 21  A   A "C4'" 1 
ATOM   430  O  "O4'" . A   A 1 21 ? -10.576 18.671  14.255  1.00 32.18 ? 21  A   A "O4'" 1 
ATOM   431  C  "C3'" . A   A 1 21 ? -10.846 20.678  15.402  1.00 32.18 ? 21  A   A "C3'" 1 
ATOM   432  O  "O3'" . A   A 1 21 ? -11.551 21.394  16.437  1.00 32.15 ? 21  A   A "O3'" 1 
ATOM   433  C  "C2'" . A   A 1 21 ? -9.533  20.060  15.837  1.00 32.16 ? 21  A   A "C2'" 1 
ATOM   434  O  "O2'" . A   A 1 21 ? -9.667  19.386  17.062  1.00 32.23 ? 21  A   A "O2'" 1 
ATOM   435  C  "C1'" . A   A 1 21 ? -9.304  19.029  14.722  1.00 32.15 ? 21  A   A "C1'" 1 
ATOM   436  N  N9    . A   A 1 21 ? -8.519  19.512  13.566  1.00 32.11 ? 21  A   A N9    1 
ATOM   437  C  C8    . A   A 1 21 ? -8.985  20.058  12.404  1.00 32.08 ? 21  A   A C8    1 
ATOM   438  N  N7    . A   A 1 21 ? -8.045  20.353  11.543  1.00 32.02 ? 21  A   A N7    1 
ATOM   439  C  C5    . A   A 1 21 ? -6.886  19.973  12.180  1.00 32.06 ? 21  A   A C5    1 
ATOM   440  C  C6    . A   A 1 21 ? -5.558  20.007  11.779  1.00 32.04 ? 21  A   A C6    1 
ATOM   441  N  N6    . A   A 1 21 ? -5.172  20.375  10.538  1.00 32.04 ? 21  A   A N6    1 
ATOM   442  N  N1    . A   A 1 21 ? -4.624  19.618  12.669  1.00 32.08 ? 21  A   A N1    1 
ATOM   443  C  C2    . A   A 1 21 ? -5.023  19.181  13.877  1.00 32.10 ? 21  A   A C2    1 
ATOM   444  N  N3    . A   A 1 21 ? -6.256  19.051  14.349  1.00 32.09 ? 21  A   A N3    1 
ATOM   445  C  C4    . A   A 1 21 ? -7.156  19.480  13.440  1.00 32.06 ? 21  A   A C4    1 
ATOM   446  P  P     . A   A 1 22 ? -11.366 22.951  16.536  1.00 32.16 ? 22  A   A P     1 
ATOM   447  O  OP1   . A   A 1 22 ? -12.313 23.441  17.536  1.00 32.13 ? 22  A   A OP1   1 
ATOM   448  O  OP2   . A   A 1 22 ? -11.262 23.653  15.280  1.00 32.11 ? 22  A   A OP2   1 
ATOM   449  O  "O5'" . A   A 1 22 ? -9.904  23.092  17.163  1.00 32.02 ? 22  A   A "O5'" 1 
ATOM   450  C  "C5'" . A   A 1 22 ? -9.646  22.606  18.463  1.00 31.78 ? 22  A   A "C5'" 1 
ATOM   451  C  "C4'" . A   A 1 22 ? -8.178  22.660  18.750  1.00 31.63 ? 22  A   A "C4'" 1 
ATOM   452  O  "O4'" . A   A 1 22 ? -7.462  21.774  17.887  1.00 31.55 ? 22  A   A "O4'" 1 
ATOM   453  C  "C3'" . A   A 1 22 ? -7.492  23.991  18.553  1.00 31.52 ? 22  A   A "C3'" 1 
ATOM   454  O  "O3'" . A   A 1 22 ? -7.696  24.826  19.655  1.00 31.54 ? 22  A   A "O3'" 1 
ATOM   455  C  "C2'" . A   A 1 22 ? -6.046  23.570  18.493  1.00 31.46 ? 22  A   A "C2'" 1 
ATOM   456  O  "O2'" . A   A 1 22 ? -5.639  23.235  19.800  1.00 31.40 ? 22  A   A "O2'" 1 
ATOM   457  C  "C1'" . A   A 1 22 ? -6.173  22.305  17.645  1.00 31.46 ? 22  A   A "C1'" 1 
ATOM   458  N  N9    . A   A 1 22 ? -6.098  22.580  16.217  1.00 31.40 ? 22  A   A N9    1 
ATOM   459  C  C8    . A   A 1 22 ? -7.163  22.869  15.397  1.00 31.38 ? 22  A   A C8    1 
ATOM   460  N  N7    . A   A 1 22 ? -6.819  23.079  14.139  1.00 31.33 ? 22  A   A N7    1 
ATOM   461  C  C5    . A   A 1 22 ? -5.443  22.921  14.136  1.00 31.32 ? 22  A   A C5    1 
ATOM   462  C  C6    . A   A 1 22 ? -4.492  23.005  13.101  1.00 31.33 ? 22  A   A C6    1 
ATOM   463  N  N6    . A   A 1 22 ? -4.818  23.278  11.813  1.00 31.29 ? 22  A   A N6    1 
ATOM   464  N  N1    . A   A 1 22 ? -3.210  22.800  13.421  1.00 31.31 ? 22  A   A N1    1 
ATOM   465  C  C2    . A   A 1 22 ? -2.903  22.547  14.692  1.00 31.31 ? 22  A   A C2    1 
ATOM   466  N  N3    . A   A 1 22 ? -3.699  22.440  15.761  1.00 31.31 ? 22  A   A N3    1 
ATOM   467  C  C4    . A   A 1 22 ? -4.981  22.625  15.411  1.00 31.35 ? 22  A   A C4    1 
ATOM   468  P  P     . G   A 1 23 ? -7.696  26.405  19.448  1.00 31.49 ? 23  G   A P     1 
ATOM   469  O  OP1   . G   A 1 23 ? -7.979  26.903  20.830  1.00 31.50 ? 23  G   A OP1   1 
ATOM   470  O  OP2   . G   A 1 23 ? -8.595  26.788  18.341  1.00 31.44 ? 23  G   A OP2   1 
ATOM   471  O  "O5'" . G   A 1 23 ? -6.217  26.784  19.058  1.00 31.48 ? 23  G   A "O5'" 1 
ATOM   472  C  "C5'" . G   A 1 23 ? -5.173  26.695  20.042  1.00 31.58 ? 23  G   A "C5'" 1 
ATOM   473  C  "C4'" . G   A 1 23 ? -3.811  26.906  19.395  1.00 31.54 ? 23  G   A "C4'" 1 
ATOM   474  O  "O4'" . G   A 1 23 ? -3.579  25.872  18.420  1.00 31.50 ? 23  G   A "O4'" 1 
ATOM   475  C  "C3'" . G   A 1 23 ? -3.626  28.186  18.604  1.00 31.54 ? 23  G   A "C3'" 1 
ATOM   476  O  "O3'" . G   A 1 23 ? -3.490  29.316  19.457  1.00 31.58 ? 23  G   A "O3'" 1 
ATOM   477  C  "C2'" . G   A 1 23 ? -2.447  27.848  17.710  1.00 31.49 ? 23  G   A "C2'" 1 
ATOM   478  O  "O2'" . G   A 1 23 ? -1.182  28.049  18.336  1.00 31.52 ? 23  G   A "O2'" 1 
ATOM   479  C  "C1'" . G   A 1 23 ? -2.740  26.369  17.386  1.00 31.43 ? 23  G   A "C1'" 1 
ATOM   480  N  N9    . G   A 1 23 ? -3.464  26.288  16.122  1.00 31.31 ? 23  G   A N9    1 
ATOM   481  C  C8    . G   A 1 23 ? -4.834  26.389  15.909  1.00 31.32 ? 23  G   A C8    1 
ATOM   482  N  N7    . G   A 1 23 ? -5.143  26.419  14.636  1.00 31.19 ? 23  G   A N7    1 
ATOM   483  C  C5    . G   A 1 23 ? -3.930  26.296  13.976  1.00 31.21 ? 23  G   A C5    1 
ATOM   484  C  C6    . G   A 1 23 ? -3.632  26.299  12.594  1.00 31.20 ? 23  G   A C6    1 
ATOM   485  O  O6    . G   A 1 23 ? -4.413  26.400  11.633  1.00 31.23 ? 23  G   A O6    1 
ATOM   486  N  N1    . G   A 1 23 ? -2.263  26.184  12.361  1.00 31.22 ? 23  G   A N1    1 
ATOM   487  C  C2    . G   A 1 23 ? -1.309  26.099  13.321  1.00 31.22 ? 23  G   A C2    1 
ATOM   488  N  N2    . G   A 1 23 ? -0.039  26.012  12.898  1.00 31.16 ? 23  G   A N2    1 
ATOM   489  N  N3    . G   A 1 23 ? -1.566  26.098  14.617  1.00 31.18 ? 23  G   A N3    1 
ATOM   490  C  C4    . G   A 1 23 ? -2.885  26.196  14.871  1.00 31.21 ? 23  G   A C4    1 
ATOM   491  O  "O5'" . C   B 1 1  ? 1.314   25.721  4.075   1.00 33.62 ? 1   C   B "O5'" 1 
ATOM   492  C  "C5'" . C   B 1 1  ? 2.680   25.845  4.517   1.00 33.51 ? 1   C   B "C5'" 1 
ATOM   493  C  "C4'" . C   B 1 1  ? 2.843   26.244  5.962   1.00 33.38 ? 1   C   B "C4'" 1 
ATOM   494  O  "O4'" . C   B 1 1  ? 1.731   27.072  6.381   1.00 33.45 ? 1   C   B "O4'" 1 
ATOM   495  C  "C3'" . C   B 1 1  ? 2.836   25.116  6.967   1.00 33.26 ? 1   C   B "C3'" 1 
ATOM   496  O  "O3'" . C   B 1 1  ? 4.128   24.483  6.988   1.00 33.00 ? 1   C   B "O3'" 1 
ATOM   497  C  "C2'" . C   B 1 1  ? 2.566   25.882  8.261   1.00 33.31 ? 1   C   B "C2'" 1 
ATOM   498  O  "O2'" . C   B 1 1  ? 3.714   26.592  8.733   1.00 33.29 ? 1   C   B "O2'" 1 
ATOM   499  C  "C1'" . C   B 1 1  ? 1.542   26.917  7.794   1.00 33.37 ? 1   C   B "C1'" 1 
ATOM   500  N  N1    . C   B 1 1  ? 0.141   26.541  8.065   1.00 33.39 ? 1   C   B N1    1 
ATOM   501  C  C2    . C   B 1 1  ? -0.307  26.589  9.395   1.00 33.38 ? 1   C   B C2    1 
ATOM   502  O  O2    . C   B 1 1  ? 0.509   26.909  10.274  1.00 33.41 ? 1   C   B O2    1 
ATOM   503  N  N3    . C   B 1 1  ? -1.599  26.277  9.687   1.00 33.32 ? 1   C   B N3    1 
ATOM   504  C  C4    . C   B 1 1  ? -2.434  25.934  8.717   1.00 33.30 ? 1   C   B C4    1 
ATOM   505  N  N4    . C   B 1 1  ? -3.732  25.719  9.046   1.00 33.22 ? 1   C   B N4    1 
ATOM   506  C  C5    . C   B 1 1  ? -1.994  25.827  7.353   1.00 33.32 ? 1   C   B C5    1 
ATOM   507  C  C6    . C   B 1 1  ? -0.715  26.151  7.076   1.00 33.38 ? 1   C   B C6    1 
ATOM   508  P  P     . U   B 1 2  ? 4.240   22.909  7.204   1.00 32.82 ? 2   U   B P     1 
ATOM   509  O  OP1   . U   B 1 2  ? 5.607   22.464  6.929   1.00 32.74 ? 2   U   B OP1   1 
ATOM   510  O  OP2   . U   B 1 2  ? 3.063   22.375  6.407   1.00 32.78 ? 2   U   B OP2   1 
ATOM   511  O  "O5'" . U   B 1 2  ? 4.035   22.767  8.787   1.00 32.61 ? 2   U   B "O5'" 1 
ATOM   512  C  "C5'" . U   B 1 2  ? 5.003   23.323  9.699   1.00 32.28 ? 2   U   B "C5'" 1 
ATOM   513  C  "C4'" . U   B 1 2  ? 4.581   23.061  11.117  1.00 32.10 ? 2   U   B "C4'" 1 
ATOM   514  O  "O4'" . U   B 1 2  ? 3.497   23.946  11.503  1.00 32.06 ? 2   U   B "O4'" 1 
ATOM   515  C  "C3'" . U   B 1 2  ? 4.046   21.672  11.357  1.00 32.02 ? 2   U   B "C3'" 1 
ATOM   516  O  "O3'" . U   B 1 2  ? 5.117   20.808  11.579  1.00 32.08 ? 2   U   B "O3'" 1 
ATOM   517  C  "C2'" . U   B 1 2  ? 3.213   21.867  12.617  1.00 31.97 ? 2   U   B "C2'" 1 
ATOM   518  O  "O2'" . U   B 1 2  ? 4.000   22.051  13.769  1.00 31.83 ? 2   U   B "O2'" 1 
ATOM   519  C  "C1'" . U   B 1 2  ? 2.567   23.209  12.306  1.00 31.94 ? 2   U   B "C1'" 1 
ATOM   520  N  N1    . U   B 1 2  ? 1.282   23.073  11.594  1.00 31.89 ? 2   U   B N1    1 
ATOM   521  C  C2    . U   B 1 2  ? 0.168   22.895  12.393  1.00 31.81 ? 2   U   B C2    1 
ATOM   522  O  O2    . U   B 1 2  ? 0.265   22.710  13.605  1.00 31.65 ? 2   U   B O2    1 
ATOM   523  N  N3    . U   B 1 2  ? -1.037  22.900  11.735  1.00 31.78 ? 2   U   B N3    1 
ATOM   524  C  C4    . U   B 1 2  ? -1.245  22.973  10.384  1.00 31.86 ? 2   U   B C4    1 
ATOM   525  O  O4    . U   B 1 2  ? -2.391  22.943  9.954   1.00 31.74 ? 2   U   B O4    1 
ATOM   526  C  C5    . U   B 1 2  ? -0.035  23.092  9.599   1.00 31.90 ? 2   U   B C5    1 
ATOM   527  C  C6    . U   B 1 2  ? 1.166   23.145  10.230  1.00 31.90 ? 2   U   B C6    1 
ATOM   528  P  P     . U   B 1 3  ? 4.990   19.282  11.188  1.00 32.19 ? 3   U   B P     1 
ATOM   529  O  OP1   . U   B 1 3  ? 6.322   18.711  11.366  1.00 32.14 ? 3   U   B OP1   1 
ATOM   530  O  OP2   . U   B 1 3  ? 4.277   19.212  9.896   1.00 32.15 ? 3   U   B OP2   1 
ATOM   531  O  "O5'" . U   B 1 3  ? 4.026   18.652  12.305  1.00 32.07 ? 3   U   B "O5'" 1 
ATOM   532  C  "C5'" . U   B 1 3  ? 4.379   18.668  13.681  1.00 31.96 ? 3   U   B "C5'" 1 
ATOM   533  C  "C4'" . U   B 1 3  ? 3.157   18.364  14.510  1.00 31.86 ? 3   U   B "C4'" 1 
ATOM   534  O  "O4'" . U   B 1 3  ? 2.189   19.434  14.371  1.00 31.83 ? 3   U   B "O4'" 1 
ATOM   535  C  "C3'" . U   B 1 3  ? 2.386   17.126  14.097  1.00 31.78 ? 3   U   B "C3'" 1 
ATOM   536  O  "O3'" . U   B 1 3  ? 3.029   15.982  14.630  1.00 31.65 ? 3   U   B "O3'" 1 
ATOM   537  C  "C2'" . U   B 1 3  ? 1.032   17.388  14.729  1.00 31.81 ? 3   U   B "C2'" 1 
ATOM   538  O  "O2'" . U   B 1 3  ? 1.098   17.205  16.104  1.00 31.83 ? 3   U   B "O2'" 1 
ATOM   539  C  "C1'" . U   B 1 3  ? 0.892   18.890  14.504  1.00 31.84 ? 3   U   B "C1'" 1 
ATOM   540  N  N1    . U   B 1 3  ? 0.150   19.207  13.291  1.00 31.84 ? 3   U   B N1    1 
ATOM   541  C  C2    . U   B 1 3  ? -1.178  19.351  13.443  1.00 31.83 ? 3   U   B C2    1 
ATOM   542  O  O2    . U   B 1 3  ? -1.713  19.254  14.512  1.00 31.81 ? 3   U   B O2    1 
ATOM   543  N  N3    . U   B 1 3  ? -1.858  19.617  12.314  1.00 31.79 ? 3   U   B N3    1 
ATOM   544  C  C4    . U   B 1 3  ? -1.323  19.775  11.038  1.00 31.83 ? 3   U   B C4    1 
ATOM   545  O  O4    . U   B 1 3  ? -2.075  20.012  10.104  1.00 31.69 ? 3   U   B O4    1 
ATOM   546  C  C5    . U   B 1 3  ? 0.098   19.651  10.971  1.00 31.84 ? 3   U   B C5    1 
ATOM   547  C  C6    . U   B 1 3  ? 0.766   19.359  12.076  1.00 31.91 ? 3   U   B C6    1 
ATOM   548  P  P     . G   B 1 4  ? 2.788   14.537  13.961  1.00 31.60 ? 4   G   B P     1 
ATOM   549  O  OP1   . G   B 1 4  ? 3.560   13.667  14.859  1.00 31.66 ? 4   G   B OP1   1 
ATOM   550  O  OP2   . G   B 1 4  ? 2.984   14.505  12.506  1.00 31.54 ? 4   G   B OP2   1 
ATOM   551  O  "O5'" . G   B 1 4  ? 1.193   14.321  13.985  1.00 31.30 ? 4   G   B "O5'" 1 
ATOM   552  C  "C5'" . G   B 1 4  ? 0.584   13.383  14.801  1.00 30.77 ? 4   G   B "C5'" 1 
ATOM   553  C  "C4'" . G   B 1 4  ? -0.803  13.828  15.098  1.00 30.35 ? 4   G   B "C4'" 1 
ATOM   554  O  "O4'" . G   B 1 4  ? -1.030  15.166  14.601  1.00 30.34 ? 4   G   B "O4'" 1 
ATOM   555  C  "C3'" . G   B 1 4  ? -1.902  13.042  14.427  1.00 30.09 ? 4   G   B "C3'" 1 
ATOM   556  O  "O3'" . G   B 1 4  ? -2.043  11.792  15.050  1.00 29.53 ? 4   G   B "O3'" 1 
ATOM   557  C  "C2'" . G   B 1 4  ? -3.090  13.981  14.596  1.00 30.14 ? 4   G   B "C2'" 1 
ATOM   558  O  "O2'" . G   B 1 4  ? -3.601  13.935  15.927  1.00 30.22 ? 4   G   B "O2'" 1 
ATOM   559  C  "C1'" . G   B 1 4  ? -2.418  15.344  14.346  1.00 30.27 ? 4   G   B "C1'" 1 
ATOM   560  N  N9    . G   B 1 4  ? -2.561  15.836  12.976  1.00 30.23 ? 4   G   B N9    1 
ATOM   561  C  C8    . G   B 1 4  ? -1.551  16.051  12.068  1.00 30.32 ? 4   G   B C8    1 
ATOM   562  N  N7    . G   B 1 4  ? -1.982  16.548  10.927  1.00 30.23 ? 4   G   B N7    1 
ATOM   563  C  C5    . G   B 1 4  ? -3.366  16.622  11.095  1.00 30.23 ? 4   G   B C5    1 
ATOM   564  C  C6    . G   B 1 4  ? -4.385  17.036  10.197  1.00 30.28 ? 4   G   B C6    1 
ATOM   565  O  O6    . G   B 1 4  ? -4.280  17.394  9.044   1.00 30.25 ? 4   G   B O6    1 
ATOM   566  N  N1    . G   B 1 4  ? -5.655  16.975  10.780  1.00 30.27 ? 4   G   B N1    1 
ATOM   567  C  C2    . G   B 1 4  ? -5.913  16.523  12.060  1.00 30.28 ? 4   G   B C2    1 
ATOM   568  N  N2    . G   B 1 4  ? -7.224  16.479  12.424  1.00 30.20 ? 4   G   B N2    1 
ATOM   569  N  N3    . G   B 1 4  ? -4.970  16.132  12.902  1.00 30.19 ? 4   G   B N3    1 
ATOM   570  C  C4    . G   B 1 4  ? -3.729  16.199  12.357  1.00 30.20 ? 4   G   B C4    1 
ATOM   571  P  P     . C   B 1 5  ? -2.541  10.542  14.196  1.00 29.26 ? 5   C   B P     1 
ATOM   572  O  OP1   . C   B 1 5  ? -2.225  9.409   15.087  1.00 29.13 ? 5   C   B OP1   1 
ATOM   573  O  OP2   . C   B 1 5  ? -1.930  10.589  12.836  1.00 29.19 ? 5   C   B OP2   1 
ATOM   574  O  "O5'" . C   B 1 5  ? -4.081  10.841  14.002  1.00 28.70 ? 5   C   B "O5'" 1 
ATOM   575  C  "C5'" . C   B 1 5  ? -4.974  10.839  15.072  1.00 27.99 ? 5   C   B "C5'" 1 
ATOM   576  C  "C4'" . C   B 1 5  ? -6.366  11.177  14.605  1.00 27.44 ? 5   C   B "C4'" 1 
ATOM   577  O  "O4'" . C   B 1 5  ? -6.395  12.536  14.083  1.00 27.26 ? 5   C   B "O4'" 1 
ATOM   578  C  "C3'" . C   B 1 5  ? -6.884  10.324  13.468  1.00 27.13 ? 5   C   B "C3'" 1 
ATOM   579  O  "O3'" . C   B 1 5  ? -7.425  9.098   13.940  1.00 26.73 ? 5   C   B "O3'" 1 
ATOM   580  C  "C2'" . C   B 1 5  ? -7.962  11.210  12.868  1.00 27.09 ? 5   C   B "C2'" 1 
ATOM   581  O  "O2'" . C   B 1 5  ? -9.097  11.218  13.654  1.00 27.11 ? 5   C   B "O2'" 1 
ATOM   582  C  "C1'" . C   B 1 5  ? -7.313  12.582  12.975  1.00 27.12 ? 5   C   B "C1'" 1 
ATOM   583  N  N1    . C   B 1 5  ? -6.573  12.899  11.726  1.00 26.94 ? 5   C   B N1    1 
ATOM   584  C  C2    . C   B 1 5  ? -7.322  13.369  10.644  1.00 26.87 ? 5   C   B C2    1 
ATOM   585  O  O2    . C   B 1 5  ? -8.575  13.368  10.718  1.00 26.68 ? 5   C   B O2    1 
ATOM   586  N  N3    . C   B 1 5  ? -6.684  13.802  9.558   1.00 26.80 ? 5   C   B N3    1 
ATOM   587  C  C4    . C   B 1 5  ? -5.369  13.717  9.470   1.00 26.87 ? 5   C   B C4    1 
ATOM   588  N  N4    . C   B 1 5  ? -4.805  14.188  8.354   1.00 26.82 ? 5   C   B N4    1 
ATOM   589  C  C5    . C   B 1 5  ? -4.573  13.152  10.512  1.00 26.90 ? 5   C   B C5    1 
ATOM   590  C  C6    . C   B 1 5  ? -5.217  12.763  11.626  1.00 26.98 ? 5   C   B C6    1 
ATOM   591  P  P     . U   B 1 6  ? -7.345  7.790   13.026  1.00 26.45 ? 6   U   B P     1 
ATOM   592  O  OP1   . U   B 1 6  ? -7.762  6.638   13.877  1.00 26.43 ? 6   U   B OP1   1 
ATOM   593  O  OP2   . U   B 1 6  ? -6.087  7.729   12.368  1.00 26.34 ? 6   U   B OP2   1 
ATOM   594  O  "O5'" . U   B 1 6  ? -8.379  8.108   11.871  1.00 26.21 ? 6   U   B "O5'" 1 
ATOM   595  C  "C5'" . U   B 1 6  ? -9.792  8.206   12.139  1.00 25.89 ? 6   U   B "C5'" 1 
ATOM   596  C  "C4'" . U   B 1 6  ? -10.583 8.442   10.867  1.00 25.70 ? 6   U   B "C4'" 1 
ATOM   597  O  "O4'" . U   B 1 6  ? -10.440 9.803   10.378  1.00 25.70 ? 6   U   B "O4'" 1 
ATOM   598  C  "C3'" . U   B 1 6  ? -10.144 7.626   9.665   1.00 25.53 ? 6   U   B "C3'" 1 
ATOM   599  O  "O3'" . U   B 1 6  ? -10.701 6.345   9.772   1.00 25.29 ? 6   U   B "O3'" 1 
ATOM   600  C  "C2'" . U   B 1 6  ? -10.795 8.389   8.534   1.00 25.58 ? 6   U   B "C2'" 1 
ATOM   601  O  "O2'" . U   B 1 6  ? -12.200 8.249   8.570   1.00 25.47 ? 6   U   B "O2'" 1 
ATOM   602  C  "C1'" . U   B 1 6  ? -10.482 9.818   8.965   1.00 25.66 ? 6   U   B "C1'" 1 
ATOM   603  N  N1    . U   B 1 6  ? -9.154  10.202  8.482   1.00 25.76 ? 6   U   B N1    1 
ATOM   604  C  C2    . U   B 1 6  ? -9.125  10.755  7.240   1.00 25.77 ? 6   U   B C2    1 
ATOM   605  O  O2    . U   B 1 6  ? -10.106 10.849  6.604   1.00 25.75 ? 6   U   B O2    1 
ATOM   606  N  N3    . U   B 1 6  ? -7.915  11.174  6.806   1.00 25.78 ? 6   U   B N3    1 
ATOM   607  C  C4    . U   B 1 6  ? -6.712  11.059  7.500   1.00 25.85 ? 6   U   B C4    1 
ATOM   608  O  O4    . U   B 1 6  ? -5.706  11.563  7.036   1.00 25.71 ? 6   U   B O4    1 
ATOM   609  C  C5    . U   B 1 6  ? -6.830  10.412  8.785   1.00 25.83 ? 6   U   B C5    1 
ATOM   610  C  C6    . U   B 1 6  ? -8.011  10.027  9.222   1.00 25.84 ? 6   U   B C6    1 
ATOM   611  P  P     A G   B 1 7  ? -10.023 5.163   8.996   0.50 25.04 ? 7   G   B P     1 
ATOM   612  P  P     B G   B 1 7  ? -9.762  5.267   9.003   0.50 23.09 ? 7   G   B P     1 
ATOM   613  O  OP1   A G   B 1 7  ? -10.697 3.884   9.366   0.50 25.02 ? 7   G   B OP1   1 
ATOM   614  O  OP1   B G   B 1 7  ? -10.268 3.900   9.245   0.50 23.03 ? 7   G   B OP1   1 
ATOM   615  O  OP2   A G   B 1 7  ? -8.530  5.315   9.131   0.50 25.06 ? 7   G   B OP2   1 
ATOM   616  O  OP2   B G   B 1 7  ? -8.340  5.485   9.368   0.50 22.99 ? 7   G   B OP2   1 
ATOM   617  O  "O5'" A G   B 1 7  ? -10.321 5.484   7.473   0.50 24.82 ? 7   G   B "O5'" 1 
ATOM   618  O  "O5'" B G   B 1 7  ? -9.973  5.669   7.461   0.50 23.13 ? 7   G   B "O5'" 1 
ATOM   619  C  "C5'" A G   B 1 7  ? -11.655 5.431   6.929   0.50 24.49 ? 7   G   B "C5'" 1 
ATOM   620  C  "C5'" B G   B 1 7  ? -11.209 5.273   6.812   0.50 23.28 ? 7   G   B "C5'" 1 
ATOM   621  C  "C4'" A G   B 1 7  ? -11.611 5.820   5.472   0.50 24.23 ? 7   G   B "C4'" 1 
ATOM   622  C  "C4'" B G   B 1 7  ? -11.140 5.582   5.317   0.50 23.36 ? 7   G   B "C4'" 1 
ATOM   623  O  "O4'" A G   B 1 7  ? -11.277 7.220   5.355   0.50 24.15 ? 7   G   B "O4'" 1 
ATOM   624  O  "O4'" B G   B 1 7  ? -10.859 7.019   5.161   0.50 23.36 ? 7   G   B "O4'" 1 
ATOM   625  C  "C3'" A G   B 1 7  ? -10.491 5.183   4.694   0.50 24.07 ? 7   G   B "C3'" 1 
ATOM   626  C  "C3'" B G   B 1 7  ? -10.080 4.917   4.480   0.50 23.42 ? 7   G   B "C3'" 1 
ATOM   627  O  "O3'" A G   B 1 7  ? -10.814 3.872   4.322   0.50 23.96 ? 7   G   B "O3'" 1 
ATOM   628  O  "O3'" B G   B 1 7  ? -10.361 3.539   4.252   0.50 23.57 ? 7   G   B "O3'" 1 
ATOM   629  C  "C2'" A G   B 1 7  ? -10.376 6.108   3.485   0.50 24.04 ? 7   G   B "C2'" 1 
ATOM   630  C  "C2'" B G   B 1 7  ? -9.963  5.849   3.285   0.50 23.40 ? 7   G   B "C2'" 1 
ATOM   631  O  "O2'" A G   B 1 7  ? -11.418 5.863   2.538   0.50 23.98 ? 7   G   B "O2'" 1 
ATOM   632  O  "O2'" B G   B 1 7  ? -11.062 5.707   2.393   0.50 23.39 ? 7   G   B "O2'" 1 
ATOM   633  C  "C1'" A G   B 1 7  ? -10.542 7.467   4.172   0.50 24.02 ? 7   G   B "C1'" 1 
ATOM   634  C  "C1'" B G   B 1 7  ? -10.082 7.210   3.979   0.50 23.37 ? 7   G   B "C1'" 1 
ATOM   635  N  N9    A G   B 1 7  ? -9.258  8.061   4.557   0.50 23.95 ? 7   G   B N9    1 
ATOM   636  N  N9    B G   B 1 7  ? -8.775  7.758   4.368   0.50 23.36 ? 7   G   B N9    1 
ATOM   637  C  C8    A G   B 1 7  ? -8.551  7.853   5.720   0.50 23.91 ? 7   G   B C8    1 
ATOM   638  C  C8    B G   B 1 7  ? -8.046  7.488   5.506   0.50 23.36 ? 7   G   B C8    1 
ATOM   639  N  N7    A G   B 1 7  ? -7.387  8.439   5.720   0.50 23.88 ? 7   G   B N7    1 
ATOM   640  N  N7    B G   B 1 7  ? -6.866  8.056   5.506   0.50 23.34 ? 7   G   B N7    1 
ATOM   641  C  C5    A G   B 1 7  ? -7.330  9.088   4.484   0.50 23.86 ? 7   G   B C5    1 
ATOM   642  C  C5    B G   B 1 7  ? -6.833  8.777   4.315   0.50 23.34 ? 7   G   B C5    1 
ATOM   643  C  C6    A G   B 1 7  ? -6.288  9.870   3.874   0.50 23.87 ? 7   G   B C6    1 
ATOM   644  C  C6    B G   B 1 7  ? -5.818  9.626   3.756   0.50 23.34 ? 7   G   B C6    1 
ATOM   645  O  O6    A G   B 1 7  ? -5.149  10.113  4.281   0.50 23.85 ? 7   G   B O6    1 
ATOM   646  O  O6    B G   B 1 7  ? -4.688  9.882   4.187   0.50 23.35 ? 7   G   B O6    1 
ATOM   647  N  N1    A G   B 1 7  ? -6.678  10.358  2.643   0.50 23.86 ? 7   G   B N1    1 
ATOM   648  N  N1    B G   B 1 7  ? -6.228  10.183  2.555   0.50 23.31 ? 7   G   B N1    1 
ATOM   649  C  C2    A G   B 1 7  ? -7.881  10.118  2.038   0.50 23.90 ? 7   G   B C2    1 
ATOM   650  C  C2    B G   B 1 7  ? -7.431  9.945   1.943   0.50 23.33 ? 7   G   B C2    1 
ATOM   651  N  N2    A G   B 1 7  ? -8.070  10.700  0.819   0.50 23.85 ? 7   G   B N2    1 
ATOM   652  N  N2    B G   B 1 7  ? -7.638  10.570  0.740   0.50 23.30 ? 7   G   B N2    1 
ATOM   653  N  N3    A G   B 1 7  ? -8.834  9.368   2.564   0.50 23.86 ? 7   G   B N3    1 
ATOM   654  N  N3    B G   B 1 7  ? -8.369  9.157   2.439   0.50 23.32 ? 7   G   B N3    1 
ATOM   655  C  C4    A G   B 1 7  ? -8.492  8.894   3.781   0.50 23.91 ? 7   G   B C4    1 
ATOM   656  C  C4    B G   B 1 7  ? -8.010  8.618   3.618   0.50 23.34 ? 7   G   B C4    1 
ATOM   657  P  P     A A   B 1 8  ? -9.638  2.797   4.239   0.50 23.92 ? 8   A   B P     1 
ATOM   658  P  P     B A   B 1 8  ? -9.142  2.482   4.195   0.50 23.69 ? 8   A   B P     1 
ATOM   659  O  OP1   A A   B 1 8  ? -8.940  2.623   5.543   0.50 23.89 ? 8   A   B OP1   1 
ATOM   660  O  OP1   B A   B 1 8  ? -8.497  2.403   5.535   0.50 23.63 ? 8   A   B OP1   1 
ATOM   661  O  OP2   A A   B 1 8  ? -8.863  3.242   3.084   0.50 23.83 ? 8   A   B OP2   1 
ATOM   662  O  OP2   B A   B 1 8  ? -8.336  2.744   3.015   0.50 23.63 ? 8   A   B OP2   1 
ATOM   663  O  "O5'" A A   B 1 8  ? -10.402 1.461   3.855   0.50 23.88 ? 8   A   B "O5'" 1 
ATOM   664  O  "O5'" B A   B 1 8  ? -9.883  1.100   3.965   0.50 23.88 ? 8   A   B "O5'" 1 
ATOM   665  C  "C5'" A A   B 1 8  ? -9.639  0.288   3.490   0.50 23.86 ? 8   A   B "C5'" 1 
ATOM   666  C  "C5'" B A   B 1 8  ? -9.170  -0.047  3.473   0.50 24.19 ? 8   A   B "C5'" 1 
ATOM   667  C  "C4'" A A   B 1 8  ? -10.285 -0.458  2.350   0.50 23.84 ? 8   A   B "C4'" 1 
ATOM   668  C  "C4'" B A   B 1 8  ? -10.140 -0.989  2.816   0.50 24.44 ? 8   A   B "C4'" 1 
ATOM   669  O  "O4'" A A   B 1 8  ? -11.503 -1.106  2.781   0.50 23.88 ? 8   A   B "O4'" 1 
ATOM   670  O  "O4'" B A   B 1 8  ? -11.111 -1.377  3.804   0.50 24.47 ? 8   A   B "O4'" 1 
ATOM   671  C  "C3'" A A   B 1 8  ? -10.668 0.269   1.064   0.50 23.83 ? 8   A   B "C3'" 1 
ATOM   672  C  "C3'" B A   B 1 8  ? -10.921 -0.332  1.686   0.50 24.57 ? 8   A   B "C3'" 1 
ATOM   673  O  "O3'" A A   B 1 8  ? -10.157 -0.508  -0.015  0.50 23.69 ? 8   A   B "O3'" 1 
ATOM   674  O  "O3'" B A   B 1 8  ? -10.393 -0.783  0.467   0.50 24.93 ? 8   A   B "O3'" 1 
ATOM   675  C  "C2'" A A   B 1 8  ? -12.185 0.096   1.023   0.50 23.86 ? 8   A   B "C2'" 1 
ATOM   676  C  "C2'" B A   B 1 8  ? -12.341 -0.860  1.849   0.50 24.57 ? 8   A   B "C2'" 1 
ATOM   677  O  "O2'" A A   B 1 8  ? -12.763 0.031   -0.281  0.50 23.91 ? 8   A   B "O2'" 1 
ATOM   678  O  "O2'" B A   B 1 8  ? -12.654 -2.081  1.164   0.50 24.52 ? 8   A   B "O2'" 1 
ATOM   679  C  "C1'" A A   B 1 8  ? -12.290 -1.291  1.637   0.50 23.92 ? 8   A   B "C1'" 1 
ATOM   680  C  "C1'" B A   B 1 8  ? -12.409 -1.063  3.355   0.50 24.52 ? 8   A   B "C1'" 1 
ATOM   681  N  N9    A A   B 1 8  ? -13.630 -1.633  2.063   0.50 23.96 ? 8   A   B N9    1 
ATOM   682  N  N9    B A   B 1 8  ? -12.817 0.102   4.101   0.50 24.58 ? 8   A   B N9    1 
ATOM   683  C  C8    A A   B 1 8  ? -14.201 -1.026  3.098   0.50 23.97 ? 8   A   B C8    1 
ATOM   684  C  C8    B A   B 1 8  ? -13.225 1.351   3.717   0.50 24.55 ? 8   A   B C8    1 
ATOM   685  N  N7    A A   B 1 8  ? -15.419 -1.444  3.340   0.50 23.98 ? 8   A   B N7    1 
ATOM   686  N  N7    B A   B 1 8  ? -13.546 2.127   4.720   0.50 24.61 ? 8   A   B N7    1 
ATOM   687  C  C5    A A   B 1 8  ? -15.647 -2.410  2.392   0.50 24.01 ? 8   A   B C5    1 
ATOM   688  C  C5    B A   B 1 8  ? -13.320 1.325   5.839   0.50 24.60 ? 8   A   B C5    1 
ATOM   689  C  C6    A A   B 1 8  ? -16.759 -3.228  2.158   0.50 24.03 ? 8   A   B C6    1 
ATOM   690  C  C6    B A   B 1 8  ? -13.496 1.541   7.202   0.50 24.62 ? 8   A   B C6    1 
ATOM   691  N  N6    A A   B 1 8  ? -17.835 -3.212  2.918   0.50 24.05 ? 8   A   B N6    1 
ATOM   692  N  N6    B A   B 1 8  ? -14.023 2.648   7.698   0.50 24.65 ? 8   A   B N6    1 
ATOM   693  N  N1    A A   B 1 8  ? -16.704 -4.073  1.119   0.50 24.04 ? 8   A   B N1    1 
ATOM   694  N  N1    B A   B 1 8  ? -13.130 0.563   8.050   0.50 24.63 ? 8   A   B N1    1 
ATOM   695  C  C2    A A   B 1 8  ? -15.563 -4.095  0.401   0.50 24.03 ? 8   A   B C2    1 
ATOM   696  C  C2    B A   B 1 8  ? -12.659 -0.572  7.551   0.50 24.62 ? 8   A   B C2    1 
ATOM   697  N  N3    A A   B 1 8  ? -14.442 -3.376  0.557   0.50 24.03 ? 8   A   B N3    1 
ATOM   698  N  N3    B A   B 1 8  ? -12.487 -0.918  6.273   0.50 24.62 ? 8   A   B N3    1 
ATOM   699  C  C4    A A   B 1 8  ? -14.563 -2.541  1.582   0.50 23.99 ? 8   A   B C4    1 
ATOM   700  C  C4    B A   B 1 8  ? -12.845 0.095   5.470   0.50 24.60 ? 8   A   B C4    1 
ATOM   701  P  P     A G   B 1 9  ? -8.949  0.049   -0.837  0.50 23.63 ? 9   G   B P     1 
ATOM   702  P  P     B G   B 1 9  ? -9.053  -0.147  -0.105  0.50 25.17 ? 9   G   B P     1 
ATOM   703  O  OP1   A G   B 1 9  ? -8.799  -0.709  -2.096  0.50 23.58 ? 9   G   B OP1   1 
ATOM   704  O  OP1   B G   B 1 9  ? -8.788  -1.029  -1.241  0.50 25.16 ? 9   G   B OP1   1 
ATOM   705  O  OP2   A G   B 1 9  ? -7.705  -0.216  -0.095  0.50 23.63 ? 9   G   B OP2   1 
ATOM   706  O  OP2   B G   B 1 9  ? -8.033  0.022   0.917   0.50 25.09 ? 9   G   B OP2   1 
ATOM   707  O  "O5'" A G   B 1 9  ? -9.429  1.574   -1.014  0.50 23.47 ? 9   G   B "O5'" 1 
ATOM   708  O  "O5'" B G   B 1 9  ? -9.452  1.283   -0.697  0.50 25.41 ? 9   G   B "O5'" 1 
ATOM   709  C  "C5'" A G   B 1 9  ? -10.654 1.819   -1.690  0.50 23.28 ? 9   G   B "C5'" 1 
ATOM   710  C  "C5'" B G   B 1 9  ? -10.368 1.399   -1.780  0.50 25.82 ? 9   G   B "C5'" 1 
ATOM   711  C  "C4'" A G   B 1 9  ? -10.539 3.125   -2.466  0.50 23.12 ? 9   G   B "C4'" 1 
ATOM   712  C  "C4'" B G   B 1 9  ? -10.289 2.775   -2.401  0.50 26.11 ? 9   G   B "C4'" 1 
ATOM   713  O  "O4'" A G   B 1 9  ? -10.705 4.224   -1.516  0.50 23.08 ? 9   G   B "O4'" 1 
ATOM   714  O  "O4'" B G   B 1 9  ? -10.628 3.803   -1.453  0.50 26.15 ? 9   G   B "O4'" 1 
ATOM   715  C  "C3'" A G   B 1 9  ? -9.166  3.458   -3.117  0.50 23.07 ? 9   G   B "C3'" 1 
ATOM   716  C  "C3'" B G   B 1 9  ? -8.938  3.207   -2.947  0.50 26.30 ? 9   G   B "C3'" 1 
ATOM   717  O  "O3'" A G   B 1 9  ? -8.736  2.543   -4.154  0.50 23.05 ? 9   G   B "O3'" 1 
ATOM   718  O  "O3'" B G   B 1 9  ? -8.708  2.593   -4.210  0.50 26.69 ? 9   G   B "O3'" 1 
ATOM   719  C  "C2'" A G   B 1 9  ? -9.325  4.930   -3.320  0.50 23.03 ? 9   G   B "C2'" 1 
ATOM   720  C  "C2'" B G   B 1 9  ? -9.135  4.708   -3.072  0.50 26.26 ? 9   G   B "C2'" 1 
ATOM   721  O  "O2'" A G   B 1 9  ? -10.042 5.220   -4.515  0.50 22.99 ? 9   G   B "O2'" 1 
ATOM   722  O  "O2'" B G   B 1 9  ? -9.935  5.024   -4.185  0.50 26.27 ? 9   G   B "O2'" 1 
ATOM   723  C  "C1'" A G   B 1 9  ? -9.854  5.283   -1.936  0.50 23.01 ? 9   G   B "C1'" 1 
ATOM   724  C  "C1'" B G   B 1 9  ? -9.919  5.003   -1.780  0.50 26.21 ? 9   G   B "C1'" 1 
ATOM   725  N  N9    A G   B 1 9  ? -8.707  5.378   -0.989  0.50 22.98 ? 9   G   B N9    1 
ATOM   726  N  N9    B G   B 1 9  ? -8.984  5.289   -0.692  0.50 26.19 ? 9   G   B N9    1 
ATOM   727  C  C8    A G   B 1 9  ? -8.319  4.440   -0.064  0.50 22.96 ? 9   G   B C8    1 
ATOM   728  C  C8    B G   B 1 9  ? -8.843  4.579   0.483   0.50 26.21 ? 9   G   B C8    1 
ATOM   729  N  N7    A G   B 1 9  ? -7.302  4.824   0.659   0.50 22.96 ? 9   G   B N7    1 
ATOM   730  N  N7    B G   B 1 9  ? -7.864  5.016   1.229   0.50 26.21 ? 9   G   B N7    1 
ATOM   731  C  C5    A G   B 1 9  ? -6.983  6.084   0.179   0.50 22.98 ? 9   G   B C5    1 
ATOM   732  C  C5    B G   B 1 9  ? -7.324  6.082   0.526   0.50 26.20 ? 9   G   B C5    1 
ATOM   733  C  C6    A G   B 1 9  ? -5.949  7.010   0.598   0.50 23.00 ? 9   G   B C6    1 
ATOM   734  C  C6    B G   B 1 9  ? -6.197  6.921   0.841   0.50 26.20 ? 9   G   B C6    1 
ATOM   735  O  O6    A G   B 1 9  ? -5.139  6.897   1.563   0.50 22.96 ? 9   G   B O6    1 
ATOM   736  O  O6    B G   B 1 9  ? -5.409  6.826   1.814   0.50 26.19 ? 9   G   B O6    1 
ATOM   737  N  N1    A G   B 1 9  ? -5.936  8.155   -0.217  0.50 22.98 ? 9   G   B N1    1 
ATOM   738  N  N1    B G   B 1 9  ? -6.005  7.916   -0.141  0.50 26.17 ? 9   G   B N1    1 
ATOM   739  C  C2    A G   B 1 9  ? -6.824  8.384   -1.253  0.50 23.00 ? 9   G   B C2    1 
ATOM   740  C  C2    B G   B 1 9  ? -6.776  8.040   -1.276  0.50 26.17 ? 9   G   B C2    1 
ATOM   741  N  N2    A G   B 1 9  ? -6.653  9.529   -1.960  0.50 22.98 ? 9   G   B N2    1 
ATOM   742  N  N2    B G   B 1 9  ? -6.442  9.038   -2.104  0.50 26.12 ? 9   G   B N2    1 
ATOM   743  N  N3    A G   B 1 9  ? -7.822  7.546   -1.599  0.50 22.98 ? 9   G   B N3    1 
ATOM   744  N  N3    B G   B 1 9  ? -7.814  7.234   -1.587  0.50 26.15 ? 9   G   B N3    1 
ATOM   745  C  C4    A G   B 1 9  ? -7.827  6.433   -0.858  0.50 22.97 ? 9   G   B C4    1 
ATOM   746  C  C4    B G   B 1 9  ? -8.023  6.292   -0.649  0.50 26.20 ? 9   G   B C4    1 
ATOM   747  P  P     . G   B 1 10 ? -7.221  2.359   -4.730  1.00 27.05 ? 10  G   B P     1 
ATOM   748  O  OP1   . G   B 1 10 ? -7.397  1.639   -6.055  1.00 26.95 ? 10  G   B OP1   1 
ATOM   749  O  OP2   . G   B 1 10 ? -6.367  1.764   -3.679  1.00 26.96 ? 10  G   B OP2   1 
ATOM   750  O  "O5'" . G   B 1 10 ? -6.614  3.798   -5.030  1.00 27.24 ? 10  G   B "O5'" 1 
ATOM   751  C  "C5'" . G   B 1 10 ? -7.093  4.675   -6.054  1.00 27.87 ? 10  G   B "C5'" 1 
ATOM   752  C  "C4'" . G   B 1 10 ? -6.101  5.811   -6.236  1.00 28.28 ? 10  G   B "C4'" 1 
ATOM   753  O  "O4'" . G   B 1 10 ? -6.097  6.673   -5.046  1.00 28.39 ? 10  G   B "O4'" 1 
ATOM   754  C  "C3'" . G   B 1 10 ? -4.658  5.335   -6.351  1.00 28.53 ? 10  G   B "C3'" 1 
ATOM   755  O  "O3'" . G   B 1 10 ? -4.294  5.006   -7.688  1.00 29.08 ? 10  G   B "O3'" 1 
ATOM   756  C  "C2'" . G   B 1 10 ? -3.872  6.555   -5.917  1.00 28.51 ? 10  G   B "C2'" 1 
ATOM   757  O  "O2'" . G   B 1 10 ? -3.906  7.538   -6.927  1.00 28.41 ? 10  G   B "O2'" 1 
ATOM   758  C  "C1'" . G   B 1 10 ? -4.736  7.065   -4.761  1.00 28.48 ? 10  G   B "C1'" 1 
ATOM   759  N  N9    . G   B 1 10 ? -4.349  6.463   -3.488  1.00 28.52 ? 10  G   B N9    1 
ATOM   760  C  C8    . G   B 1 10 ? -5.108  5.597   -2.753  1.00 28.58 ? 10  G   B C8    1 
ATOM   761  N  N7    . G   B 1 10 ? -4.571  5.285   -1.615  1.00 28.60 ? 10  G   B N7    1 
ATOM   762  C  C5    . G   B 1 10 ? -3.371  5.968   -1.605  1.00 28.63 ? 10  G   B C5    1 
ATOM   763  C  C6    . G   B 1 10 ? -2.368  6.046   -0.581  1.00 28.69 ? 10  G   B C6    1 
ATOM   764  O  O6    . G   B 1 10 ? -2.413  5.555   0.589   1.00 28.67 ? 10  G   B O6    1 
ATOM   765  N  N1    . G   B 1 10 ? -1.276  6.832   -0.994  1.00 28.65 ? 10  G   B N1    1 
ATOM   766  C  C2    . G   B 1 10 ? -1.198  7.502   -2.207  1.00 28.69 ? 10  G   B C2    1 
ATOM   767  N  N2    . G   B 1 10 ? -0.052  8.240   -2.412  1.00 28.74 ? 10  G   B N2    1 
ATOM   768  N  N3    . G   B 1 10 ? -2.163  7.468   -3.150  1.00 28.58 ? 10  G   B N3    1 
ATOM   769  C  C4    . G   B 1 10 ? -3.206  6.684   -2.775  1.00 28.56 ? 10  G   B C4    1 
ATOM   770  P  P     . U   B 1 11 ? -3.265  3.820   -7.952  1.00 29.50 ? 11  U   B P     1 
ATOM   771  O  OP1   . U   B 1 11 ? -3.265  3.504   -9.364  1.00 29.45 ? 11  U   B OP1   1 
ATOM   772  O  OP2   . U   B 1 11 ? -3.498  2.705   -6.987  1.00 29.44 ? 11  U   B OP2   1 
ATOM   773  O  "O5'" . U   B 1 11 ? -1.839  4.423   -7.624  1.00 29.85 ? 11  U   B "O5'" 1 
ATOM   774  C  "C5'" . U   B 1 11 ? -1.280  5.549   -8.341  1.00 30.56 ? 11  U   B "C5'" 1 
ATOM   775  C  "C4'" . U   B 1 11 ? 0.055   5.931   -7.724  1.00 31.04 ? 11  U   B "C4'" 1 
ATOM   776  O  "O4'" . U   B 1 11 ? -0.107  6.552   -6.427  1.00 31.12 ? 11  U   B "O4'" 1 
ATOM   777  C  "C3'" . U   B 1 11 ? 0.969   4.763   -7.420  1.00 31.36 ? 11  U   B "C3'" 1 
ATOM   778  O  "O3'" . U   B 1 11 ? 1.601   4.306   -8.588  1.00 31.88 ? 11  U   B "O3'" 1 
ATOM   779  C  "C2'" . U   B 1 11 ? 1.941   5.349   -6.403  1.00 31.30 ? 11  U   B "C2'" 1 
ATOM   780  O  "O2'" . U   B 1 11 ? 2.912   6.164   -7.038  1.00 31.26 ? 11  U   B "O2'" 1 
ATOM   781  C  "C1'" . U   B 1 11 ? 0.990   6.207   -5.568  1.00 31.23 ? 11  U   B "C1'" 1 
ATOM   782  N  N1    . U   B 1 11 ? 0.488   5.417   -4.437  1.00 31.23 ? 11  U   B N1    1 
ATOM   783  C  C2    . U   B 1 11 ? 1.304   5.299   -3.318  1.00 31.20 ? 11  U   B C2    1 
ATOM   784  O  O2    . U   B 1 11 ? 2.349   5.875   -3.225  1.00 31.11 ? 11  U   B O2    1 
ATOM   785  N  N3    . U   B 1 11 ? 0.832   4.494   -2.310  1.00 31.20 ? 11  U   B N3    1 
ATOM   786  C  C4    . U   B 1 11 ? -0.388  3.843   -2.275  1.00 31.25 ? 11  U   B C4    1 
ATOM   787  O  O4    . U   B 1 11 ? -0.765  3.295   -1.225  1.00 31.17 ? 11  U   B O4    1 
ATOM   788  C  C5    . U   B 1 11 ? -1.186  4.022   -3.459  1.00 31.23 ? 11  U   B C5    1 
ATOM   789  C  C6    . U   B 1 11 ? -0.725  4.783   -4.481  1.00 31.29 ? 11  U   B C6    1 
ATOM   790  P  P     . G   B 1 12 ? 2.122   2.809   -8.641  1.00 32.34 ? 12  G   B P     1 
ATOM   791  O  OP1   . G   B 1 12 ? 2.657   2.606   -10.048 1.00 32.25 ? 12  G   B OP1   1 
ATOM   792  O  OP2   . G   B 1 12 ? 1.132   1.873   -8.083  1.00 32.24 ? 12  G   B OP2   1 
ATOM   793  O  "O5'" . G   B 1 12 ? 3.380   2.753   -7.665  1.00 32.68 ? 12  G   B "O5'" 1 
ATOM   794  C  "C5'" . G   B 1 12 ? 4.544   3.564   -7.924  1.00 33.37 ? 12  G   B "C5'" 1 
ATOM   795  C  "C4'" . G   B 1 12 ? 5.487   3.523   -6.737  1.00 33.83 ? 12  G   B "C4'" 1 
ATOM   796  O  "O4'" . G   B 1 12 ? 4.825   4.085   -5.581  1.00 33.95 ? 12  G   B "O4'" 1 
ATOM   797  C  "C3'" . G   B 1 12 ? 5.870   2.139   -6.230  1.00 34.12 ? 12  G   B "C3'" 1 
ATOM   798  O  "O3'" . G   B 1 12 ? 6.862   1.519   -7.008  1.00 34.55 ? 12  G   B "O3'" 1 
ATOM   799  C  "C2'" . G   B 1 12 ? 6.367   2.453   -4.821  1.00 34.12 ? 12  G   B "C2'" 1 
ATOM   800  O  "O2'" . G   B 1 12 ? 7.629   3.123   -4.867  1.00 34.17 ? 12  G   B "O2'" 1 
ATOM   801  C  "C1'" . G   B 1 12 ? 5.294   3.449   -4.387  1.00 34.08 ? 12  G   B "C1'" 1 
ATOM   802  N  N9    . G   B 1 12 ? 4.181   2.768   -3.723  1.00 34.13 ? 12  G   B N9    1 
ATOM   803  C  C8    . G   B 1 12 ? 2.975   2.415   -4.258  1.00 34.16 ? 12  G   B C8    1 
ATOM   804  N  N7    . G   B 1 12 ? 2.203   1.817   -3.401  1.00 34.18 ? 12  G   B N7    1 
ATOM   805  C  C5    . G   B 1 12 ? 2.937   1.786   -2.233  1.00 34.20 ? 12  G   B C5    1 
ATOM   806  C  C6    . G   B 1 12 ? 2.594   1.304   -0.937  1.00 34.22 ? 12  G   B C6    1 
ATOM   807  O  O6    . G   B 1 12 ? 1.559   0.766   -0.556  1.00 34.30 ? 12  G   B O6    1 
ATOM   808  N  N1    . G   B 1 12 ? 3.609   1.499   -0.043  1.00 34.24 ? 12  G   B N1    1 
ATOM   809  C  C2    . G   B 1 12 ? 4.813   2.060   -0.326  1.00 34.23 ? 12  G   B C2    1 
ATOM   810  N  N2    . G   B 1 12 ? 5.697   2.115   0.680   1.00 34.22 ? 12  G   B N2    1 
ATOM   811  N  N3    . G   B 1 12 ? 5.145   2.525   -1.516  1.00 34.21 ? 12  G   B N3    1 
ATOM   812  C  C4    . G   B 1 12 ? 4.157   2.355   -2.415  1.00 34.17 ? 12  G   B C4    1 
ATOM   813  P  P     . C   B 1 13 ? 6.886   -0.094  -7.105  1.00 34.87 ? 13  C   B P     1 
ATOM   814  O  OP1   . C   B 1 13 ? 7.881   -0.402  -8.136  1.00 34.89 ? 13  C   B OP1   1 
ATOM   815  O  OP2   . C   B 1 13 ? 5.487   -0.536  -7.281  1.00 34.86 ? 13  C   B OP2   1 
ATOM   816  O  "O5'" . C   B 1 13 ? 7.435   -0.576  -5.714  1.00 35.01 ? 13  C   B "O5'" 1 
ATOM   817  C  "C5'" . C   B 1 13 ? 8.765   -0.179  -5.342  1.00 35.35 ? 13  C   B "C5'" 1 
ATOM   818  C  "C4'" . C   B 1 13 ? 8.988   -0.402  -3.886  1.00 35.52 ? 13  C   B "C4'" 1 
ATOM   819  O  "O4'" . C   B 1 13 ? 7.935   0.269   -3.167  1.00 35.58 ? 13  C   B "O4'" 1 
ATOM   820  C  "C3'" . C   B 1 13 ? 8.880   -1.820  -3.389  1.00 35.66 ? 13  C   B "C3'" 1 
ATOM   821  O  "O3'" . C   B 1 13 ? 10.084  -2.521  -3.624  1.00 35.93 ? 13  C   B "O3'" 1 
ATOM   822  C  "C2'" . C   B 1 13 ? 8.669   -1.587  -1.913  1.00 35.64 ? 13  C   B "C2'" 1 
ATOM   823  O  "O2'" . C   B 1 13 ? 9.864   -1.178  -1.258  1.00 35.60 ? 13  C   B "O2'" 1 
ATOM   824  C  "C1'" . C   B 1 13 ? 7.696   -0.416  -1.967  1.00 35.60 ? 13  C   B "C1'" 1 
ATOM   825  N  N1    . C   B 1 13 ? 6.293   -0.868  -1.966  1.00 35.65 ? 13  C   B N1    1 
ATOM   826  C  C2    . C   B 1 13 ? 5.760   -1.279  -0.763  1.00 35.63 ? 13  C   B C2    1 
ATOM   827  O  O2    . C   B 1 13 ? 6.469   -1.225  0.228   1.00 35.69 ? 13  C   B O2    1 
ATOM   828  N  N3    . C   B 1 13 ? 4.503   -1.714  -0.703  1.00 35.65 ? 13  C   B N3    1 
ATOM   829  C  C4    . C   B 1 13 ? 3.755   -1.742  -1.806  1.00 35.62 ? 13  C   B C4    1 
ATOM   830  N  N4    . C   B 1 13 ? 2.496   -2.189  -1.696  1.00 35.58 ? 13  C   B N4    1 
ATOM   831  C  C5    . C   B 1 13 ? 4.258   -1.324  -3.065  1.00 35.61 ? 13  C   B C5    1 
ATOM   832  C  C6    . C   B 1 13 ? 5.537   -0.891  -3.101  1.00 35.63 ? 13  C   B C6    1 
ATOM   833  P  P     . A   B 1 14 ? 10.047  -4.104  -3.747  1.00 36.11 ? 14  A   B P     1 
ATOM   834  O  OP1   . A   B 1 14 ? 11.310  -4.503  -4.405  1.00 36.16 ? 14  A   B OP1   1 
ATOM   835  O  OP2   . A   B 1 14 ? 8.745   -4.412  -4.386  1.00 36.11 ? 14  A   B OP2   1 
ATOM   836  O  "O5'" . A   B 1 14 ? 9.988   -4.607  -2.244  1.00 36.27 ? 14  A   B "O5'" 1 
ATOM   837  C  "C5'" . A   B 1 14 ? 10.983  -4.263  -1.295  1.00 36.48 ? 14  A   B "C5'" 1 
ATOM   838  C  "C4'" . A   B 1 14 ? 10.593  -4.783  0.060   1.00 36.64 ? 14  A   B "C4'" 1 
ATOM   839  O  "O4'" . A   B 1 14 ? 9.482   -4.023  0.593   1.00 36.72 ? 14  A   B "O4'" 1 
ATOM   840  C  "C3'" . A   B 1 14 ? 10.084  -6.209  0.099   1.00 36.73 ? 14  A   B "C3'" 1 
ATOM   841  O  "O3'" . A   B 1 14 ? 11.138  -7.116  0.173   1.00 36.83 ? 14  A   B "O3'" 1 
ATOM   842  C  "C2'" . A   B 1 14 ? 9.318   -6.230  1.398   1.00 36.78 ? 14  A   B "C2'" 1 
ATOM   843  O  "O2'" . A   B 1 14 ? 10.177  -6.235  2.507   1.00 36.82 ? 14  A   B "O2'" 1 
ATOM   844  C  "C1'" . A   B 1 14 ? 8.629   -4.878  1.336   1.00 36.75 ? 14  A   B "C1'" 1 
ATOM   845  N  N9    . A   B 1 14 ? 7.353   -4.994  0.622   1.00 36.79 ? 14  A   B N9    1 
ATOM   846  C  C8    . A   B 1 14 ? 7.111   -4.696  -0.682  1.00 36.82 ? 14  A   B C8    1 
ATOM   847  N  N7    . A   B 1 14 ? 5.864   -4.851  -1.039  1.00 36.79 ? 14  A   B N7    1 
ATOM   848  C  C5    . A   B 1 14 ? 5.242   -5.290  0.108   1.00 36.78 ? 14  A   B C5    1 
ATOM   849  C  C6    . A   B 1 14 ? 3.906   -5.585  0.399   1.00 36.80 ? 14  A   B C6    1 
ATOM   850  N  N6    . A   B 1 14 ? 2.902   -5.494  -0.497  1.00 36.77 ? 14  A   B N6    1 
ATOM   851  N  N1    . A   B 1 14 ? 3.617   -5.981  1.655   1.00 36.81 ? 14  A   B N1    1 
ATOM   852  C  C2    . A   B 1 14 ? 4.611   -6.082  2.541   1.00 36.83 ? 14  A   B C2    1 
ATOM   853  N  N3    . A   B 1 14 ? 5.898   -5.823  2.387   1.00 36.81 ? 14  A   B N3    1 
ATOM   854  C  C4    . A   B 1 14 ? 6.153   -5.413  1.134   1.00 36.80 ? 14  A   B C4    1 
ATOM   855  P  P     . C   B 1 15 ? 10.999  -8.515  -0.553  1.00 36.88 ? 15  C   B P     1 
ATOM   856  O  OP1   . C   B 1 15 ? 12.342  -9.161  -0.595  1.00 36.87 ? 15  C   B OP1   1 
ATOM   857  O  OP2   . C   B 1 15 ? 10.309  -8.215  -1.843  1.00 36.84 ? 15  C   B OP2   1 
ATOM   858  O  "O5'" . C   B 1 15 ? 10.058  -9.337  0.423   1.00 36.83 ? 15  C   B "O5'" 1 
ATOM   859  C  "C5'" . C   B 1 15 ? 10.443  -9.602  1.774   1.00 36.84 ? 15  C   B "C5'" 1 
ATOM   860  C  "C4'" . C   B 1 15 ? 9.264   -10.098 2.552   1.00 36.85 ? 15  C   B "C4'" 1 
ATOM   861  O  "O4'" . C   B 1 15 ? 8.262   -9.064  2.613   1.00 36.92 ? 15  C   B "O4'" 1 
ATOM   862  C  "C3'" . C   B 1 15 ? 8.498   -11.234 1.906   1.00 36.86 ? 15  C   B "C3'" 1 
ATOM   863  O  "O3'" . C   B 1 15 ? 9.101   -12.492 2.120   1.00 36.85 ? 15  C   B "O3'" 1 
ATOM   864  C  "C2'" . C   B 1 15 ? 7.170   -11.170 2.639   1.00 36.88 ? 15  C   B "C2'" 1 
ATOM   865  O  "O2'" . C   B 1 15 ? 7.232   -11.703 3.942   1.00 36.90 ? 15  C   B "O2'" 1 
ATOM   866  C  "C1'" . C   B 1 15 ? 6.946   -9.662  2.685   1.00 36.91 ? 15  C   B "C1'" 1 
ATOM   867  N  N1    . C   B 1 15 ? 6.168   -9.255  1.499   1.00 36.96 ? 15  C   B N1    1 
ATOM   868  C  C2    . C   B 1 15 ? 4.768   -9.323  1.551   1.00 36.98 ? 15  C   B C2    1 
ATOM   869  O  O2    . C   B 1 15 ? 4.232   -9.702  2.604   1.00 36.99 ? 15  C   B O2    1 
ATOM   870  N  N3    . C   B 1 15 ? 4.044   -8.965  0.466   1.00 36.98 ? 15  C   B N3    1 
ATOM   871  C  C4    . C   B 1 15 ? 4.673   -8.512  -0.640  1.00 37.02 ? 15  C   B C4    1 
ATOM   872  N  N4    . C   B 1 15 ? 3.922   -8.084  -1.686  1.00 37.00 ? 15  C   B N4    1 
ATOM   873  C  C5    . C   B 1 15 ? 6.107   -8.446  -0.718  1.00 37.01 ? 15  C   B C5    1 
ATOM   874  C  C6    . C   B 1 15 ? 6.798   -8.823  0.366   1.00 36.98 ? 15  C   B C6    1 
ATOM   875  P  P     . A   B 1 16 ? 8.772   -13.702 1.113   1.00 36.84 ? 16  A   B P     1 
ATOM   876  O  OP1   . A   B 1 16 ? 9.807   -14.805 1.344   1.00 36.88 ? 16  A   B OP1   1 
ATOM   877  O  OP2   . A   B 1 16 ? 8.652   -13.034 -0.214  1.00 36.84 ? 16  A   B OP2   1 
ATOM   878  O  "O5'" . A   B 1 16 ? 7.347   -14.264 1.534   1.00 36.74 ? 16  A   B "O5'" 1 
ATOM   879  C  "C5'" . A   B 1 16 ? 7.089   -14.741 2.858   1.00 36.63 ? 16  A   B "C5'" 1 
ATOM   880  C  "C4'" . A   B 1 16 ? 5.611   -14.878 3.060   1.00 36.52 ? 16  A   B "C4'" 1 
ATOM   881  O  "O4'" . A   B 1 16 ? 5.006   -13.583 2.849   1.00 36.51 ? 16  A   B "O4'" 1 
ATOM   882  C  "C3'" . A   B 1 16 ? 4.892   -15.762 2.053   1.00 36.44 ? 16  A   B "C3'" 1 
ATOM   883  O  "O3'" . A   B 1 16 ? 5.022   -17.121 2.366   1.00 36.27 ? 16  A   B "O3'" 1 
ATOM   884  C  "C2'" . A   B 1 16 ? 3.464   -15.252 2.161   1.00 36.45 ? 16  A   B "C2'" 1 
ATOM   885  O  "O2'" . A   B 1 16 ? 2.795   -15.693 3.341   1.00 36.54 ? 16  A   B "O2'" 1 
ATOM   886  C  "C1'" . A   B 1 16 ? 3.721   -13.750 2.251   1.00 36.48 ? 16  A   B "C1'" 1 
ATOM   887  N  N9    . A   B 1 16 ? 3.719   -13.084 0.938   1.00 36.41 ? 16  A   B N9    1 
ATOM   888  C  C8    . A   B 1 16 ? 4.758   -12.557 0.219   1.00 36.41 ? 16  A   B C8    1 
ATOM   889  N  N7    . A   B 1 16 ? 4.401   -12.008 -0.914  1.00 36.37 ? 16  A   B N7    1 
ATOM   890  C  C5    . A   B 1 16 ? 3.025   -12.198 -0.951  1.00 36.35 ? 16  A   B C5    1 
ATOM   891  C  C6    . A   B 1 16 ? 2.032   -11.842 -1.896  1.00 36.37 ? 16  A   B C6    1 
ATOM   892  N  N6    . A   B 1 16 ? 2.281   -11.200 -3.030  1.00 36.33 ? 16  A   B N6    1 
ATOM   893  N  N1    . A   B 1 16 ? 0.753   -12.174 -1.614  1.00 36.37 ? 16  A   B N1    1 
ATOM   894  C  C2    . A   B 1 16 ? 0.494   -12.802 -0.453  1.00 36.38 ? 16  A   B C2    1 
ATOM   895  N  N3    . A   B 1 16 ? 1.337   -13.198 0.504   1.00 36.38 ? 16  A   B N3    1 
ATOM   896  C  C4    . A   B 1 16 ? 2.596   -12.864 0.186   1.00 36.38 ? 16  A   B C4    1 
ATOM   897  P  P     . C   B 1 17 ? 5.229   -18.214 1.193   1.00 36.16 ? 17  C   B P     1 
ATOM   898  O  OP1   . C   B 1 17 ? 5.462   -19.486 1.929   1.00 36.17 ? 17  C   B OP1   1 
ATOM   899  O  OP2   . C   B 1 17 ? 6.200   -17.782 0.179   1.00 36.11 ? 17  C   B OP2   1 
ATOM   900  O  "O5'" . C   B 1 17 ? 3.796   -18.273 0.518   1.00 35.95 ? 17  C   B "O5'" 1 
ATOM   901  C  "C5'" . C   B 1 17 ? 2.673   -18.756 1.233   1.00 35.64 ? 17  C   B "C5'" 1 
ATOM   902  C  "C4'" . C   B 1 17 ? 1.445   -18.476 0.438   1.00 35.40 ? 17  C   B "C4'" 1 
ATOM   903  O  "O4'" . C   B 1 17 ? 1.350   -17.028 0.297   1.00 35.39 ? 17  C   B "O4'" 1 
ATOM   904  C  "C3'" . C   B 1 17 ? 1.411   -18.982 -1.003  1.00 35.22 ? 17  C   B "C3'" 1 
ATOM   905  O  "O3'" . C   B 1 17 ? 0.965   -20.334 -1.056  1.00 34.95 ? 17  C   B "O3'" 1 
ATOM   906  C  "C2'" . C   B 1 17 ? 0.360   -18.058 -1.586  1.00 35.28 ? 17  C   B "C2'" 1 
ATOM   907  O  "O2'" . C   B 1 17 ? -0.885  -18.493 -1.071  1.00 35.25 ? 17  C   B "O2'" 1 
ATOM   908  C  "C1'" . C   B 1 17 ? 0.762   -16.713 -0.954  1.00 35.36 ? 17  C   B "C1'" 1 
ATOM   909  N  N1    . C   B 1 17 ? 1.759   -15.940 -1.758  1.00 35.42 ? 17  C   B N1    1 
ATOM   910  C  C2    . C   B 1 17 ? 1.288   -15.048 -2.722  1.00 35.43 ? 17  C   B C2    1 
ATOM   911  O  O2    . C   B 1 17 ? 0.089   -14.971 -2.921  1.00 35.47 ? 17  C   B O2    1 
ATOM   912  N  N3    . C   B 1 17 ? 2.169   -14.311 -3.434  1.00 35.43 ? 17  C   B N3    1 
ATOM   913  C  C4    . C   B 1 17 ? 3.469   -14.474 -3.256  1.00 35.43 ? 17  C   B C4    1 
ATOM   914  N  N4    . C   B 1 17 ? 4.294   -13.752 -4.023  1.00 35.40 ? 17  C   B N4    1 
ATOM   915  C  C5    . C   B 1 17 ? 3.985   -15.381 -2.292  1.00 35.43 ? 17  C   B C5    1 
ATOM   916  C  C6    . C   B 1 17 ? 3.097   -16.096 -1.574  1.00 35.46 ? 17  C   B C6    1 
ATOM   917  P  P     . A   B 1 18 ? 1.356   -21.262 -2.315  1.00 34.75 ? 18  A   B P     1 
ATOM   918  O  OP1   . A   B 1 18 ? 0.948   -22.634 -2.043  1.00 34.76 ? 18  A   B OP1   1 
ATOM   919  O  OP2   . A   B 1 18 ? 2.770   -21.008 -2.738  1.00 34.74 ? 18  A   B OP2   1 
ATOM   920  O  "O5'" . A   B 1 18 ? 0.427   -20.773 -3.503  1.00 34.50 ? 18  A   B "O5'" 1 
ATOM   921  C  "C5'" . A   B 1 18 ? -0.974  -20.956 -3.412  1.00 34.12 ? 18  A   B "C5'" 1 
ATOM   922  C  "C4'" . A   B 1 18 ? -1.635  -20.374 -4.625  1.00 33.81 ? 18  A   B "C4'" 1 
ATOM   923  O  "O4'" . A   B 1 18 ? -1.519  -18.926 -4.591  1.00 33.74 ? 18  A   B "O4'" 1 
ATOM   924  C  "C3'" . A   B 1 18 ? -1.030  -20.747 -5.959  1.00 33.62 ? 18  A   B "C3'" 1 
ATOM   925  O  "O3'" . A   B 1 18 ? -1.460  -22.048 -6.351  1.00 33.41 ? 18  A   B "O3'" 1 
ATOM   926  C  "C2'" . A   B 1 18 ? -1.599  -19.630 -6.835  1.00 33.61 ? 18  A   B "C2'" 1 
ATOM   927  O  "O2'" . A   B 1 18 ? -2.998  -19.810 -7.047  1.00 33.62 ? 18  A   B "O2'" 1 
ATOM   928  C  "C1'" . A   B 1 18 ? -1.435  -18.427 -5.909  1.00 33.61 ? 18  A   B "C1'" 1 
ATOM   929  N  N9    . A   B 1 18 ? -0.142  -17.761 -6.013  1.00 33.55 ? 18  A   B N9    1 
ATOM   930  C  C8    . A   B 1 18 ? 0.902   -17.961 -5.183  1.00 33.49 ? 18  A   B C8    1 
ATOM   931  N  N7    . A   B 1 18 ? 1.945   -17.221 -5.449  1.00 33.49 ? 18  A   B N7    1 
ATOM   932  C  C5    . A   B 1 18 ? 1.544   -16.465 -6.536  1.00 33.45 ? 18  A   B C5    1 
ATOM   933  C  C6    . A   B 1 18 ? 2.206   -15.463 -7.267  1.00 33.44 ? 18  A   B C6    1 
ATOM   934  N  N6    . A   B 1 18 ? 3.429   -15.049 -6.964  1.00 33.40 ? 18  A   B N6    1 
ATOM   935  N  N1    . A   B 1 18 ? 1.559   -14.911 -8.315  1.00 33.38 ? 18  A   B N1    1 
ATOM   936  C  C2    . A   B 1 18 ? 0.329   -15.357 -8.602  1.00 33.43 ? 18  A   B C2    1 
ATOM   937  N  N3    . A   B 1 18 ? -0.403  -16.310 -7.977  1.00 33.44 ? 18  A   B N3    1 
ATOM   938  C  C4    . A   B 1 18 ? 0.276   -16.813 -6.928  1.00 33.48 ? 18  A   B C4    1 
ATOM   939  P  P     . G   B 1 19 ? -0.545  -22.926 -7.347  1.00 33.32 ? 19  G   B P     1 
ATOM   940  O  OP1   . G   B 1 19 ? -1.175  -24.289 -7.397  1.00 33.30 ? 19  G   B OP1   1 
ATOM   941  O  OP2   . G   B 1 19 ? 0.926   -22.795 -6.965  1.00 33.27 ? 19  G   B OP2   1 
ATOM   942  O  "O5'" . G   B 1 19 ? -0.721  -22.257 -8.773  1.00 33.13 ? 19  G   B "O5'" 1 
ATOM   943  C  "C5'" . G   B 1 19 ? -1.974  -22.319 -9.480  1.00 32.98 ? 19  G   B "C5'" 1 
ATOM   944  C  "C4'" . G   B 1 19 ? -1.908  -21.436 -10.705 1.00 32.87 ? 19  G   B "C4'" 1 
ATOM   945  O  "O4'" . G   B 1 19 ? -1.704  -20.068 -10.260 1.00 32.82 ? 19  G   B "O4'" 1 
ATOM   946  C  "C3'" . G   B 1 19 ? -0.728  -21.666 -11.639 1.00 32.81 ? 19  G   B "C3'" 1 
ATOM   947  O  "O3'" . G   B 1 19 ? -0.880  -22.729 -12.557 1.00 32.87 ? 19  G   B "O3'" 1 
ATOM   948  C  "C2'" . G   B 1 19 ? -0.690  -20.332 -12.366 1.00 32.79 ? 19  G   B "C2'" 1 
ATOM   949  O  "O2'" . G   B 1 19 ? -1.774  -20.228 -13.272 1.00 32.74 ? 19  G   B "O2'" 1 
ATOM   950  C  "C1'" . G   B 1 19 ? -0.897  -19.367 -11.197 1.00 32.74 ? 19  G   B "C1'" 1 
ATOM   951  N  N9    . G   B 1 19 ? 0.358   -18.996 -10.534 1.00 32.68 ? 19  G   B N9    1 
ATOM   952  C  C8    . G   B 1 19 ? 0.903   -19.552 -9.396  1.00 32.62 ? 19  G   B C8    1 
ATOM   953  N  N7    . G   B 1 19 ? 2.042   -19.003 -9.050  1.00 32.62 ? 19  G   B N7    1 
ATOM   954  C  C5    . G   B 1 19 ? 2.278   -18.019 -10.007 1.00 32.60 ? 19  G   B C5    1 
ATOM   955  C  C6    . G   B 1 19 ? 3.392   -17.101 -10.165 1.00 32.56 ? 19  G   B C6    1 
ATOM   956  O  O6    . G   B 1 19 ? 4.403   -16.959 -9.449  1.00 32.51 ? 19  G   B O6    1 
ATOM   957  N  N1    . G   B 1 19 ? 3.235   -16.300 -11.295 1.00 32.56 ? 19  G   B N1    1 
ATOM   958  C  C2    . G   B 1 19 ? 2.164   -16.340 -12.140 1.00 32.56 ? 19  G   B C2    1 
ATOM   959  N  N2    . G   B 1 19 ? 2.228   -15.506 -13.168 1.00 32.53 ? 19  G   B N2    1 
ATOM   960  N  N3    . G   B 1 19 ? 1.110   -17.158 -11.994 1.00 32.59 ? 19  G   B N3    1 
ATOM   961  C  C4    . G   B 1 19 ? 1.248   -17.982 -10.928 1.00 32.65 ? 19  G   B C4    1 
ATOM   962  P  P     . C   B 1 20 ? 0.339   -23.740 -12.842 1.00 32.95 ? 20  C   B P     1 
ATOM   963  O  OP1   . C   B 1 20 ? -0.230  -24.898 -13.662 1.00 32.93 ? 20  C   B OP1   1 
ATOM   964  O  OP2   . C   B 1 20 ? 1.143   -24.003 -11.568 1.00 32.87 ? 20  C   B OP2   1 
ATOM   965  O  "O5'" . C   B 1 20 ? 1.278   -23.011 -13.891 1.00 33.02 ? 20  C   B "O5'" 1 
ATOM   966  C  "C5'" . C   B 1 20 ? 0.789   -22.660 -15.180 1.00 33.22 ? 20  C   B "C5'" 1 
ATOM   967  C  "C4'" . C   B 1 20 ? 1.589   -21.515 -15.713 1.00 33.36 ? 20  C   B "C4'" 1 
ATOM   968  O  "O4'" . C   B 1 20 ? 1.572   -20.448 -14.733 1.00 33.33 ? 20  C   B "O4'" 1 
ATOM   969  C  "C3'" . C   B 1 20 ? 3.074   -21.796 -15.846 1.00 33.49 ? 20  C   B "C3'" 1 
ATOM   970  O  "O3'" . C   B 1 20 ? 3.331   -22.537 -17.012 1.00 33.85 ? 20  C   B "O3'" 1 
ATOM   971  C  "C2'" . C   B 1 20 ? 3.634   -20.388 -15.884 1.00 33.40 ? 20  C   B "C2'" 1 
ATOM   972  O  "O2'" . C   B 1 20 ? 3.463   -19.791 -17.138 1.00 33.36 ? 20  C   B "O2'" 1 
ATOM   973  C  "C1'" . C   B 1 20 ? 2.761   -19.685 -14.851 1.00 33.31 ? 20  C   B "C1'" 1 
ATOM   974  N  N1    . C   B 1 20 ? 3.470   -19.681 -13.570 1.00 33.27 ? 20  C   B N1    1 
ATOM   975  C  C2    . C   B 1 20 ? 4.549   -18.798 -13.414 1.00 33.24 ? 20  C   B C2    1 
ATOM   976  O  O2    . C   B 1 20 ? 4.784   -17.952 -14.310 1.00 33.19 ? 20  C   B O2    1 
ATOM   977  N  N3    . C   B 1 20 ? 5.271   -18.851 -12.296 1.00 33.21 ? 20  C   B N3    1 
ATOM   978  C  C4    . C   B 1 20 ? 4.924   -19.693 -11.312 1.00 33.21 ? 20  C   B C4    1 
ATOM   979  N  N4    . C   B 1 20 ? 5.651   -19.681 -10.220 1.00 33.12 ? 20  C   B N4    1 
ATOM   980  C  C5    . C   B 1 20 ? 3.802   -20.574 -11.430 1.00 33.21 ? 20  C   B C5    1 
ATOM   981  C  C6    . C   B 1 20 ? 3.122   -20.535 -12.564 1.00 33.26 ? 20  C   B C6    1 
ATOM   982  P  P     . A   B 1 21 ? 4.729   -23.360 -17.176 1.00 34.20 ? 21  A   B P     1 
ATOM   983  O  OP1   . A   B 1 21 ? 4.703   -24.083 -18.442 1.00 34.16 ? 21  A   B OP1   1 
ATOM   984  O  OP2   . A   B 1 21 ? 4.911   -24.119 -15.910 1.00 34.19 ? 21  A   B OP2   1 
ATOM   985  O  "O5'" . A   B 1 21 ? 5.836   -22.246 -17.310 1.00 34.39 ? 21  A   B "O5'" 1 
ATOM   986  C  "C5'" . A   B 1 21 ? 6.011   -21.555 -18.547 1.00 34.83 ? 21  A   B "C5'" 1 
ATOM   987  C  "C4'" . A   B 1 21 ? 7.238   -20.724 -18.470 1.00 35.12 ? 21  A   B "C4'" 1 
ATOM   988  O  "O4'" . A   B 1 21 ? 7.096   -19.770 -17.385 1.00 35.21 ? 21  A   B "O4'" 1 
ATOM   989  C  "C3'" . A   B 1 21 ? 8.489   -21.486 -18.075 1.00 35.28 ? 21  A   B "C3'" 1 
ATOM   990  O  "O3'" . A   B 1 21 ? 9.092   -22.124 -19.186 1.00 35.60 ? 21  A   B "O3'" 1 
ATOM   991  C  "C2'" . A   B 1 21 ? 9.367   -20.372 -17.579 1.00 35.27 ? 21  A   B "C2'" 1 
ATOM   992  O  "O2'" . A   B 1 21 ? 9.906   -19.652 -18.682 1.00 35.30 ? 21  A   B "O2'" 1 
ATOM   993  C  "C1'" . A   B 1 21 ? 8.354   -19.545 -16.779 1.00 35.23 ? 21  A   B "C1'" 1 
ATOM   994  N  N9    . A   B 1 21 ? 8.272   -20.035 -15.399 1.00 35.22 ? 21  A   B N9    1 
ATOM   995  C  C8    . A   B 1 21 ? 7.358   -20.895 -14.847 1.00 35.19 ? 21  A   B C8    1 
ATOM   996  N  N7    . A   B 1 21 ? 7.556   -21.129 -13.571 1.00 35.23 ? 21  A   B N7    1 
ATOM   997  C  C5    . A   B 1 21 ? 8.671   -20.344 -13.262 1.00 35.22 ? 21  A   B C5    1 
ATOM   998  C  C6    . A   B 1 21 ? 9.368   -20.105 -12.061 1.00 35.24 ? 21  A   B C6    1 
ATOM   999  N  N6    . A   B 1 21 ? 8.973   -20.573 -10.873 1.00 35.19 ? 21  A   B N6    1 
ATOM   1000 N  N1    . A   B 1 21 ? 10.485  -19.318 -12.123 1.00 35.27 ? 21  A   B N1    1 
ATOM   1001 C  C2    . A   B 1 21 ? 10.828  -18.775 -13.288 1.00 35.23 ? 21  A   B C2    1 
ATOM   1002 N  N3    . A   B 1 21 ? 10.231  -18.898 -14.478 1.00 35.26 ? 21  A   B N3    1 
ATOM   1003 C  C4    . A   B 1 21 ? 9.147   -19.706 -14.395 1.00 35.21 ? 21  A   B C4    1 
ATOM   1004 P  P     . A   B 1 22 ? 9.787   -23.558 -18.992 1.00 35.83 ? 22  A   B P     1 
ATOM   1005 O  OP1   . A   B 1 22 ? 9.817   -24.235 -20.335 1.00 35.85 ? 22  A   B OP1   1 
ATOM   1006 O  OP2   . A   B 1 22 ? 9.192   -24.263 -17.882 1.00 35.88 ? 22  A   B OP2   1 
ATOM   1007 O  "O5'" . A   B 1 22 ? 11.291  -23.248 -18.549 1.00 35.91 ? 22  A   B "O5'" 1 
ATOM   1008 C  "C5'" . A   B 1 22 ? 12.107  -22.339 -19.277 1.00 36.07 ? 22  A   B "C5'" 1 
ATOM   1009 C  "C4'" . A   B 1 22 ? 13.176  -21.783 -18.376 1.00 36.17 ? 22  A   B "C4'" 1 
ATOM   1010 O  "O4'" . A   B 1 22 ? 12.556  -20.996 -17.325 1.00 36.24 ? 22  A   B "O4'" 1 
ATOM   1011 C  "C3'" . A   B 1 22 ? 13.956  -22.792 -17.566 1.00 36.21 ? 22  A   B "C3'" 1 
ATOM   1012 O  "O3'" . A   B 1 22 ? 14.928  -23.457 -18.322 1.00 36.29 ? 22  A   B "O3'" 1 
ATOM   1013 C  "C2'" . A   B 1 22 ? 14.544  -21.930 -16.463 1.00 36.21 ? 22  A   B "C2'" 1 
ATOM   1014 O  "O2'" . A   B 1 22 ? 15.605  -21.093 -16.883 1.00 36.27 ? 22  A   B "O2'" 1 
ATOM   1015 C  "C1'" . A   B 1 22 ? 13.341  -21.064 -16.140 1.00 36.20 ? 22  A   B "C1'" 1 
ATOM   1016 N  N9    . A   B 1 22 ? 12.539  -21.714 -15.113 1.00 36.19 ? 22  A   B N9    1 
ATOM   1017 C  C8    . A   B 1 22 ? 11.448  -22.523 -15.254 1.00 36.16 ? 22  A   B C8    1 
ATOM   1018 N  N7    . A   B 1 22 ? 10.962  -22.958 -14.118 1.00 36.18 ? 22  A   B N7    1 
ATOM   1019 C  C5    . A   B 1 22 ? 11.782  -22.376 -13.166 1.00 36.15 ? 22  A   B C5    1 
ATOM   1020 C  C6    . A   B 1 22 ? 11.786  -22.437 -11.778 1.00 36.14 ? 22  A   B C6    1 
ATOM   1021 N  N6    . A   B 1 22 ? 10.878  -23.109 -11.085 1.00 36.10 ? 22  A   B N6    1 
ATOM   1022 N  N1    . A   B 1 22 ? 12.758  -21.774 -11.123 1.00 36.11 ? 22  A   B N1    1 
ATOM   1023 C  C2    . A   B 1 22 ? 13.649  -21.087 -11.827 1.00 36.15 ? 22  A   B C2    1 
ATOM   1024 N  N3    . A   B 1 22 ? 13.752  -20.935 -13.150 1.00 36.17 ? 22  A   B N3    1 
ATOM   1025 C  C4    . A   B 1 22 ? 12.769  -21.618 -13.768 1.00 36.17 ? 22  A   B C4    1 
ATOM   1026 P  P     . G   B 1 23 ? 15.277  -24.977 -17.959 1.00 36.33 ? 23  G   B P     1 
ATOM   1027 O  OP1   . G   B 1 23 ? 16.237  -25.469 -19.026 1.00 36.34 ? 23  G   B OP1   1 
ATOM   1028 O  OP2   . G   B 1 23 ? 13.980  -25.656 -17.759 1.00 36.33 ? 23  G   B OP2   1 
ATOM   1029 O  "O5'" . G   B 1 23 ? 16.051  -24.849 -16.563 1.00 36.30 ? 23  G   B "O5'" 1 
ATOM   1030 C  "C5'" . G   B 1 23 ? 17.270  -24.049 -16.464 1.00 36.23 ? 23  G   B "C5'" 1 
ATOM   1031 C  "C4'" . G   B 1 23 ? 17.771  -23.995 -15.033 1.00 36.16 ? 23  G   B "C4'" 1 
ATOM   1032 O  "O4'" . G   B 1 23 ? 16.756  -23.375 -14.210 1.00 36.13 ? 23  G   B "O4'" 1 
ATOM   1033 C  "C3'" . G   B 1 23 ? 18.048  -25.309 -14.304 1.00 36.15 ? 23  G   B "C3'" 1 
ATOM   1034 O  "O3'" . G   B 1 23 ? 19.249  -25.939 -14.615 1.00 36.13 ? 23  G   B "O3'" 1 
ATOM   1035 C  "C2'" . G   B 1 23 ? 17.982  -24.883 -12.845 1.00 36.11 ? 23  G   B "C2'" 1 
ATOM   1036 O  "O2'" . G   B 1 23 ? 19.144  -24.241 -12.295 1.00 36.17 ? 23  G   B "O2'" 1 
ATOM   1037 C  "C1'" . G   B 1 23 ? 16.841  -23.867 -12.902 1.00 36.10 ? 23  G   B "C1'" 1 
ATOM   1038 N  N9    . G   B 1 23 ? 15.548  -24.439 -12.579 1.00 36.00 ? 23  G   B N9    1 
ATOM   1039 C  C8    . G   B 1 23 ? 14.598  -24.913 -13.463 1.00 36.03 ? 23  G   B C8    1 
ATOM   1040 N  N7    . G   B 1 23 ? 13.542  -25.402 -12.870 1.00 35.94 ? 23  G   B N7    1 
ATOM   1041 C  C5    . G   B 1 23 ? 13.808  -25.231 -11.518 1.00 35.93 ? 23  G   B C5    1 
ATOM   1042 C  C6    . G   B 1 23 ? 13.049  -25.564 -10.396 1.00 35.94 ? 23  G   B C6    1 
ATOM   1043 O  O6    . G   B 1 23 ? 11.929  -26.084 -10.354 1.00 35.90 ? 23  G   B O6    1 
ATOM   1044 N  N1    . G   B 1 23 ? 13.718  -25.216 -9.210  1.00 35.95 ? 23  G   B N1    1 
ATOM   1045 C  C2    . G   B 1 23 ? 14.967  -24.608 -9.138  1.00 35.97 ? 23  G   B C2    1 
ATOM   1046 N  N2    . G   B 1 23 ? 15.470  -24.322 -7.903  1.00 35.93 ? 23  G   B N2    1 
ATOM   1047 N  N3    . G   B 1 23 ? 15.673  -24.291 -10.191 1.00 35.94 ? 23  G   B N3    1 
ATOM   1048 C  C4    . G   B 1 23 ? 15.050  -24.623 -11.334 1.00 35.96 ? 23  G   B C4    1 
HETATM 1049 ZN ZN    . ZN  C 2 .  ? -1.641  -6.830  -5.286  0.88 39.27 ? 54  ZN  A ZN    1 
HETATM 1050 ZN ZN    . ZN  D 2 .  ? 5.891   -8.863  -6.930  0.70 43.87 ? 50  ZN  A ZN    1 
HETATM 1051 ZN ZN    . ZN  E 2 .  ? -6.603  3.748   2.452   0.78 23.86 ? 53  ZN  B ZN    1 
HETATM 1052 ZN ZN    . ZN  F 2 .  ? 9.252   -24.807 -14.191 0.33 45.33 ? 55  ZN  B ZN    1 
HETATM 1053 ZN ZN    . ZN  G 2 .  ? -0.584  17.563  6.804   0.74 40.27 ? 51  ZN  B ZN    1 
HETATM 1054 ZN ZN    . ZN  H 2 .  ? -2.834  8.317   7.288   0.68 46.20 ? 52  ZN  B ZN    1 
HETATM 1055 O  O     . HOH I 3 .  ? -6.342  18.326  17.347  1.00 52.55 ? 102 HOH A O     1 
HETATM 1056 O  O     . HOH I 3 .  ? 15.823  -15.232 -13.452 0.99 51.74 ? 103 HOH A O     1 
HETATM 1057 O  O     . HOH I 3 .  ? 7.503   -15.553 -17.305 1.00 32.12 ? 104 HOH A O     1 
HETATM 1058 O  O     . HOH I 3 .  ? -2.656  -11.961 -12.945 0.86 22.31 ? 105 HOH A O     1 
HETATM 1059 O  O     . HOH I 3 .  ? -15.074 15.174  7.595   0.97 37.40 ? 106 HOH A O     1 
HETATM 1060 O  O     . HOH I 3 .  ? -5.195  17.772  4.430   0.94 27.86 ? 107 HOH A O     1 
HETATM 1061 O  O     . HOH I 3 .  ? 8.352   -18.404 -7.136  1.00 21.89 ? 116 HOH A O     1 
HETATM 1062 O  O     . HOH I 3 .  ? 9.962   8.678   4.458   0.75 43.68 ? 117 HOH A O     1 
HETATM 1063 O  O     . HOH I 3 .  ? -9.423  21.815  9.642   0.84 39.36 ? 118 HOH A O     1 
HETATM 1064 O  O     . HOH I 3 .  ? -6.351  -6.310  -11.955 0.98 46.45 ? 119 HOH A O     1 
HETATM 1065 O  O     . HOH I 3 .  ? -4.551  -11.905 -10.756 0.85 43.49 ? 120 HOH A O     1 
HETATM 1066 O  O     . HOH I 3 .  ? 1.576   -2.685  -8.829  0.85 44.18 ? 121 HOH A O     1 
HETATM 1067 O  O     . HOH I 3 .  ? 4.100   -15.868 -15.627 0.84 24.94 ? 123 HOH A O     1 
HETATM 1068 O  O     . HOH I 3 .  ? -5.460  30.276  20.491  0.95 54.34 ? 124 HOH A O     1 
HETATM 1069 O  O     . HOH I 3 .  ? -8.131  26.025  11.539  0.97 38.97 ? 127 HOH A O     1 
HETATM 1070 O  O     . HOH I 3 .  ? -4.627  -15.174 -0.155  1.00 64.11 ? 132 HOH A O     1 
HETATM 1071 O  O     . HOH I 3 .  ? -1.009  -4.741  -0.933  0.79 49.88 ? 135 HOH A O     1 
HETATM 1072 O  O     . HOH I 3 .  ? -10.939 -3.495  -17.090 0.37 32.11 ? 136 HOH A O     1 
HETATM 1073 O  O     . HOH I 3 .  ? -0.419  -5.045  -5.853  0.60 21.74 ? 137 HOH A O     1 
HETATM 1074 O  O     . HOH I 3 .  ? 5.878   -2.392  12.006  0.45 30.59 ? 138 HOH A O     1 
HETATM 1075 O  O     . HOH I 3 .  ? -1.737  -0.647  3.448   0.60 43.74 ? 139 HOH A O     1 
HETATM 1076 O  O     . HOH I 3 .  ? 13.036  -8.133  -10.587 0.97 49.03 ? 141 HOH A O     1 
HETATM 1077 O  O     . HOH I 3 .  ? -17.320 20.345  14.619  0.74 47.60 ? 143 HOH A O     1 
HETATM 1078 O  O     . HOH I 3 .  ? 10.429  -14.411 -16.175 0.71 31.14 ? 144 HOH A O     1 
HETATM 1079 O  O     . HOH I 3 .  ? 2.564   15.223  -4.548  0.66 25.80 ? 146 HOH A O     1 
HETATM 1080 O  O     . HOH I 3 .  ? -12.737 20.320  -2.810  0.43 46.02 ? 147 HOH A O     1 
HETATM 1081 O  O     . HOH I 3 .  ? 1.828   -2.745  13.051  1.00 53.11 ? 149 HOH A O     1 
HETATM 1082 O  O     . HOH I 3 .  ? -3.002  -5.711  -4.239  1.00 39.38 ? 156 HOH A O     1 
HETATM 1083 O  O     . HOH I 3 .  ? 13.069  -9.229  -15.315 0.92 42.15 ? 162 HOH A O     1 
HETATM 1084 O  O     . HOH I 3 .  ? 10.639  5.728   3.762   0.52 44.83 ? 163 HOH A O     1 
HETATM 1085 O  O     . HOH I 3 .  ? 15.998  -12.142 -13.973 0.50 39.71 ? 164 HOH A O     1 
HETATM 1086 O  O     . HOH I 3 .  ? 18.553  -16.148 -13.526 0.58 44.89 ? 165 HOH A O     1 
HETATM 1087 O  O     . HOH I 3 .  ? 5.373   -6.908  -6.678  1.00 61.49 ? 168 HOH A O     1 
HETATM 1088 O  O     . HOH I 3 .  ? -7.985  26.975  13.621  0.83 28.91 ? 169 HOH A O     1 
HETATM 1089 O  O     . HOH I 3 .  ? 9.531   5.247   9.338   0.89 42.36 ? 171 HOH A O     1 
HETATM 1090 O  O     . HOH I 3 .  ? -16.844 27.054  12.426  0.44 31.73 ? 172 HOH A O     1 
HETATM 1091 O  O     . HOH I 3 .  ? 10.687  16.361  6.597   0.82 48.52 ? 175 HOH A O     1 
HETATM 1092 O  O     . HOH I 3 .  ? 7.465   12.417  0.062   0.68 34.63 ? 182 HOH A O     1 
HETATM 1093 O  O     . HOH I 3 .  ? -12.331 -2.707  -8.319  0.75 24.70 ? 183 HOH A O     1 
HETATM 1094 O  O     . HOH I 3 .  ? 12.164  -14.783 -5.566  0.61 32.33 ? 185 HOH A O     1 
HETATM 1095 O  O     . HOH I 3 .  ? -7.423  12.487  -3.449  0.89 36.22 ? 186 HOH A O     1 
HETATM 1096 O  O     . HOH I 3 .  ? 13.039  -20.711 1.879   0.60 36.48 ? 189 HOH A O     1 
HETATM 1097 O  O     . HOH I 3 .  ? 6.687   9.231   9.457   0.50 39.00 ? 191 HOH A O     1 
HETATM 1098 O  O     . HOH I 3 .  ? -13.943 11.257  9.067   0.79 30.89 ? 192 HOH A O     1 
HETATM 1099 O  O     . HOH I 3 .  ? -6.455  20.397  4.908   0.56 42.05 ? 193 HOH A O     1 
HETATM 1100 O  O     . HOH I 3 .  ? -7.434  24.056  10.772  0.70 41.78 ? 194 HOH A O     1 
HETATM 1101 O  O     . HOH I 3 .  ? -12.634 13.493  9.882   0.81 38.38 ? 195 HOH A O     1 
HETATM 1102 O  O     . HOH I 3 .  ? 11.279  6.812   9.714   0.31 45.07 ? 196 HOH A O     1 
HETATM 1103 O  O     . HOH I 3 .  ? -0.752  -14.384 -12.624 0.82 23.82 ? 197 HOH A O     1 
HETATM 1104 O  O     . HOH I 3 .  ? 1.859   -6.638  -7.170  0.86 32.40 ? 198 HOH A O     1 
HETATM 1105 O  O     . HOH I 3 .  ? 7.177   -25.286 -8.324  0.65 42.38 ? 200 HOH A O     1 
HETATM 1106 O  O     . HOH I 3 .  ? -5.796  16.361  -5.647  0.65 39.53 ? 201 HOH A O     1 
HETATM 1107 O  O     . HOH I 3 .  ? -2.951  -2.619  1.247   0.73 38.38 ? 202 HOH A O     1 
HETATM 1108 O  O     . HOH I 3 .  ? -12.834 -3.086  -15.097 0.42 44.80 ? 203 HOH A O     1 
HETATM 1109 O  O     . HOH I 3 .  ? 7.218   14.977  4.993   0.54 41.74 ? 204 HOH A O     1 
HETATM 1110 O  O     . HOH I 3 .  ? -1.279  18.417  -5.698  0.60 31.80 ? 205 HOH A O     1 
HETATM 1111 O  O     . HOH I 3 .  ? 10.997  11.656  5.796   0.47 47.37 ? 207 HOH A O     1 
HETATM 1112 O  O     . HOH I 3 .  ? 18.761  -11.780 -7.563  0.75 46.19 ? 211 HOH A O     1 
HETATM 1113 O  O     . HOH I 3 .  ? 7.897   13.780  2.340   0.86 49.76 ? 212 HOH A O     1 
HETATM 1114 O  O     . HOH I 3 .  ? -8.631  -12.668 2.721   0.84 53.19 ? 213 HOH A O     1 
HETATM 1115 O  O     . HOH I 3 .  ? 9.414   -0.292  8.712   0.39 49.19 ? 214 HOH A O     1 
HETATM 1116 O  O     . HOH I 3 .  ? -3.043  19.850  3.856   0.59 48.43 ? 216 HOH A O     1 
HETATM 1117 O  O     . HOH I 3 .  ? -3.742  19.742  6.135   0.66 35.45 ? 218 HOH A O     1 
HETATM 1118 O  O     . HOH I 3 .  ? -9.985  -8.179  2.754   0.46 40.86 ? 219 HOH A O     1 
HETATM 1119 O  O     . HOH I 3 .  ? -10.032 22.271  7.068   0.65 29.92 ? 220 HOH A O     1 
HETATM 1120 O  O     A HOH I 3 .  ? -2.112  2.265   4.089   0.47 38.65 ? 223 HOH A O     1 
HETATM 1121 O  O     B HOH I 3 .  ? -3.333  3.817   5.023   0.50 53.39 ? 223 HOH A O     1 
HETATM 1122 O  O     . HOH I 3 .  ? 14.069  -16.606 0.509   0.69 43.16 ? 225 HOH A O     1 
HETATM 1123 O  O     . HOH I 3 .  ? -5.496  -3.272  7.157   0.82 41.36 ? 227 HOH A O     1 
HETATM 1124 O  O     . HOH I 3 .  ? -1.476  12.076  5.909   0.67 41.96 ? 228 HOH A O     1 
HETATM 1125 O  O     . HOH I 3 .  ? -10.641 -1.376  -14.175 0.62 46.77 ? 229 HOH A O     1 
HETATM 1126 O  O     . HOH I 3 .  ? 10.158  -3.801  -12.239 0.66 49.66 ? 231 HOH A O     1 
HETATM 1127 O  O     . HOH I 3 .  ? -5.703  -4.114  -1.651  0.55 37.11 ? 232 HOH A O     1 
HETATM 1128 O  O     . HOH I 3 .  ? -1.047  -1.646  -9.250  0.40 41.03 ? 233 HOH A O     1 
HETATM 1129 O  O     . HOH I 3 .  ? -6.261  -8.978  -11.149 0.97 41.49 ? 234 HOH A O     1 
HETATM 1130 O  O     . HOH I 3 .  ? -7.412  -2.543  4.797   0.63 45.65 ? 237 HOH A O     1 
HETATM 1131 O  O     . HOH I 3 .  ? -3.753  -6.566  13.033  0.79 39.29 ? 239 HOH A O     1 
HETATM 1132 O  O     . HOH I 3 .  ? 5.853   -14.026 -20.999 0.77 57.58 ? 240 HOH A O     1 
HETATM 1133 O  O     . HOH I 3 .  ? -0.287  -8.336  -6.468  0.91 39.33 ? 241 HOH A O     1 
HETATM 1134 O  O     . HOH I 3 .  ? -6.181  -1.502  -13.310 0.72 52.93 ? 242 HOH A O     1 
HETATM 1135 O  O     . HOH I 3 .  ? -10.472 27.116  21.815  0.48 33.29 ? 243 HOH A O     1 
HETATM 1136 O  O     . HOH I 3 .  ? -17.185 20.468  11.674  0.58 46.22 ? 244 HOH A O     1 
HETATM 1137 O  O     . HOH I 3 .  ? 1.940   -11.833 5.867   0.68 42.83 ? 245 HOH A O     1 
HETATM 1138 O  O     . HOH I 3 .  ? 3.600   -8.501  7.661   0.89 42.22 ? 246 HOH A O     1 
HETATM 1139 O  O     . HOH I 3 .  ? -11.575 23.587  -1.024  0.49 45.64 ? 247 HOH A O     1 
HETATM 1140 O  O     . HOH I 3 .  ? -9.205  24.238  12.731  0.92 51.67 ? 248 HOH A O     1 
HETATM 1141 O  O     . HOH I 3 .  ? 7.615   -16.684 -19.621 0.58 42.71 ? 249 HOH A O     1 
HETATM 1142 O  O     . HOH I 3 .  ? 20.785  -20.206 -5.747  0.45 43.39 ? 250 HOH A O     1 
HETATM 1143 O  O     . HOH I 3 .  ? 7.690   6.405   11.178  0.81 45.46 ? 253 HOH A O     1 
HETATM 1144 O  O     . HOH I 3 .  ? -0.769  -7.423  -3.083  0.83 32.83 ? 256 HOH A O     1 
HETATM 1145 O  O     . HOH I 3 .  ? -4.326  -14.676 6.715   0.29 41.42 ? 257 HOH A O     1 
HETATM 1146 O  O     . HOH I 3 .  ? -12.661 24.436  8.864   0.60 49.71 ? 260 HOH A O     1 
HETATM 1147 O  O     . HOH I 3 .  ? 14.046  -9.211  -6.046  0.50 39.86 ? 261 HOH A O     1 
HETATM 1148 O  O     . HOH I 3 .  ? -7.452  -3.518  10.271  0.39 52.02 ? 264 HOH A O     1 
HETATM 1149 O  O     . HOH I 3 .  ? -6.047  22.465  7.886   0.55 40.91 ? 266 HOH A O     1 
HETATM 1150 O  O     . HOH I 3 .  ? -14.202 23.941  -3.652  0.83 41.82 ? 267 HOH A O     1 
HETATM 1151 O  O     . HOH I 3 .  ? 13.247  -4.180  -10.315 0.68 49.67 ? 268 HOH A O     1 
HETATM 1152 O  O     . HOH I 3 .  ? 4.396   -13.428 -17.222 0.74 39.21 ? 269 HOH A O     1 
HETATM 1153 O  O     . HOH I 3 .  ? -2.564  -18.310 8.009   0.53 39.40 ? 270 HOH A O     1 
HETATM 1154 O  O     . HOH I 3 .  ? 1.036   10.792  7.517   0.43 43.44 ? 271 HOH A O     1 
HETATM 1155 O  O     . HOH I 3 .  ? -12.595 25.508  4.186   0.83 59.09 ? 272 HOH A O     1 
HETATM 1156 O  O     . HOH I 3 .  ? -19.092 26.680  13.034  0.62 51.54 ? 273 HOH A O     1 
HETATM 1157 O  O     . HOH I 3 .  ? 3.312   17.101  2.205   0.62 37.90 ? 274 HOH A O     1 
HETATM 1158 O  O     . HOH I 3 .  ? -18.770 25.662  8.651   0.53 44.81 ? 277 HOH A O     1 
HETATM 1159 O  O     . HOH I 3 .  ? -5.717  22.118  2.903   0.50 42.94 ? 278 HOH A O     1 
HETATM 1160 O  O     . HOH I 3 .  ? -20.431 23.103  11.019  0.34 43.79 ? 279 HOH A O     1 
HETATM 1161 O  O     . HOH I 3 .  ? 6.679   6.755   14.001  0.82 58.50 ? 280 HOH A O     1 
HETATM 1162 O  O     . HOH I 3 .  ? -9.381  30.589  19.788  0.58 51.95 ? 281 HOH A O     1 
HETATM 1163 O  O     . HOH I 3 .  ? 10.521  -15.752 -19.953 0.49 56.78 ? 283 HOH A O     1 
HETATM 1164 O  O     . HOH I 3 .  ? 4.061   -25.453 -7.433  0.61 44.97 ? 286 HOH A O     1 
HETATM 1165 O  O     . HOH I 3 .  ? 3.660   -5.267  -17.582 0.34 52.11 ? 287 HOH A O     1 
HETATM 1166 O  O     . HOH I 3 .  ? -9.787  24.667  10.479  0.41 38.60 ? 288 HOH A O     1 
HETATM 1167 O  O     . HOH I 3 .  ? 10.445  -11.575 -4.684  0.60 34.30 ? 289 HOH A O     1 
HETATM 1168 O  O     . HOH I 3 .  ? 10.009  -9.091  -6.115  0.72 39.00 ? 290 HOH A O     1 
HETATM 1169 O  O     . HOH I 3 .  ? -8.228  29.820  14.166  0.86 52.37 ? 293 HOH A O     1 
HETATM 1170 O  O     . HOH I 3 .  ? 5.533   19.776  3.215   0.87 46.49 ? 294 HOH A O     1 
HETATM 1171 O  O     . HOH I 3 .  ? 16.097  -25.549 -3.599  0.74 26.64 ? 295 HOH A O     1 
HETATM 1172 O  O     . HOH I 3 .  ? -11.065 17.562  -4.368  0.67 30.09 ? 297 HOH A O     1 
HETATM 1173 O  O     . HOH I 3 .  ? 0.711   27.368  16.346  0.80 25.40 ? 298 HOH A O     1 
HETATM 1174 O  O     . HOH I 3 .  ? -2.911  14.640  5.111   0.34 41.30 ? 299 HOH A O     1 
HETATM 1175 O  O     . HOH I 3 .  ? -0.306  5.823   5.590   0.80 26.45 ? 300 HOH A O     1 
HETATM 1176 O  O     . HOH I 3 .  ? -1.092  -6.634  -15.735 0.81 33.68 ? 303 HOH A O     1 
HETATM 1177 O  O     . HOH I 3 .  ? -6.254  -9.994  -7.827  0.65 42.35 ? 304 HOH A O     1 
HETATM 1178 O  O     . HOH I 3 .  ? -4.442  -5.726  1.720   0.70 33.91 ? 306 HOH A O     1 
HETATM 1179 O  O     . HOH I 3 .  ? -10.511 30.031  15.459  0.51 45.08 ? 308 HOH A O     1 
HETATM 1180 O  O     . HOH I 3 .  ? 4.234   -7.559  -10.894 0.77 36.92 ? 311 HOH A O     1 
HETATM 1181 O  O     . HOH I 3 .  ? -15.311 20.509  16.912  0.76 36.26 ? 313 HOH A O     1 
HETATM 1182 O  O     . HOH I 3 .  ? -17.351 29.359  12.485  0.69 35.97 ? 318 HOH A O     1 
HETATM 1183 O  O     . HOH I 3 .  ? 7.307   -8.908  -5.129  0.61 35.46 ? 319 HOH A O     1 
HETATM 1184 O  O     . HOH I 3 .  ? 0.397   3.018   5.239   0.89 51.91 ? 320 HOH A O     1 
HETATM 1185 O  O     . HOH I 3 .  ? -12.760 13.639  5.890   0.64 30.69 ? 322 HOH A O     1 
HETATM 1186 O  O     . HOH I 3 .  ? -9.318  20.619  4.051   0.60 42.77 ? 323 HOH A O     1 
HETATM 1187 O  O     . HOH I 3 .  ? 5.337   12.821  7.203   0.76 44.11 ? 327 HOH A O     1 
HETATM 1188 O  O     . HOH I 3 .  ? 5.296   -9.495  -18.604 0.89 39.20 ? 329 HOH A O     1 
HETATM 1189 O  O     . HOH I 3 .  ? 0.757   -5.707  -9.065  0.72 31.89 ? 331 HOH A O     1 
HETATM 1190 O  O     . HOH I 3 .  ? 11.788  -18.461 -4.471  0.56 25.06 ? 332 HOH A O     1 
HETATM 1191 O  O     . HOH I 3 .  ? 9.328   3.561   5.164   0.56 50.97 ? 338 HOH A O     1 
HETATM 1192 O  O     . HOH I 3 .  ? -17.180 25.926  15.104  0.65 50.34 ? 339 HOH A O     1 
HETATM 1193 O  O     . HOH I 3 .  ? 3.687   10.350  -2.721  0.69 31.58 ? 340 HOH A O     1 
HETATM 1194 O  O     . HOH I 3 .  ? 3.582   8.051   10.194  0.60 45.48 ? 343 HOH A O     1 
HETATM 1195 O  O     . HOH I 3 .  ? -1.176  11.316  -4.643  0.63 35.14 ? 344 HOH A O     1 
HETATM 1196 O  O     . HOH I 3 .  ? 7.772   5.007   15.449  0.66 50.35 ? 345 HOH A O     1 
HETATM 1197 O  O     . HOH I 3 .  ? 7.278   -9.499  -10.642 0.80 35.99 ? 347 HOH A O     1 
HETATM 1198 O  O     . HOH I 3 .  ? 21.342  -11.088 -5.343  0.55 53.63 ? 348 HOH A O     1 
HETATM 1199 O  O     . HOH I 3 .  ? -8.649  23.909  1.256   0.82 47.34 ? 350 HOH A O     1 
HETATM 1200 O  O     . HOH I 3 .  ? -7.024  -5.803  10.655  0.56 37.43 ? 351 HOH A O     1 
HETATM 1201 O  O     . HOH I 3 .  ? 10.674  -6.729  -14.155 0.61 40.84 ? 352 HOH A O     1 
HETATM 1202 O  O     . HOH I 3 .  ? -11.810 15.065  -3.414  0.96 36.40 ? 359 HOH A O     1 
HETATM 1203 O  O     . HOH I 3 .  ? 7.870   -2.370  4.680   0.93 40.90 ? 360 HOH A O     1 
HETATM 1204 O  O     . HOH I 3 .  ? -13.562 21.753  -4.474  0.78 58.87 ? 363 HOH A O     1 
HETATM 1205 O  O     . HOH I 3 .  ? 9.509   -15.853 -6.902  0.96 44.64 ? 365 HOH A O     1 
HETATM 1206 O  O     . HOH I 3 .  ? 9.820   -16.047 -2.913  0.73 65.57 ? 367 HOH A O     1 
HETATM 1207 O  O     . HOH I 3 .  ? -17.070 24.651  10.475  0.94 69.85 ? 369 HOH A O     1 
HETATM 1208 O  O     . HOH I 3 .  ? 4.099   18.099  5.170   0.90 45.98 ? 370 HOH A O     1 
HETATM 1209 O  O     . HOH I 3 .  ? -3.362  -3.870  4.180   0.53 65.98 ? 374 HOH A O     1 
HETATM 1210 O  O     . HOH I 3 .  ? 17.431  -21.301 -10.490 0.81 56.05 ? 377 HOH A O     1 
HETATM 1211 O  O     . HOH I 3 .  ? 6.371   -10.715 -7.514  0.91 33.03 ? 386 HOH A O     1 
HETATM 1212 O  O     . HOH I 3 .  ? 4.567   -9.275  -5.365  0.98 37.40 ? 387 HOH A O     1 
HETATM 1213 O  O     . HOH I 3 .  ? 4.354   -8.938  -8.490  0.88 31.13 ? 388 HOH A O     1 
HETATM 1214 O  O     . HOH I 3 .  ? -1.166  18.132  4.879   0.68 49.55 ? 389 HOH A O     1 
HETATM 1215 O  O     . HOH J 3 .  ? -10.260 7.853   0.893   0.86 20.02 ? 100 HOH B O     1 
HETATM 1216 O  O     . HOH J 3 .  ? -0.599  -0.797  -1.241  1.00 51.95 ? 101 HOH B O     1 
HETATM 1217 O  O     . HOH J 3 .  ? 9.473   -13.893 5.258   1.00 54.78 ? 108 HOH B O     1 
HETATM 1218 O  O     . HOH J 3 .  ? -2.619  1.035   -0.868  1.00 36.13 ? 109 HOH B O     1 
HETATM 1219 O  O     . HOH J 3 .  ? 1.541   23.821  15.699  1.00 30.23 ? 110 HOH B O     1 
HETATM 1220 O  O     . HOH J 3 .  ? 5.414   -18.153 -6.932  0.79 26.17 ? 111 HOH B O     1 
HETATM 1221 O  O     . HOH J 3 .  ? -9.855  11.663  -1.551  0.98 27.87 ? 112 HOH B O     1 
HETATM 1222 O  O     . HOH J 3 .  ? 3.824   -20.356 -7.000  1.00 51.02 ? 113 HOH B O     1 
HETATM 1223 O  O     . HOH J 3 .  ? 3.124   21.908  16.155  1.00 28.30 ? 114 HOH B O     1 
HETATM 1224 O  O     . HOH J 3 .  ? 8.540   0.931   1.804   0.80 46.11 ? 115 HOH B O     1 
HETATM 1225 O  O     . HOH J 3 .  ? -0.411  0.458   -4.042  0.71 28.97 ? 122 HOH B O     1 
HETATM 1226 O  O     . HOH J 3 .  ? 1.110   9.802   -4.772  0.92 38.45 ? 125 HOH B O     1 
HETATM 1227 O  O     . HOH J 3 .  ? 0.267   8.137   -10.373 0.81 41.47 ? 126 HOH B O     1 
HETATM 1228 O  O     . HOH J 3 .  ? -1.874  14.011  8.114   0.92 30.92 ? 128 HOH B O     1 
HETATM 1229 O  O     . HOH J 3 .  ? -5.408  0.529   -7.769  0.67 46.10 ? 129 HOH B O     1 
HETATM 1230 O  O     . HOH J 3 .  ? -13.930 8.950   6.687   0.98 32.90 ? 130 HOH B O     1 
HETATM 1231 O  O     . HOH J 3 .  ? 14.822  -18.710 -17.713 0.75 53.98 ? 131 HOH B O     1 
HETATM 1232 O  O     . HOH J 3 .  ? 4.283   -9.316  5.053   0.55 24.39 ? 133 HOH B O     1 
HETATM 1233 O  O     . HOH J 3 .  ? -3.964  5.700   13.030  0.75 65.21 ? 134 HOH B O     1 
HETATM 1234 O  O     . HOH J 3 .  ? -11.392 12.290  12.599  0.86 28.39 ? 140 HOH B O     1 
HETATM 1235 O  O     . HOH J 3 .  ? -6.383  -2.403  1.728   0.74 38.33 ? 142 HOH B O     1 
HETATM 1236 O  O     . HOH J 3 .  ? 1.102   -1.820  -4.375  0.70 29.20 ? 145 HOH B O     1 
HETATM 1237 O  O     . HOH J 3 .  ? -8.997  1.799   11.869  0.20 38.90 ? 148 HOH B O     1 
HETATM 1238 O  O     . HOH J 3 .  ? -5.869  25.118  6.954   0.81 37.87 ? 150 HOH B O     1 
HETATM 1239 O  O     . HOH J 3 .  ? 3.922   7.776   -2.944  0.68 27.18 ? 151 HOH B O     1 
HETATM 1240 O  O     A HOH J 3 .  ? 6.593   -23.207 -10.262 0.48 38.97 ? 152 HOH B O     1 
HETATM 1241 O  O     B HOH J 3 .  ? 6.252   -22.910 -12.291 0.52 60.11 ? 152 HOH B O     1 
HETATM 1242 O  O     . HOH J 3 .  ? -1.231  -26.437 -9.453  0.66 46.08 ? 153 HOH B O     1 
HETATM 1243 O  O     . HOH J 3 .  ? 1.903   -5.263  -3.522  0.75 36.80 ? 155 HOH B O     1 
HETATM 1244 O  O     . HOH J 3 .  ? -13.008 10.130  12.731  0.92 37.21 ? 157 HOH B O     1 
HETATM 1245 O  O     . HOH J 3 .  ? 7.566   -26.906 -20.140 0.71 51.43 ? 158 HOH B O     1 
HETATM 1246 O  O     . HOH J 3 .  ? -13.884 -4.845  -1.612  0.67 56.42 ? 159 HOH B O     1 
HETATM 1247 O  O     . HOH J 3 .  ? 7.281   -25.707 -11.083 0.50 32.39 ? 160 HOH B O     1 
HETATM 1248 O  O     . HOH J 3 .  ? -6.757  6.520   16.419  0.89 23.91 ? 167 HOH B O     1 
HETATM 1249 O  O     . HOH J 3 .  ? 15.641  -18.746 -13.860 0.92 42.23 ? 170 HOH B O     1 
HETATM 1250 O  O     . HOH J 3 .  ? 8.437   -20.614 1.213   0.82 56.61 ? 173 HOH B O     1 
HETATM 1251 O  O     . HOH J 3 .  ? 8.797   -27.378 -13.405 0.94 56.19 ? 174 HOH B O     1 
HETATM 1252 O  O     . HOH J 3 .  ? -3.696  1.688   -3.997  0.84 33.69 ? 176 HOH B O     1 
HETATM 1253 O  O     . HOH J 3 .  ? -9.391  7.446   -5.320  0.88 25.48 ? 177 HOH B O     1 
HETATM 1254 O  O     . HOH J 3 .  ? -6.208  6.419   9.650   0.98 28.33 ? 178 HOH B O     1 
HETATM 1255 O  O     . HOH J 3 .  ? 8.392   -20.118 -3.626  0.93 42.15 ? 179 HOH B O     1 
HETATM 1256 O  O     . HOH J 3 .  ? 3.412   6.544   -9.817  1.00 37.70 ? 180 HOH B O     1 
HETATM 1257 O  O     . HOH J 3 .  ? -10.766 3.540   -6.408  0.92 31.13 ? 181 HOH B O     1 
HETATM 1258 O  O     . HOH J 3 .  ? -3.279  8.883   17.517  0.89 34.30 ? 184 HOH B O     1 
HETATM 1259 O  O     . HOH J 3 .  ? 13.699  -11.866 1.363   0.63 31.21 ? 187 HOH B O     1 
HETATM 1260 O  O     . HOH J 3 .  ? 6.877   -18.241 -2.983  0.65 37.85 ? 188 HOH B O     1 
HETATM 1261 O  O     . HOH J 3 .  ? -13.695 1.411   10.614  0.66 44.05 ? 190 HOH B O     1 
HETATM 1262 O  O     . HOH J 3 .  ? -14.808 5.260   6.368   0.75 33.55 ? 199 HOH B O     1 
HETATM 1263 O  O     . HOH J 3 .  ? 13.307  -6.521  2.658   0.70 48.71 ? 206 HOH B O     1 
HETATM 1264 O  O     . HOH J 3 .  ? 2.877   28.117  10.662  0.68 31.48 ? 208 HOH B O     1 
HETATM 1265 O  O     . HOH J 3 .  ? 19.315  -23.276 -9.701  0.73 46.05 ? 209 HOH B O     1 
HETATM 1266 O  O     . HOH J 3 .  ? 5.159   -21.972 -8.335  0.74 37.36 ? 210 HOH B O     1 
HETATM 1267 O  O     . HOH J 3 .  ? 11.428  -27.105 -14.425 0.89 42.91 ? 215 HOH B O     1 
HETATM 1268 O  O     . HOH J 3 .  ? 6.263   15.157  14.365  0.49 49.74 ? 217 HOH B O     1 
HETATM 1269 O  O     . HOH J 3 .  ? -8.310  0.577   7.632   0.41 45.69 ? 221 HOH B O     1 
HETATM 1270 O  O     . HOH J 3 .  ? 2.849   13.044  10.704  0.40 44.03 ? 222 HOH B O     1 
HETATM 1271 O  O     . HOH J 3 .  ? 11.773  -16.471 -16.321 0.68 38.98 ? 224 HOH B O     1 
HETATM 1272 O  O     . HOH J 3 .  ? 6.575   -6.210  6.117   0.69 48.99 ? 226 HOH B O     1 
HETATM 1273 O  O     . HOH J 3 .  ? 4.862   7.557   -6.003  0.69 27.33 ? 230 HOH B O     1 
HETATM 1274 O  O     . HOH J 3 .  ? -0.021  21.958  6.620   0.58 29.18 ? 235 HOH B O     1 
HETATM 1275 O  O     . HOH J 3 .  ? -4.440  6.104   17.176  0.48 38.01 ? 236 HOH B O     1 
HETATM 1276 O  O     . HOH J 3 .  ? 11.528  1.793   0.157   0.51 43.62 ? 238 HOH B O     1 
HETATM 1277 O  O     . HOH J 3 .  ? 14.738  -7.812  0.393   0.61 42.30 ? 251 HOH B O     1 
HETATM 1278 O  O     . HOH J 3 .  ? 11.444  1.612   -3.057  0.44 49.19 ? 252 HOH B O     1 
HETATM 1279 O  O     . HOH J 3 .  ? 0.672   9.014   16.116  0.64 43.09 ? 254 HOH B O     1 
HETATM 1280 O  O     . HOH J 3 .  ? 13.217  -28.934 -18.244 0.55 44.63 ? 255 HOH B O     1 
HETATM 1281 O  O     . HOH J 3 .  ? 5.338   -5.015  -3.786  0.78 44.48 ? 258 HOH B O     1 
HETATM 1282 O  O     . HOH J 3 .  ? 9.440   -5.985  -7.750  0.83 49.00 ? 259 HOH B O     1 
HETATM 1283 O  O     . HOH J 3 .  ? 16.160  -11.189 -0.957  0.67 38.42 ? 262 HOH B O     1 
HETATM 1284 O  O     . HOH J 3 .  ? 4.795   -17.906 -17.657 0.94 41.42 ? 263 HOH B O     1 
HETATM 1285 O  O     . HOH J 3 .  ? -5.329  2.071   8.765   0.57 35.08 ? 265 HOH B O     1 
HETATM 1286 O  O     . HOH J 3 .  ? -1.510  -16.991 5.232   0.58 39.23 ? 275 HOH B O     1 
HETATM 1287 O  O     . HOH J 3 .  ? 24.608  -22.788 -8.932  0.68 52.93 ? 276 HOH B O     1 
HETATM 1288 O  O     . HOH J 3 .  ? 4.308   11.530  9.722   0.65 44.22 ? 282 HOH B O     1 
HETATM 1289 O  O     . HOH J 3 .  ? 22.580  -23.600 -10.117 0.57 48.60 ? 284 HOH B O     1 
HETATM 1290 O  O     . HOH J 3 .  ? -10.951 1.708   13.330  0.69 45.60 ? 292 HOH B O     1 
HETATM 1291 O  O     . HOH J 3 .  ? -5.428  2.431   -1.322  0.91 25.70 ? 296 HOH B O     1 
HETATM 1292 O  O     . HOH J 3 .  ? 3.428   15.886  7.609   0.67 32.80 ? 301 HOH B O     1 
HETATM 1293 O  O     . HOH J 3 .  ? -3.929  9.365   11.139  0.55 19.41 ? 302 HOH B O     1 
HETATM 1294 O  O     . HOH J 3 .  ? -4.528  -22.019 -6.314  0.54 25.47 ? 305 HOH B O     1 
HETATM 1295 O  O     . HOH J 3 .  ? -11.933 3.868   1.062   0.76 33.62 ? 307 HOH B O     1 
HETATM 1296 O  O     . HOH J 3 .  ? 2.370   20.377  8.537   0.85 36.11 ? 309 HOH B O     1 
HETATM 1297 O  O     . HOH J 3 .  ? -2.056  9.056   -6.692  0.58 35.81 ? 310 HOH B O     1 
HETATM 1298 O  O     . HOH J 3 .  ? 2.638   19.505  17.706  0.90 33.65 ? 312 HOH B O     1 
HETATM 1299 O  O     . HOH J 3 .  ? 2.727   -23.230 -9.452  0.94 46.43 ? 314 HOH B O     1 
HETATM 1300 O  O     . HOH J 3 .  ? -1.313  -24.743 -0.833  0.73 47.12 ? 315 HOH B O     1 
HETATM 1301 O  O     . HOH J 3 .  ? 4.485   -18.625 -4.179  0.66 25.89 ? 316 HOH B O     1 
HETATM 1302 O  O     . HOH J 3 .  ? 6.070   -11.093 -3.341  0.88 37.13 ? 317 HOH B O     1 
HETATM 1303 O  O     . HOH J 3 .  ? 8.095   -6.884  -3.215  0.60 32.16 ? 321 HOH B O     1 
HETATM 1304 O  O     . HOH J 3 .  ? -6.991  3.785   7.208   0.63 37.35 ? 324 HOH B O     1 
HETATM 1305 O  O     . HOH J 3 .  ? -2.421  -1.054  -6.548  0.44 35.40 ? 325 HOH B O     1 
HETATM 1306 O  O     . HOH J 3 .  ? 14.810  -18.560 -21.241 0.60 54.23 ? 326 HOH B O     1 
HETATM 1307 O  O     . HOH J 3 .  ? -1.105  -19.965 8.625   0.57 54.84 ? 328 HOH B O     1 
HETATM 1308 O  O     . HOH J 3 .  ? 0.525   15.492  6.125   0.60 39.31 ? 330 HOH B O     1 
HETATM 1309 O  O     . HOH J 3 .  ? -10.692 8.825   -1.722  0.50 30.85 ? 333 HOH B O     1 
HETATM 1310 O  O     . HOH J 3 .  ? -1.286  6.279   10.970  0.64 44.54 ? 334 HOH B O     1 
HETATM 1311 O  O     . HOH J 3 .  ? 7.451   -19.526 4.820   0.74 50.04 ? 335 HOH B O     1 
HETATM 1312 O  O     . HOH J 3 .  ? 9.340   14.479  11.346  0.93 47.81 ? 336 HOH B O     1 
HETATM 1313 O  O     . HOH J 3 .  ? -1.675  3.022   -11.604 0.74 36.61 ? 337 HOH B O     1 
HETATM 1314 O  O     . HOH J 3 .  ? 14.758  -4.363  0.013   0.76 50.63 ? 341 HOH B O     1 
HETATM 1315 O  O     . HOH J 3 .  ? 1.991   17.097  9.440   0.65 25.23 ? 342 HOH B O     1 
HETATM 1316 O  O     . HOH J 3 .  ? 15.054  -33.050 -14.693 0.60 58.09 ? 349 HOH B O     1 
HETATM 1317 O  O     . HOH J 3 .  ? -5.363  2.579   4.052   0.85 31.37 ? 353 HOH B O     1 
HETATM 1318 O  O     . HOH J 3 .  ? -4.601  4.325   1.874   1.00 32.39 ? 354 HOH B O     1 
HETATM 1319 O  O     . HOH J 3 .  ? -6.530  5.469   3.835   0.93 26.56 ? 355 HOH B O     1 
HETATM 1320 O  O     . HOH J 3 .  ? -1.191  1.152   -6.762  0.74 35.79 ? 357 HOH B O     1 
HETATM 1321 O  O     . HOH J 3 .  ? -2.643  -16.933 -2.064  0.69 31.04 ? 361 HOH B O     1 
HETATM 1322 O  O     . HOH J 3 .  ? 7.074   -13.822 -3.150  0.92 41.92 ? 362 HOH B O     1 
HETATM 1323 O  O     . HOH J 3 .  ? 0.514   24.657  0.848   0.78 53.63 ? 364 HOH B O     1 
HETATM 1324 O  O     . HOH J 3 .  ? 12.304  -14.680 1.690   0.91 61.59 ? 366 HOH B O     1 
HETATM 1325 O  O     . HOH J 3 .  ? 13.001  -2.232  -4.248  1.00 56.65 ? 368 HOH B O     1 
HETATM 1326 O  O     . HOH J 3 .  ? -2.041  23.108  4.796   0.64 49.66 ? 371 HOH B O     1 
HETATM 1327 O  O     . HOH J 3 .  ? -1.459  -15.785 8.039   0.89 62.35 ? 372 HOH B O     1 
HETATM 1328 O  O     . HOH J 3 .  ? 6.011   -16.388 -5.496  0.67 47.74 ? 373 HOH B O     1 
HETATM 1329 O  O     . HOH J 3 .  ? -1.103  11.901  9.084   0.92 67.62 ? 375 HOH B O     1 
HETATM 1330 O  O     . HOH J 3 .  ? -0.362  16.664  8.936   0.56 23.50 ? 376 HOH B O     1 
HETATM 1331 O  O     . HOH J 3 .  ? -6.243  2.152   1.202   1.00 49.04 ? 378 HOH B O     1 
HETATM 1332 O  O     . HOH J 3 .  ? -3.547  10.473  7.003   1.00 47.43 ? 380 HOH B O     1 
HETATM 1333 O  O     . HOH J 3 .  ? -5.233  7.731   7.554   1.00 39.86 ? 381 HOH B O     1 
HETATM 1334 O  O     . HOH J 3 .  ? -2.577  16.807  7.295   1.00 53.41 ? 384 HOH B O     1 
HETATM 1335 O  O     . HOH J 3 .  ? 1.414   18.043  6.921   1.00 50.07 ? 385 HOH B O     1 
HETATM 1336 O  O     . HOH J 3 .  ? -1.389  19.466  7.467   0.95 52.69 ? 390 HOH B O     1 
HETATM 1337 O  O     A HOH J 3 .  ? -3.935  6.693   4.710   0.50 38.12 ? 391 HOH B O     1 
HETATM 1338 O  O     B HOH J 3 .  ? -2.991  8.080   5.166   0.50 51.84 ? 391 HOH B O     1 
HETATM 1339 O  O     . HOH J 3 .  ? -2.206  7.861   9.147   0.48 37.38 ? 392 HOH B O     1 
HETATM 1340 O  O     . HOH J 3 .  ? -0.737  8.921   7.347   0.58 37.29 ? 393 HOH B O     1 
# 
